data_2BPV
# 
_entry.id   2BPV 
# 
_audit_conform.dict_name       mmcif_pdbx.dic 
_audit_conform.dict_version    5.387 
_audit_conform.dict_location   http://mmcif.pdb.org/dictionaries/ascii/mmcif_pdbx.dic 
# 
loop_
_database_2.database_id 
_database_2.database_code 
_database_2.pdbx_database_accession 
_database_2.pdbx_DOI 
PDB   2BPV         pdb_00002bpv 10.2210/pdb2bpv/pdb 
WWPDB D_1000177855 ?            ?                   
# 
loop_
_pdbx_audit_revision_history.ordinal 
_pdbx_audit_revision_history.data_content_type 
_pdbx_audit_revision_history.major_revision 
_pdbx_audit_revision_history.minor_revision 
_pdbx_audit_revision_history.revision_date 
1 'Structure model' 1 0 1999-02-23 
2 'Structure model' 1 1 2008-03-24 
3 'Structure model' 1 2 2011-07-13 
4 'Structure model' 1 3 2012-05-09 
5 'Structure model' 1 4 2024-02-14 
# 
_pdbx_audit_revision_details.ordinal             1 
_pdbx_audit_revision_details.revision_ordinal    1 
_pdbx_audit_revision_details.data_content_type   'Structure model' 
_pdbx_audit_revision_details.provider            repository 
_pdbx_audit_revision_details.type                'Initial release' 
_pdbx_audit_revision_details.description         ? 
_pdbx_audit_revision_details.details             ? 
# 
loop_
_pdbx_audit_revision_group.ordinal 
_pdbx_audit_revision_group.revision_ordinal 
_pdbx_audit_revision_group.data_content_type 
_pdbx_audit_revision_group.group 
1 2 'Structure model' 'Version format compliance' 
2 3 'Structure model' 'Version format compliance' 
3 4 'Structure model' 'Structure summary'         
4 5 'Structure model' 'Data collection'           
5 5 'Structure model' 'Database references'       
6 5 'Structure model' 'Derived calculations'      
7 5 'Structure model' Other                       
8 5 'Structure model' 'Structure summary'         
# 
loop_
_pdbx_audit_revision_category.ordinal 
_pdbx_audit_revision_category.revision_ordinal 
_pdbx_audit_revision_category.data_content_type 
_pdbx_audit_revision_category.category 
1 5 'Structure model' chem_comp            
2 5 'Structure model' chem_comp_atom       
3 5 'Structure model' chem_comp_bond       
4 5 'Structure model' database_2           
5 5 'Structure model' entity               
6 5 'Structure model' pdbx_database_status 
7 5 'Structure model' pdbx_entity_nonpoly  
8 5 'Structure model' struct_site          
# 
loop_
_pdbx_audit_revision_item.ordinal 
_pdbx_audit_revision_item.revision_ordinal 
_pdbx_audit_revision_item.data_content_type 
_pdbx_audit_revision_item.item 
1 5 'Structure model' '_chem_comp.name'                     
2 5 'Structure model' '_database_2.pdbx_DOI'                
3 5 'Structure model' '_database_2.pdbx_database_accession' 
4 5 'Structure model' '_entity.pdbx_description'            
5 5 'Structure model' '_pdbx_database_status.process_site'  
6 5 'Structure model' '_pdbx_entity_nonpoly.name'           
7 5 'Structure model' '_struct_site.pdbx_auth_asym_id'      
8 5 'Structure model' '_struct_site.pdbx_auth_comp_id'      
9 5 'Structure model' '_struct_site.pdbx_auth_seq_id'       
# 
_pdbx_database_status.status_code                     REL 
_pdbx_database_status.entry_id                        2BPV 
_pdbx_database_status.recvd_initial_deposition_date   1998-01-22 
_pdbx_database_status.deposit_site                    ? 
_pdbx_database_status.process_site                    BNL 
_pdbx_database_status.SG_entry                        . 
_pdbx_database_status.status_code_sf                  ? 
_pdbx_database_status.status_code_mr                  ? 
_pdbx_database_status.status_code_cs                  ? 
_pdbx_database_status.methods_development_category    ? 
_pdbx_database_status.pdb_format_compatible           Y 
_pdbx_database_status.status_code_nmr_data            ? 
# 
loop_
_audit_author.name 
_audit_author.pdbx_ordinal 
'Munshi, S.' 1 
'Chen, Z.'   2 
# 
loop_
_citation.id 
_citation.title 
_citation.journal_abbrev 
_citation.journal_volume 
_citation.page_first 
_citation.page_last 
_citation.year 
_citation.journal_id_ASTM 
_citation.country 
_citation.journal_id_ISSN 
_citation.journal_id_CSD 
_citation.book_publisher 
_citation.pdbx_database_id_PubMed 
_citation.pdbx_database_id_DOI 
primary 
'Rapid X-ray diffraction analysis of HIV-1 protease-inhibitor complexes: inhibitor exchange in single crystals of the bound enzyme.' 
'Acta Crystallogr.,Sect.D' 54  1053  1060 1998 ABCRE6 DK 0907-4449 0766 ? 9757136 10.1107/S0907444998003588 
1       
;Crystal Structure at 1.9-A Resolution of Human Immunodeficiency Virus (HIV) II Protease Complexed with L-735,524, an Orally Bioavailable Inhibitor of the HIV Proteases
;
J.Biol.Chem.               269 26344 ?    1994 JBCHA3 US 0021-9258 0071 ? ?       ?                         
# 
loop_
_citation_author.citation_id 
_citation_author.name 
_citation_author.ordinal 
_citation_author.identifier_ORCID 
primary 'Munshi, S.'    1  ? 
primary 'Chen, Z.'      2  ? 
primary 'Li, Y.'        3  ? 
primary 'Olsen, D.B.'   4  ? 
primary 'Fraley, M.E.'  5  ? 
primary 'Hungate, R.W.' 6  ? 
primary 'Kuo, L.C.'     7  ? 
1       'Chen, Z.'      8  ? 
1       'Li, Y.'        9  ? 
1       'Chen, E.'      10 ? 
1       'Hall, D.L.'    11 ? 
1       'Darke, P.L.'   12 ? 
1       'Culberson, C.' 13 ? 
1       'Shafer, J.A.'  14 ? 
1       'Kuo, L.C.'     15 ? 
# 
loop_
_entity.id 
_entity.type 
_entity.src_method 
_entity.pdbx_description 
_entity.formula_weight 
_entity.pdbx_number_of_molecules 
_entity.pdbx_ec 
_entity.pdbx_mutation 
_entity.pdbx_fragment 
_entity.details 
1 polymer     man 'HIV-1 PROTEASE' 10803.756 2   3.4.23.16 ? ? 'COMPLEXED WITH L-738,317' 
2 non-polymer syn 
;1-[2-HYDROXY-4-(2-HYDROXY-5-METHYL-CYCLOPENTYLCARBAMOYL)5-PHENYL-PENTYL]-4-(3-PYRIDIN-3-YL-PROPIONYL)-PIPERAZINE-2-CARB OXYLIC ACID TERT-BUTYLAMIDE
;
621.810   1   ?         ? ? ?                          
3 water       nat water 18.015    123 ?         ? ? ?                          
# 
_entity_poly.entity_id                      1 
_entity_poly.type                           'polypeptide(L)' 
_entity_poly.nstd_linkage                   no 
_entity_poly.nstd_monomer                   no 
_entity_poly.pdbx_seq_one_letter_code       
;PQITLWQRPLVTIKIGGQLKEALLDTGADDTVLEEMSLPGRWKPKMIGGIGGFIKVRQYDQILIEICGHKAIGTVLVGPT
PVNIIGRNLLTQIGCTLNF
;
_entity_poly.pdbx_seq_one_letter_code_can   
;PQITLWQRPLVTIKIGGQLKEALLDTGADDTVLEEMSLPGRWKPKMIGGIGGFIKVRQYDQILIEICGHKAIGTVLVGPT
PVNIIGRNLLTQIGCTLNF
;
_entity_poly.pdbx_strand_id                 A,B 
_entity_poly.pdbx_target_identifier         ? 
# 
loop_
_pdbx_entity_nonpoly.entity_id 
_pdbx_entity_nonpoly.name 
_pdbx_entity_nonpoly.comp_id 
2 
;1-[2-HYDROXY-4-(2-HYDROXY-5-METHYL-CYCLOPENTYLCARBAMOYL)5-PHENYL-PENTYL]-4-(3-PYRIDIN-3-YL-PROPIONYL)-PIPERAZINE-2-CARB OXYLIC ACID TERT-BUTYLAMIDE
;
1IN 
3 water HOH 
# 
loop_
_entity_poly_seq.entity_id 
_entity_poly_seq.num 
_entity_poly_seq.mon_id 
_entity_poly_seq.hetero 
1 1  PRO n 
1 2  GLN n 
1 3  ILE n 
1 4  THR n 
1 5  LEU n 
1 6  TRP n 
1 7  GLN n 
1 8  ARG n 
1 9  PRO n 
1 10 LEU n 
1 11 VAL n 
1 12 THR n 
1 13 ILE n 
1 14 LYS n 
1 15 ILE n 
1 16 GLY n 
1 17 GLY n 
1 18 GLN n 
1 19 LEU n 
1 20 LYS n 
1 21 GLU n 
1 22 ALA n 
1 23 LEU n 
1 24 LEU n 
1 25 ASP n 
1 26 THR n 
1 27 GLY n 
1 28 ALA n 
1 29 ASP n 
1 30 ASP n 
1 31 THR n 
1 32 VAL n 
1 33 LEU n 
1 34 GLU n 
1 35 GLU n 
1 36 MET n 
1 37 SER n 
1 38 LEU n 
1 39 PRO n 
1 40 GLY n 
1 41 ARG n 
1 42 TRP n 
1 43 LYS n 
1 44 PRO n 
1 45 LYS n 
1 46 MET n 
1 47 ILE n 
1 48 GLY n 
1 49 GLY n 
1 50 ILE n 
1 51 GLY n 
1 52 GLY n 
1 53 PHE n 
1 54 ILE n 
1 55 LYS n 
1 56 VAL n 
1 57 ARG n 
1 58 GLN n 
1 59 TYR n 
1 60 ASP n 
1 61 GLN n 
1 62 ILE n 
1 63 LEU n 
1 64 ILE n 
1 65 GLU n 
1 66 ILE n 
1 67 CYS n 
1 68 GLY n 
1 69 HIS n 
1 70 LYS n 
1 71 ALA n 
1 72 ILE n 
1 73 GLY n 
1 74 THR n 
1 75 VAL n 
1 76 LEU n 
1 77 VAL n 
1 78 GLY n 
1 79 PRO n 
1 80 THR n 
1 81 PRO n 
1 82 VAL n 
1 83 ASN n 
1 84 ILE n 
1 85 ILE n 
1 86 GLY n 
1 87 ARG n 
1 88 ASN n 
1 89 LEU n 
1 90 LEU n 
1 91 THR n 
1 92 GLN n 
1 93 ILE n 
1 94 GLY n 
1 95 CYS n 
1 96 THR n 
1 97 LEU n 
1 98 ASN n 
1 99 PHE n 
# 
_entity_src_gen.entity_id                          1 
_entity_src_gen.pdbx_src_id                        1 
_entity_src_gen.pdbx_alt_source_flag               sample 
_entity_src_gen.pdbx_seq_type                      ? 
_entity_src_gen.pdbx_beg_seq_num                   ? 
_entity_src_gen.pdbx_end_seq_num                   ? 
_entity_src_gen.gene_src_common_name               ? 
_entity_src_gen.gene_src_genus                     Lentivirus 
_entity_src_gen.pdbx_gene_src_gene                 'HIV-1 PROTEASE FROM THE NY5 ISOLATE' 
_entity_src_gen.gene_src_species                   ? 
_entity_src_gen.gene_src_strain                    ? 
_entity_src_gen.gene_src_tissue                    ? 
_entity_src_gen.gene_src_tissue_fraction           ? 
_entity_src_gen.gene_src_details                   ? 
_entity_src_gen.pdbx_gene_src_fragment             ? 
_entity_src_gen.pdbx_gene_src_scientific_name      'Human immunodeficiency virus 1' 
_entity_src_gen.pdbx_gene_src_ncbi_taxonomy_id     11676 
_entity_src_gen.pdbx_gene_src_variant              ? 
_entity_src_gen.pdbx_gene_src_cell_line            ? 
_entity_src_gen.pdbx_gene_src_atcc                 ? 
_entity_src_gen.pdbx_gene_src_organ                ? 
_entity_src_gen.pdbx_gene_src_organelle            ? 
_entity_src_gen.pdbx_gene_src_cell                 ? 
_entity_src_gen.pdbx_gene_src_cellular_location    ? 
_entity_src_gen.host_org_common_name               ? 
_entity_src_gen.pdbx_host_org_scientific_name      'Escherichia coli' 
_entity_src_gen.pdbx_host_org_ncbi_taxonomy_id     562 
_entity_src_gen.host_org_genus                     Escherichia 
_entity_src_gen.pdbx_host_org_gene                 ? 
_entity_src_gen.pdbx_host_org_organ                ? 
_entity_src_gen.host_org_species                   ? 
_entity_src_gen.pdbx_host_org_tissue               ? 
_entity_src_gen.pdbx_host_org_tissue_fraction      ? 
_entity_src_gen.pdbx_host_org_strain               ? 
_entity_src_gen.pdbx_host_org_variant              ? 
_entity_src_gen.pdbx_host_org_cell_line            ? 
_entity_src_gen.pdbx_host_org_atcc                 ? 
_entity_src_gen.pdbx_host_org_culture_collection   ? 
_entity_src_gen.pdbx_host_org_cell                 ? 
_entity_src_gen.pdbx_host_org_organelle            ? 
_entity_src_gen.pdbx_host_org_cellular_location    ? 
_entity_src_gen.pdbx_host_org_vector_type          ? 
_entity_src_gen.pdbx_host_org_vector               ? 
_entity_src_gen.host_org_details                   ? 
_entity_src_gen.expression_system_id               ? 
_entity_src_gen.plasmid_name                       ? 
_entity_src_gen.plasmid_details                    ? 
_entity_src_gen.pdbx_description                   ? 
# 
loop_
_chem_comp.id 
_chem_comp.type 
_chem_comp.mon_nstd_flag 
_chem_comp.name 
_chem_comp.pdbx_synonyms 
_chem_comp.formula 
_chem_comp.formula_weight 
1IN non-polymer         . 
;1-[2-HYDROXY-4-(2-HYDROXY-5-METHYL-CYCLOPENTYLCARBAMOYL)5-PHENYL-PENTYL]-4-(3-PYRIDIN-3-YL-PROPIONYL)-PIPERAZINE-2-CARB OXYLIC ACID TERT-BUTYLAMIDE
;
L-738,317 'C35 H51 N5 O5'  621.810 
ALA 'L-peptide linking' y ALANINE ?         'C3 H7 N O2'     89.093  
ARG 'L-peptide linking' y ARGININE ?         'C6 H15 N4 O2 1' 175.209 
ASN 'L-peptide linking' y ASPARAGINE ?         'C4 H8 N2 O3'    132.118 
ASP 'L-peptide linking' y 'ASPARTIC ACID' ?         'C4 H7 N O4'     133.103 
CYS 'L-peptide linking' y CYSTEINE ?         'C3 H7 N O2 S'   121.158 
GLN 'L-peptide linking' y GLUTAMINE ?         'C5 H10 N2 O3'   146.144 
GLU 'L-peptide linking' y 'GLUTAMIC ACID' ?         'C5 H9 N O4'     147.129 
GLY 'peptide linking'   y GLYCINE ?         'C2 H5 N O2'     75.067  
HIS 'L-peptide linking' y HISTIDINE ?         'C6 H10 N3 O2 1' 156.162 
HOH non-polymer         . WATER ?         'H2 O'           18.015  
ILE 'L-peptide linking' y ISOLEUCINE ?         'C6 H13 N O2'    131.173 
LEU 'L-peptide linking' y LEUCINE ?         'C6 H13 N O2'    131.173 
LYS 'L-peptide linking' y LYSINE ?         'C6 H15 N2 O2 1' 147.195 
MET 'L-peptide linking' y METHIONINE ?         'C5 H11 N O2 S'  149.211 
PHE 'L-peptide linking' y PHENYLALANINE ?         'C9 H11 N O2'    165.189 
PRO 'L-peptide linking' y PROLINE ?         'C5 H9 N O2'     115.130 
SER 'L-peptide linking' y SERINE ?         'C3 H7 N O3'     105.093 
THR 'L-peptide linking' y THREONINE ?         'C4 H9 N O3'     119.119 
TRP 'L-peptide linking' y TRYPTOPHAN ?         'C11 H12 N2 O2'  204.225 
TYR 'L-peptide linking' y TYROSINE ?         'C9 H11 N O3'    181.189 
VAL 'L-peptide linking' y VALINE ?         'C5 H11 N O2'    117.146 
# 
loop_
_pdbx_poly_seq_scheme.asym_id 
_pdbx_poly_seq_scheme.entity_id 
_pdbx_poly_seq_scheme.seq_id 
_pdbx_poly_seq_scheme.mon_id 
_pdbx_poly_seq_scheme.ndb_seq_num 
_pdbx_poly_seq_scheme.pdb_seq_num 
_pdbx_poly_seq_scheme.auth_seq_num 
_pdbx_poly_seq_scheme.pdb_mon_id 
_pdbx_poly_seq_scheme.auth_mon_id 
_pdbx_poly_seq_scheme.pdb_strand_id 
_pdbx_poly_seq_scheme.pdb_ins_code 
_pdbx_poly_seq_scheme.hetero 
A 1 1  PRO 1  1  1  PRO PRO A . n 
A 1 2  GLN 2  2  2  GLN GLN A . n 
A 1 3  ILE 3  3  3  ILE ILE A . n 
A 1 4  THR 4  4  4  THR THR A . n 
A 1 5  LEU 5  5  5  LEU LEU A . n 
A 1 6  TRP 6  6  6  TRP TRP A . n 
A 1 7  GLN 7  7  7  GLN GLN A . n 
A 1 8  ARG 8  8  8  ARG ARG A . n 
A 1 9  PRO 9  9  9  PRO PRO A . n 
A 1 10 LEU 10 10 10 LEU LEU A . n 
A 1 11 VAL 11 11 11 VAL VAL A . n 
A 1 12 THR 12 12 12 THR THR A . n 
A 1 13 ILE 13 13 13 ILE ILE A . n 
A 1 14 LYS 14 14 14 LYS LYS A . n 
A 1 15 ILE 15 15 15 ILE ILE A . n 
A 1 16 GLY 16 16 16 GLY GLY A . n 
A 1 17 GLY 17 17 17 GLY GLY A . n 
A 1 18 GLN 18 18 18 GLN GLN A . n 
A 1 19 LEU 19 19 19 LEU LEU A . n 
A 1 20 LYS 20 20 20 LYS LYS A . n 
A 1 21 GLU 21 21 21 GLU GLU A . n 
A 1 22 ALA 22 22 22 ALA ALA A . n 
A 1 23 LEU 23 23 23 LEU LEU A . n 
A 1 24 LEU 24 24 24 LEU LEU A . n 
A 1 25 ASP 25 25 25 ASP ASP A . n 
A 1 26 THR 26 26 26 THR THR A . n 
A 1 27 GLY 27 27 27 GLY GLY A . n 
A 1 28 ALA 28 28 28 ALA ALA A . n 
A 1 29 ASP 29 29 29 ASP ASP A . n 
A 1 30 ASP 30 30 30 ASP ASP A . n 
A 1 31 THR 31 31 31 THR THR A . n 
A 1 32 VAL 32 32 32 VAL VAL A . n 
A 1 33 LEU 33 33 33 LEU LEU A . n 
A 1 34 GLU 34 34 34 GLU GLU A . n 
A 1 35 GLU 35 35 35 GLU GLU A . n 
A 1 36 MET 36 36 36 MET MET A . n 
A 1 37 SER 37 37 37 SER SER A . n 
A 1 38 LEU 38 38 38 LEU LEU A . n 
A 1 39 PRO 39 39 39 PRO PRO A . n 
A 1 40 GLY 40 40 40 GLY GLY A . n 
A 1 41 ARG 41 41 41 ARG ARG A . n 
A 1 42 TRP 42 42 42 TRP TRP A . n 
A 1 43 LYS 43 43 43 LYS LYS A . n 
A 1 44 PRO 44 44 44 PRO PRO A . n 
A 1 45 LYS 45 45 45 LYS LYS A . n 
A 1 46 MET 46 46 46 MET MET A . n 
A 1 47 ILE 47 47 47 ILE ILE A . n 
A 1 48 GLY 48 48 48 GLY GLY A . n 
A 1 49 GLY 49 49 49 GLY GLY A . n 
A 1 50 ILE 50 50 50 ILE ILE A . n 
A 1 51 GLY 51 51 51 GLY GLY A . n 
A 1 52 GLY 52 52 52 GLY GLY A . n 
A 1 53 PHE 53 53 53 PHE PHE A . n 
A 1 54 ILE 54 54 54 ILE ILE A . n 
A 1 55 LYS 55 55 55 LYS LYS A . n 
A 1 56 VAL 56 56 56 VAL VAL A . n 
A 1 57 ARG 57 57 57 ARG ARG A . n 
A 1 58 GLN 58 58 58 GLN GLN A . n 
A 1 59 TYR 59 59 59 TYR TYR A . n 
A 1 60 ASP 60 60 60 ASP ASP A . n 
A 1 61 GLN 61 61 61 GLN GLN A . n 
A 1 62 ILE 62 62 62 ILE ILE A . n 
A 1 63 LEU 63 63 63 LEU LEU A . n 
A 1 64 ILE 64 64 64 ILE ILE A . n 
A 1 65 GLU 65 65 65 GLU GLU A . n 
A 1 66 ILE 66 66 66 ILE ILE A . n 
A 1 67 CYS 67 67 67 CYS CYS A . n 
A 1 68 GLY 68 68 68 GLY GLY A . n 
A 1 69 HIS 69 69 69 HIS HIS A . n 
A 1 70 LYS 70 70 70 LYS LYS A . n 
A 1 71 ALA 71 71 71 ALA ALA A . n 
A 1 72 ILE 72 72 72 ILE ILE A . n 
A 1 73 GLY 73 73 73 GLY GLY A . n 
A 1 74 THR 74 74 74 THR THR A . n 
A 1 75 VAL 75 75 75 VAL VAL A . n 
A 1 76 LEU 76 76 76 LEU LEU A . n 
A 1 77 VAL 77 77 77 VAL VAL A . n 
A 1 78 GLY 78 78 78 GLY GLY A . n 
A 1 79 PRO 79 79 79 PRO PRO A . n 
A 1 80 THR 80 80 80 THR THR A . n 
A 1 81 PRO 81 81 81 PRO PRO A . n 
A 1 82 VAL 82 82 82 VAL VAL A . n 
A 1 83 ASN 83 83 83 ASN ASN A . n 
A 1 84 ILE 84 84 84 ILE ILE A . n 
A 1 85 ILE 85 85 85 ILE ILE A . n 
A 1 86 GLY 86 86 86 GLY GLY A . n 
A 1 87 ARG 87 87 87 ARG ARG A . n 
A 1 88 ASN 88 88 88 ASN ASN A . n 
A 1 89 LEU 89 89 89 LEU LEU A . n 
A 1 90 LEU 90 90 90 LEU LEU A . n 
A 1 91 THR 91 91 91 THR THR A . n 
A 1 92 GLN 92 92 92 GLN GLN A . n 
A 1 93 ILE 93 93 93 ILE ILE A . n 
A 1 94 GLY 94 94 94 GLY GLY A . n 
A 1 95 CYS 95 95 95 CYS CYS A . n 
A 1 96 THR 96 96 96 THR THR A . n 
A 1 97 LEU 97 97 97 LEU LEU A . n 
A 1 98 ASN 98 98 98 ASN ASN A . n 
A 1 99 PHE 99 99 99 PHE PHE A . n 
B 1 1  PRO 1  1  1  PRO PRO B . n 
B 1 2  GLN 2  2  2  GLN GLN B . n 
B 1 3  ILE 3  3  3  ILE ILE B . n 
B 1 4  THR 4  4  4  THR THR B . n 
B 1 5  LEU 5  5  5  LEU LEU B . n 
B 1 6  TRP 6  6  6  TRP TRP B . n 
B 1 7  GLN 7  7  7  GLN GLN B . n 
B 1 8  ARG 8  8  8  ARG ARG B . n 
B 1 9  PRO 9  9  9  PRO PRO B . n 
B 1 10 LEU 10 10 10 LEU LEU B . n 
B 1 11 VAL 11 11 11 VAL VAL B . n 
B 1 12 THR 12 12 12 THR THR B . n 
B 1 13 ILE 13 13 13 ILE ILE B . n 
B 1 14 LYS 14 14 14 LYS LYS B . n 
B 1 15 ILE 15 15 15 ILE ILE B . n 
B 1 16 GLY 16 16 16 GLY GLY B . n 
B 1 17 GLY 17 17 17 GLY GLY B . n 
B 1 18 GLN 18 18 18 GLN GLN B . n 
B 1 19 LEU 19 19 19 LEU LEU B . n 
B 1 20 LYS 20 20 20 LYS LYS B . n 
B 1 21 GLU 21 21 21 GLU GLU B . n 
B 1 22 ALA 22 22 22 ALA ALA B . n 
B 1 23 LEU 23 23 23 LEU LEU B . n 
B 1 24 LEU 24 24 24 LEU LEU B . n 
B 1 25 ASP 25 25 25 ASP ASP B . n 
B 1 26 THR 26 26 26 THR THR B . n 
B 1 27 GLY 27 27 27 GLY GLY B . n 
B 1 28 ALA 28 28 28 ALA ALA B . n 
B 1 29 ASP 29 29 29 ASP ASP B . n 
B 1 30 ASP 30 30 30 ASP ASP B . n 
B 1 31 THR 31 31 31 THR THR B . n 
B 1 32 VAL 32 32 32 VAL VAL B . n 
B 1 33 LEU 33 33 33 LEU LEU B . n 
B 1 34 GLU 34 34 34 GLU GLU B . n 
B 1 35 GLU 35 35 35 GLU GLU B . n 
B 1 36 MET 36 36 36 MET MET B . n 
B 1 37 SER 37 37 37 SER SER B . n 
B 1 38 LEU 38 38 38 LEU LEU B . n 
B 1 39 PRO 39 39 39 PRO PRO B . n 
B 1 40 GLY 40 40 40 GLY GLY B . n 
B 1 41 ARG 41 41 41 ARG ARG B . n 
B 1 42 TRP 42 42 42 TRP TRP B . n 
B 1 43 LYS 43 43 43 LYS LYS B . n 
B 1 44 PRO 44 44 44 PRO PRO B . n 
B 1 45 LYS 45 45 45 LYS LYS B . n 
B 1 46 MET 46 46 46 MET MET B . n 
B 1 47 ILE 47 47 47 ILE ILE B . n 
B 1 48 GLY 48 48 48 GLY GLY B . n 
B 1 49 GLY 49 49 49 GLY GLY B . n 
B 1 50 ILE 50 50 50 ILE ILE B . n 
B 1 51 GLY 51 51 51 GLY GLY B . n 
B 1 52 GLY 52 52 52 GLY GLY B . n 
B 1 53 PHE 53 53 53 PHE PHE B . n 
B 1 54 ILE 54 54 54 ILE ILE B . n 
B 1 55 LYS 55 55 55 LYS LYS B . n 
B 1 56 VAL 56 56 56 VAL VAL B . n 
B 1 57 ARG 57 57 57 ARG ARG B . n 
B 1 58 GLN 58 58 58 GLN GLN B . n 
B 1 59 TYR 59 59 59 TYR TYR B . n 
B 1 60 ASP 60 60 60 ASP ASP B . n 
B 1 61 GLN 61 61 61 GLN GLN B . n 
B 1 62 ILE 62 62 62 ILE ILE B . n 
B 1 63 LEU 63 63 63 LEU LEU B . n 
B 1 64 ILE 64 64 64 ILE ILE B . n 
B 1 65 GLU 65 65 65 GLU GLU B . n 
B 1 66 ILE 66 66 66 ILE ILE B . n 
B 1 67 CYS 67 67 67 CYS CYS B . n 
B 1 68 GLY 68 68 68 GLY GLY B . n 
B 1 69 HIS 69 69 69 HIS HIS B . n 
B 1 70 LYS 70 70 70 LYS LYS B . n 
B 1 71 ALA 71 71 71 ALA ALA B . n 
B 1 72 ILE 72 72 72 ILE ILE B . n 
B 1 73 GLY 73 73 73 GLY GLY B . n 
B 1 74 THR 74 74 74 THR THR B . n 
B 1 75 VAL 75 75 75 VAL VAL B . n 
B 1 76 LEU 76 76 76 LEU LEU B . n 
B 1 77 VAL 77 77 77 VAL VAL B . n 
B 1 78 GLY 78 78 78 GLY GLY B . n 
B 1 79 PRO 79 79 79 PRO PRO B . n 
B 1 80 THR 80 80 80 THR THR B . n 
B 1 81 PRO 81 81 81 PRO PRO B . n 
B 1 82 VAL 82 82 82 VAL VAL B . n 
B 1 83 ASN 83 83 83 ASN ASN B . n 
B 1 84 ILE 84 84 84 ILE ILE B . n 
B 1 85 ILE 85 85 85 ILE ILE B . n 
B 1 86 GLY 86 86 86 GLY GLY B . n 
B 1 87 ARG 87 87 87 ARG ARG B . n 
B 1 88 ASN 88 88 88 ASN ASN B . n 
B 1 89 LEU 89 89 89 LEU LEU B . n 
B 1 90 LEU 90 90 90 LEU LEU B . n 
B 1 91 THR 91 91 91 THR THR B . n 
B 1 92 GLN 92 92 92 GLN GLN B . n 
B 1 93 ILE 93 93 93 ILE ILE B . n 
B 1 94 GLY 94 94 94 GLY GLY B . n 
B 1 95 CYS 95 95 95 CYS CYS B . n 
B 1 96 THR 96 96 96 THR THR B . n 
B 1 97 LEU 97 97 97 LEU LEU B . n 
B 1 98 ASN 98 98 98 ASN ASN B . n 
B 1 99 PHE 99 99 99 PHE PHE B . n 
# 
loop_
_pdbx_nonpoly_scheme.asym_id 
_pdbx_nonpoly_scheme.entity_id 
_pdbx_nonpoly_scheme.mon_id 
_pdbx_nonpoly_scheme.ndb_seq_num 
_pdbx_nonpoly_scheme.pdb_seq_num 
_pdbx_nonpoly_scheme.auth_seq_num 
_pdbx_nonpoly_scheme.pdb_mon_id 
_pdbx_nonpoly_scheme.auth_mon_id 
_pdbx_nonpoly_scheme.pdb_strand_id 
_pdbx_nonpoly_scheme.pdb_ins_code 
C 2 1IN 1  902 902 1IN 1IN B . 
D 3 HOH 1  305 305 HOH HOH A . 
D 3 HOH 2  307 307 HOH HOH A . 
D 3 HOH 3  309 309 HOH HOH A . 
D 3 HOH 4  314 314 HOH HOH A . 
D 3 HOH 5  315 315 HOH HOH A . 
D 3 HOH 6  324 324 HOH HOH A . 
D 3 HOH 7  325 325 HOH HOH A . 
D 3 HOH 8  327 327 HOH HOH A . 
D 3 HOH 9  328 328 HOH HOH A . 
D 3 HOH 10 329 329 HOH HOH A . 
D 3 HOH 11 331 331 HOH HOH A . 
D 3 HOH 12 332 332 HOH HOH A . 
D 3 HOH 13 344 344 HOH HOH A . 
D 3 HOH 14 345 345 HOH HOH A . 
D 3 HOH 15 357 357 HOH HOH A . 
D 3 HOH 16 384 384 HOH HOH A . 
D 3 HOH 17 386 386 HOH HOH A . 
D 3 HOH 18 389 389 HOH HOH A . 
D 3 HOH 19 394 394 HOH HOH A . 
D 3 HOH 20 406 406 HOH HOH A . 
D 3 HOH 21 408 408 HOH HOH A . 
D 3 HOH 22 416 416 HOH HOH A . 
D 3 HOH 23 422 422 HOH HOH A . 
D 3 HOH 24 439 439 HOH HOH A . 
D 3 HOH 25 457 457 HOH HOH A . 
D 3 HOH 26 501 501 HOH HOH A . 
D 3 HOH 27 503 503 HOH HOH A . 
D 3 HOH 28 510 510 HOH HOH A . 
D 3 HOH 29 524 524 HOH HOH A . 
D 3 HOH 30 529 529 HOH HOH A . 
D 3 HOH 31 532 532 HOH HOH A . 
D 3 HOH 32 553 553 HOH HOH A . 
D 3 HOH 33 561 561 HOH HOH A . 
D 3 HOH 34 567 567 HOH HOH A . 
D 3 HOH 35 572 572 HOH HOH A . 
D 3 HOH 36 575 575 HOH HOH A . 
D 3 HOH 37 618 618 HOH HOH A . 
D 3 HOH 38 619 619 HOH HOH A . 
D 3 HOH 39 620 620 HOH HOH A . 
D 3 HOH 40 621 621 HOH HOH A . 
D 3 HOH 41 623 623 HOH HOH A . 
D 3 HOH 42 625 625 HOH HOH A . 
D 3 HOH 43 628 628 HOH HOH A . 
E 3 HOH 1  301 301 HOH HOH B . 
E 3 HOH 2  304 304 HOH HOH B . 
E 3 HOH 3  306 306 HOH HOH B . 
E 3 HOH 4  308 308 HOH HOH B . 
E 3 HOH 5  312 312 HOH HOH B . 
E 3 HOH 6  313 313 HOH HOH B . 
E 3 HOH 7  316 316 HOH HOH B . 
E 3 HOH 8  317 317 HOH HOH B . 
E 3 HOH 9  318 318 HOH HOH B . 
E 3 HOH 10 319 319 HOH HOH B . 
E 3 HOH 11 321 321 HOH HOH B . 
E 3 HOH 12 323 323 HOH HOH B . 
E 3 HOH 13 326 326 HOH HOH B . 
E 3 HOH 14 333 333 HOH HOH B . 
E 3 HOH 15 334 334 HOH HOH B . 
E 3 HOH 16 335 335 HOH HOH B . 
E 3 HOH 17 338 338 HOH HOH B . 
E 3 HOH 18 339 339 HOH HOH B . 
E 3 HOH 19 340 340 HOH HOH B . 
E 3 HOH 20 346 346 HOH HOH B . 
E 3 HOH 21 347 347 HOH HOH B . 
E 3 HOH 22 348 348 HOH HOH B . 
E 3 HOH 23 349 349 HOH HOH B . 
E 3 HOH 24 350 350 HOH HOH B . 
E 3 HOH 25 354 354 HOH HOH B . 
E 3 HOH 26 355 355 HOH HOH B . 
E 3 HOH 27 356 356 HOH HOH B . 
E 3 HOH 28 358 358 HOH HOH B . 
E 3 HOH 29 359 359 HOH HOH B . 
E 3 HOH 30 362 362 HOH HOH B . 
E 3 HOH 31 364 364 HOH HOH B . 
E 3 HOH 32 367 367 HOH HOH B . 
E 3 HOH 33 369 369 HOH HOH B . 
E 3 HOH 34 370 370 HOH HOH B . 
E 3 HOH 35 374 374 HOH HOH B . 
E 3 HOH 36 375 375 HOH HOH B . 
E 3 HOH 37 376 376 HOH HOH B . 
E 3 HOH 38 377 377 HOH HOH B . 
E 3 HOH 39 379 379 HOH HOH B . 
E 3 HOH 40 381 381 HOH HOH B . 
E 3 HOH 41 383 383 HOH HOH B . 
E 3 HOH 42 387 387 HOH HOH B . 
E 3 HOH 43 388 388 HOH HOH B . 
E 3 HOH 44 392 392 HOH HOH B . 
E 3 HOH 45 393 393 HOH HOH B . 
E 3 HOH 46 395 395 HOH HOH B . 
E 3 HOH 47 400 400 HOH HOH B . 
E 3 HOH 48 401 401 HOH HOH B . 
E 3 HOH 49 405 405 HOH HOH B . 
E 3 HOH 50 410 410 HOH HOH B . 
E 3 HOH 51 414 414 HOH HOH B . 
E 3 HOH 52 419 419 HOH HOH B . 
E 3 HOH 53 420 420 HOH HOH B . 
E 3 HOH 54 425 425 HOH HOH B . 
E 3 HOH 55 436 436 HOH HOH B . 
E 3 HOH 56 443 443 HOH HOH B . 
E 3 HOH 57 461 461 HOH HOH B . 
E 3 HOH 58 468 468 HOH HOH B . 
E 3 HOH 59 471 471 HOH HOH B . 
E 3 HOH 60 500 500 HOH HOH B . 
E 3 HOH 61 505 505 HOH HOH B . 
E 3 HOH 62 506 506 HOH HOH B . 
E 3 HOH 63 509 509 HOH HOH B . 
E 3 HOH 64 514 514 HOH HOH B . 
E 3 HOH 65 515 515 HOH HOH B . 
E 3 HOH 66 517 517 HOH HOH B . 
E 3 HOH 67 525 525 HOH HOH B . 
E 3 HOH 68 526 526 HOH HOH B . 
E 3 HOH 69 531 531 HOH HOH B . 
E 3 HOH 70 549 549 HOH HOH B . 
E 3 HOH 71 564 564 HOH HOH B . 
E 3 HOH 72 568 568 HOH HOH B . 
E 3 HOH 73 591 591 HOH HOH B . 
E 3 HOH 74 595 595 HOH HOH B . 
E 3 HOH 75 613 613 HOH HOH B . 
E 3 HOH 76 617 617 HOH HOH B . 
E 3 HOH 77 622 622 HOH HOH B . 
E 3 HOH 78 624 624 HOH HOH B . 
E 3 HOH 79 626 626 HOH HOH B . 
E 3 HOH 80 627 627 HOH HOH B . 
# 
loop_
_software.name 
_software.classification 
_software.version 
_software.citation_id 
_software.pdbx_ordinal 
X-PLOR 'model building' . ? 1 
X-PLOR refinement       . ? 2 
X-PLOR phasing          . ? 3 
# 
_cell.entry_id           2BPV 
_cell.length_a           58.800 
_cell.length_b           87.380 
_cell.length_c           46.790 
_cell.angle_alpha        90.00 
_cell.angle_beta         90.00 
_cell.angle_gamma        90.00 
_cell.Z_PDB              8 
_cell.pdbx_unique_axis   ? 
_cell.length_a_esd       ? 
_cell.length_b_esd       ? 
_cell.length_c_esd       ? 
_cell.angle_alpha_esd    ? 
_cell.angle_beta_esd     ? 
_cell.angle_gamma_esd    ? 
# 
_symmetry.entry_id                         2BPV 
_symmetry.space_group_name_H-M             'P 21 21 2' 
_symmetry.pdbx_full_space_group_name_H-M   ? 
_symmetry.cell_setting                     ? 
_symmetry.Int_Tables_number                18 
_symmetry.space_group_name_Hall            ? 
# 
_exptl.entry_id          2BPV 
_exptl.method            'X-RAY DIFFRACTION' 
_exptl.crystals_number   ? 
# 
_exptl_crystal.id                    1 
_exptl_crystal.density_meas          ? 
_exptl_crystal.density_Matthews      2.78 
_exptl_crystal.density_percent_sol   55.75 
_exptl_crystal.description           ? 
_exptl_crystal.F_000                 ? 
_exptl_crystal.preparation           ? 
# 
_diffrn.id                     1 
_diffrn.ambient_temp           ? 
_diffrn.ambient_temp_details   ? 
_diffrn.crystal_id             1 
# 
_diffrn_radiation.diffrn_id                        1 
_diffrn_radiation.wavelength_id                    1 
_diffrn_radiation.pdbx_monochromatic_or_laue_m_l   ? 
_diffrn_radiation.monochromator                    ? 
_diffrn_radiation.pdbx_diffrn_protocol             ? 
_diffrn_radiation.pdbx_scattering_type             x-ray 
# 
_diffrn_radiation_wavelength.id           1 
_diffrn_radiation_wavelength.wavelength   . 
_diffrn_radiation_wavelength.wt           1.0 
# 
_refine.entry_id                                 2BPV 
_refine.ls_number_reflns_obs                     ? 
_refine.ls_number_reflns_all                     ? 
_refine.pdbx_ls_sigma_I                          ? 
_refine.pdbx_ls_sigma_F                          ? 
_refine.pdbx_data_cutoff_high_absF               ? 
_refine.pdbx_data_cutoff_low_absF                ? 
_refine.pdbx_data_cutoff_high_rms_absF           ? 
_refine.ls_d_res_low                             ? 
_refine.ls_d_res_high                            1.9 
_refine.ls_percent_reflns_obs                    ? 
_refine.ls_R_factor_obs                          0.2060000 
_refine.ls_R_factor_all                          ? 
_refine.ls_R_factor_R_work                       0.2060000 
_refine.ls_R_factor_R_free                       ? 
_refine.ls_R_factor_R_free_error                 ? 
_refine.ls_R_factor_R_free_error_details         ? 
_refine.ls_percent_reflns_R_free                 ? 
_refine.ls_number_reflns_R_free                  ? 
_refine.ls_number_parameters                     ? 
_refine.ls_number_restraints                     ? 
_refine.occupancy_min                            ? 
_refine.occupancy_max                            ? 
_refine.B_iso_mean                               ? 
_refine.aniso_B[1][1]                            ? 
_refine.aniso_B[2][2]                            ? 
_refine.aniso_B[3][3]                            ? 
_refine.aniso_B[1][2]                            ? 
_refine.aniso_B[1][3]                            ? 
_refine.aniso_B[2][3]                            ? 
_refine.solvent_model_details                    ? 
_refine.solvent_model_param_ksol                 ? 
_refine.solvent_model_param_bsol                 ? 
_refine.pdbx_ls_cross_valid_method               ? 
_refine.details                                  ? 
_refine.pdbx_starting_model                      ? 
_refine.pdbx_method_to_determine_struct          ? 
_refine.pdbx_isotropic_thermal_model             ? 
_refine.pdbx_stereochemistry_target_values       ? 
_refine.pdbx_stereochem_target_val_spec_case     ? 
_refine.pdbx_R_Free_selection_details            ? 
_refine.pdbx_overall_ESU_R                       ? 
_refine.pdbx_overall_ESU_R_Free                  ? 
_refine.overall_SU_ML                            ? 
_refine.overall_SU_B                             ? 
_refine.pdbx_refine_id                           'X-RAY DIFFRACTION' 
_refine.ls_redundancy_reflns_obs                 ? 
_refine.pdbx_overall_phase_error                 ? 
_refine.B_iso_min                                ? 
_refine.B_iso_max                                ? 
_refine.correlation_coeff_Fo_to_Fc               ? 
_refine.correlation_coeff_Fo_to_Fc_free          ? 
_refine.pdbx_solvent_vdw_probe_radii             ? 
_refine.pdbx_solvent_ion_probe_radii             ? 
_refine.pdbx_solvent_shrinkage_radii             ? 
_refine.overall_SU_R_Cruickshank_DPI             ? 
_refine.overall_SU_R_free                        ? 
_refine.ls_wR_factor_R_free                      ? 
_refine.ls_wR_factor_R_work                      ? 
_refine.overall_FOM_free_R_set                   ? 
_refine.overall_FOM_work_R_set                   ? 
_refine.pdbx_diffrn_id                           1 
_refine.pdbx_TLS_residual_ADP_flag               ? 
_refine.pdbx_overall_SU_R_free_Cruickshank_DPI   ? 
_refine.pdbx_overall_SU_R_Blow_DPI               ? 
_refine.pdbx_overall_SU_R_free_Blow_DPI          ? 
# 
_refine_hist.pdbx_refine_id                   'X-RAY DIFFRACTION' 
_refine_hist.cycle_id                         LAST 
_refine_hist.pdbx_number_atoms_protein        1514 
_refine_hist.pdbx_number_atoms_nucleic_acid   0 
_refine_hist.pdbx_number_atoms_ligand         45 
_refine_hist.number_atoms_solvent             123 
_refine_hist.number_atoms_total               1682 
_refine_hist.d_res_high                       1.9 
_refine_hist.d_res_low                        . 
# 
loop_
_refine_ls_restr.type 
_refine_ls_restr.dev_ideal 
_refine_ls_restr.dev_ideal_target 
_refine_ls_restr.weight 
_refine_ls_restr.number 
_refine_ls_restr.pdbx_refine_id 
_refine_ls_restr.pdbx_restraint_function 
x_bond_d                0.010 ? ? ? 'X-RAY DIFFRACTION' ? 
x_bond_d_na             ?     ? ? ? 'X-RAY DIFFRACTION' ? 
x_bond_d_prot           ?     ? ? ? 'X-RAY DIFFRACTION' ? 
x_angle_d               ?     ? ? ? 'X-RAY DIFFRACTION' ? 
x_angle_d_na            ?     ? ? ? 'X-RAY DIFFRACTION' ? 
x_angle_d_prot          ?     ? ? ? 'X-RAY DIFFRACTION' ? 
x_angle_deg             1.98  ? ? ? 'X-RAY DIFFRACTION' ? 
x_angle_deg_na          ?     ? ? ? 'X-RAY DIFFRACTION' ? 
x_angle_deg_prot        ?     ? ? ? 'X-RAY DIFFRACTION' ? 
x_dihedral_angle_d      ?     ? ? ? 'X-RAY DIFFRACTION' ? 
x_dihedral_angle_d_na   ?     ? ? ? 'X-RAY DIFFRACTION' ? 
x_dihedral_angle_d_prot ?     ? ? ? 'X-RAY DIFFRACTION' ? 
x_improper_angle_d      ?     ? ? ? 'X-RAY DIFFRACTION' ? 
x_improper_angle_d_na   ?     ? ? ? 'X-RAY DIFFRACTION' ? 
x_improper_angle_d_prot ?     ? ? ? 'X-RAY DIFFRACTION' ? 
x_mcbond_it             ?     ? ? ? 'X-RAY DIFFRACTION' ? 
x_mcangle_it            ?     ? ? ? 'X-RAY DIFFRACTION' ? 
x_scbond_it             ?     ? ? ? 'X-RAY DIFFRACTION' ? 
x_scangle_it            ?     ? ? ? 'X-RAY DIFFRACTION' ? 
# 
_struct.entry_id                  2BPV 
_struct.title                     'HIV-1 protease-inhibitor complex' 
_struct.pdbx_model_details        ? 
_struct.pdbx_CASP_flag            ? 
_struct.pdbx_model_type_details   ? 
# 
_struct_keywords.entry_id        2BPV 
_struct_keywords.pdbx_keywords   'HYDROLASE/HYDROLASE INHIBITOR' 
_struct_keywords.text            'ACID PROTEASE, HYDROLASE-HYDROLASE INHIBITOR complex' 
# 
loop_
_struct_asym.id 
_struct_asym.pdbx_blank_PDB_chainid_flag 
_struct_asym.pdbx_modified 
_struct_asym.entity_id 
_struct_asym.details 
A N N 1 ? 
B N N 1 ? 
C N N 2 ? 
D N N 3 ? 
E N N 3 ? 
# 
_struct_ref.id                         1 
_struct_ref.db_name                    UNP 
_struct_ref.db_code                    POL_HV1B5 
_struct_ref.entity_id                  1 
_struct_ref.pdbx_db_accession          P04587 
_struct_ref.pdbx_align_begin           1 
_struct_ref.pdbx_seq_one_letter_code   
;FFREDLAFLQGKAREFSSEQTRANSPTISSEQTRANSPTRRELQVWGRDNNSPSEAGADRQGTVSFNFPQITLWQRPLVT
IKIGGQLKEALLDTGADDTVLEEMSLPGRWKPKMIGGIGGFIKVRQYDQILIEICGHKAIGTVLVGPTPVNIIGRNLLTQ
IGCTLNFPISPIETVPVKLKPGMDGPKVKQWPLTEEKIKALVEICTEMEKEGKISKIGPENPYNTPVFAIKKKDSTKWRK
LVDFRELNRRTQDFWEVQLGIPHPAGLKKKKSVTVLDVGDAYFSVPLDEDFRKYTAFTIPSINNETPGSGYQYNVLPQGW
KGSPAIFQSSMTKILEPFRKQNPDIVIYQYMDDLYVGSDLEIGQHRTKIEELRQHLLRWGFTTPDKKHQKEPPFLWMGYE
LHPDKWTIQPIVLPEKDSWTVNDIQKLVGKLNWASQIYPGIKVRQLCKLLRGTKALTEVIPLTEEAELELAENREILKEP
VHGVYYDPSKDLIAEIQKQGQGQWTYQIYQEPFKNLKTGKYARMRGAHTNDVKQLTEAVQKITTESIVIWGKTPKFKLPI
QKETWETWWTEYWQATWIPEWEFVNTPPLVKLWYQLEKEPIVGAETFYVDGAASRETKLGKAGYVTNRGRQKVVTLTHTT
NQKTELQAIHLALQDSGLEVNIVTDSQYALGIIQAQPDKSESELVNQIIEQLIKKEKVYLAWVPAHKGIGGNEQVDKLVS
AGIRKILFLDGIDKAQEEHEKYHSNWRAMASDFNLPPVVAKEIVASCDKCQLKGEAMHGQVDCSPGIWQLDCTHLEGKVI
LVAVHVASGYIEAEVIPAETGQETAYFLLKLAGRWPVKTIHTDNGSNFTSATVKAACWWAGIKQEFGIPYNPQSQGVVES
MNKELKKIIGQVRDQAEHLKTAVQMAVFIHNFKRKGGIGGYSAGERIVDIIATDIQTKELQKQITKIQNFRVYYRDSRNP
LWKGPAKLLWKGEGAVVIQDNSDIKVVPRRKAKIIRDYGKQMAGDDCVASRQDED
;
_struct_ref.pdbx_db_isoform            ? 
# 
loop_
_struct_ref_seq.align_id 
_struct_ref_seq.ref_id 
_struct_ref_seq.pdbx_PDB_id_code 
_struct_ref_seq.pdbx_strand_id 
_struct_ref_seq.seq_align_beg 
_struct_ref_seq.pdbx_seq_align_beg_ins_code 
_struct_ref_seq.seq_align_end 
_struct_ref_seq.pdbx_seq_align_end_ins_code 
_struct_ref_seq.pdbx_db_accession 
_struct_ref_seq.db_align_beg 
_struct_ref_seq.pdbx_db_align_beg_ins_code 
_struct_ref_seq.db_align_end 
_struct_ref_seq.pdbx_db_align_end_ins_code 
_struct_ref_seq.pdbx_auth_seq_align_beg 
_struct_ref_seq.pdbx_auth_seq_align_end 
1 1 2BPV A 1 ? 99 ? P04587 69 ? 167 ? 1 99 
2 1 2BPV B 1 ? 99 ? P04587 69 ? 167 ? 1 99 
# 
_pdbx_struct_assembly.id                   1 
_pdbx_struct_assembly.details              author_and_software_defined_assembly 
_pdbx_struct_assembly.method_details       PISA 
_pdbx_struct_assembly.oligomeric_details   dimeric 
_pdbx_struct_assembly.oligomeric_count     2 
# 
loop_
_pdbx_struct_assembly_prop.biol_id 
_pdbx_struct_assembly_prop.type 
_pdbx_struct_assembly_prop.value 
_pdbx_struct_assembly_prop.details 
1 'ABSA (A^2)' 5060 ? 
1 MORE         -21  ? 
1 'SSA (A^2)'  9190 ? 
# 
_pdbx_struct_assembly_gen.assembly_id       1 
_pdbx_struct_assembly_gen.oper_expression   1 
_pdbx_struct_assembly_gen.asym_id_list      A,B,C,D,E 
# 
_pdbx_struct_oper_list.id                   1 
_pdbx_struct_oper_list.type                 'identity operation' 
_pdbx_struct_oper_list.name                 1_555 
_pdbx_struct_oper_list.symmetry_operation   x,y,z 
_pdbx_struct_oper_list.matrix[1][1]         1.0000000000 
_pdbx_struct_oper_list.matrix[1][2]         0.0000000000 
_pdbx_struct_oper_list.matrix[1][3]         0.0000000000 
_pdbx_struct_oper_list.vector[1]            0.0000000000 
_pdbx_struct_oper_list.matrix[2][1]         0.0000000000 
_pdbx_struct_oper_list.matrix[2][2]         1.0000000000 
_pdbx_struct_oper_list.matrix[2][3]         0.0000000000 
_pdbx_struct_oper_list.vector[2]            0.0000000000 
_pdbx_struct_oper_list.matrix[3][1]         0.0000000000 
_pdbx_struct_oper_list.matrix[3][2]         0.0000000000 
_pdbx_struct_oper_list.matrix[3][3]         1.0000000000 
_pdbx_struct_oper_list.vector[3]            0.0000000000 
# 
_struct_biol.id                    1 
_struct_biol.details               
;THERE IS ONE PROTEASE DIMER IN AN ASYMMETRICAL UNIT.  THE
TWO MOLECULES ARE LABELED AS CHAIN A AND CHAIN B.  THERE
IS ONE L-738,317 INHIBITOR MOLECULE LABELED AS 1IN.
;
_struct_biol.pdbx_parent_biol_id   ? 
# 
loop_
_struct_conf.conf_type_id 
_struct_conf.id 
_struct_conf.pdbx_PDB_helix_id 
_struct_conf.beg_label_comp_id 
_struct_conf.beg_label_asym_id 
_struct_conf.beg_label_seq_id 
_struct_conf.pdbx_beg_PDB_ins_code 
_struct_conf.end_label_comp_id 
_struct_conf.end_label_asym_id 
_struct_conf.end_label_seq_id 
_struct_conf.pdbx_end_PDB_ins_code 
_struct_conf.beg_auth_comp_id 
_struct_conf.beg_auth_asym_id 
_struct_conf.beg_auth_seq_id 
_struct_conf.end_auth_comp_id 
_struct_conf.end_auth_asym_id 
_struct_conf.end_auth_seq_id 
_struct_conf.pdbx_PDB_helix_class 
_struct_conf.details 
_struct_conf.pdbx_PDB_helix_length 
HELX_P HELX_P1 1 ARG A 87 ? ILE A 93 ? ARG A 87 ILE A 93 1 ? 7 
HELX_P HELX_P2 2 ARG B 87 ? LEU B 90 ? ARG B 87 LEU B 90 1 ? 4 
# 
_struct_conf_type.id          HELX_P 
_struct_conf_type.criteria    ? 
_struct_conf_type.reference   ? 
# 
loop_
_struct_sheet.id 
_struct_sheet.type 
_struct_sheet.number_strands 
_struct_sheet.details 
A ? 2 ? 
B ? 4 ? 
C ? 2 ? 
D ? 2 ? 
E ? 3 ? 
F ? 2 ? 
# 
loop_
_struct_sheet_order.sheet_id 
_struct_sheet_order.range_id_1 
_struct_sheet_order.range_id_2 
_struct_sheet_order.offset 
_struct_sheet_order.sense 
A 1 2 ? anti-parallel 
B 1 2 ? parallel      
B 2 3 ? anti-parallel 
B 3 4 ? anti-parallel 
C 1 2 ? anti-parallel 
D 1 2 ? anti-parallel 
E 1 2 ? anti-parallel 
E 2 3 ? anti-parallel 
F 1 2 ? anti-parallel 
# 
loop_
_struct_sheet_range.sheet_id 
_struct_sheet_range.id 
_struct_sheet_range.beg_label_comp_id 
_struct_sheet_range.beg_label_asym_id 
_struct_sheet_range.beg_label_seq_id 
_struct_sheet_range.pdbx_beg_PDB_ins_code 
_struct_sheet_range.end_label_comp_id 
_struct_sheet_range.end_label_asym_id 
_struct_sheet_range.end_label_seq_id 
_struct_sheet_range.pdbx_end_PDB_ins_code 
_struct_sheet_range.beg_auth_comp_id 
_struct_sheet_range.beg_auth_asym_id 
_struct_sheet_range.beg_auth_seq_id 
_struct_sheet_range.end_auth_comp_id 
_struct_sheet_range.end_auth_asym_id 
_struct_sheet_range.end_auth_seq_id 
A 1 LEU A 10 ? ILE A 15 ? LEU A 10 ILE A 15 
A 2 GLN A 18 ? LEU A 23 ? GLN A 18 LEU A 23 
B 1 VAL A 32 ? GLU A 34 ? VAL A 32 GLU A 34 
B 2 VAL A 75 ? GLY A 78 ? VAL A 75 GLY A 78 
B 3 GLY A 52 ? TYR A 59 ? GLY A 52 TYR A 59 
B 4 LYS A 43 ? GLY A 49 ? LYS A 43 GLY A 49 
C 1 ILE A 62 ? ILE A 66 ? ILE A 62 ILE A 66 
C 2 HIS A 69 ? GLY A 73 ? HIS A 69 GLY A 73 
D 1 LEU B 10 ? ILE B 15 ? LEU B 10 ILE B 15 
D 2 GLN B 18 ? LEU B 23 ? GLN B 18 LEU B 23 
E 1 LYS B 43 ? GLY B 48 ? LYS B 43 GLY B 48 
E 2 PHE B 53 ? TYR B 59 ? PHE B 53 TYR B 59 
E 3 VAL B 75 ? VAL B 77 ? VAL B 75 VAL B 77 
F 1 ILE B 62 ? ILE B 66 ? ILE B 62 ILE B 66 
F 2 HIS B 69 ? GLY B 73 ? HIS B 69 GLY B 73 
# 
loop_
_pdbx_struct_sheet_hbond.sheet_id 
_pdbx_struct_sheet_hbond.range_id_1 
_pdbx_struct_sheet_hbond.range_id_2 
_pdbx_struct_sheet_hbond.range_1_label_atom_id 
_pdbx_struct_sheet_hbond.range_1_label_comp_id 
_pdbx_struct_sheet_hbond.range_1_label_asym_id 
_pdbx_struct_sheet_hbond.range_1_label_seq_id 
_pdbx_struct_sheet_hbond.range_1_PDB_ins_code 
_pdbx_struct_sheet_hbond.range_1_auth_atom_id 
_pdbx_struct_sheet_hbond.range_1_auth_comp_id 
_pdbx_struct_sheet_hbond.range_1_auth_asym_id 
_pdbx_struct_sheet_hbond.range_1_auth_seq_id 
_pdbx_struct_sheet_hbond.range_2_label_atom_id 
_pdbx_struct_sheet_hbond.range_2_label_comp_id 
_pdbx_struct_sheet_hbond.range_2_label_asym_id 
_pdbx_struct_sheet_hbond.range_2_label_seq_id 
_pdbx_struct_sheet_hbond.range_2_PDB_ins_code 
_pdbx_struct_sheet_hbond.range_2_auth_atom_id 
_pdbx_struct_sheet_hbond.range_2_auth_comp_id 
_pdbx_struct_sheet_hbond.range_2_auth_asym_id 
_pdbx_struct_sheet_hbond.range_2_auth_seq_id 
A 1 2 O VAL A 11 ? O VAL A 11 N ALA A 22 ? N ALA A 22 
B 1 2 O LEU A 33 ? O LEU A 33 N LEU A 76 ? N LEU A 76 
B 2 3 O VAL A 75 ? O VAL A 75 N TYR A 59 ? N TYR A 59 
B 3 4 O GLY A 52 ? O GLY A 52 N GLY A 49 ? N GLY A 49 
C 1 2 O ILE A 62 ? O ILE A 62 N GLY A 73 ? N GLY A 73 
D 1 2 O VAL B 11 ? O VAL B 11 N ALA B 22 ? N ALA B 22 
E 1 2 O LYS B 43 ? O LYS B 43 N GLN B 58 ? N GLN B 58 
E 2 3 O ARG B 57 ? O ARG B 57 N VAL B 77 ? N VAL B 77 
F 1 2 O ILE B 62 ? O ILE B 62 N GLY B 73 ? N GLY B 73 
# 
_struct_site.id                   AC1 
_struct_site.pdbx_evidence_code   Software 
_struct_site.pdbx_auth_asym_id    B 
_struct_site.pdbx_auth_comp_id    1IN 
_struct_site.pdbx_auth_seq_id     902 
_struct_site.pdbx_auth_ins_code   ? 
_struct_site.pdbx_num_residues    18 
_struct_site.details              'BINDING SITE FOR RESIDUE 1IN B 902' 
# 
loop_
_struct_site_gen.id 
_struct_site_gen.site_id 
_struct_site_gen.pdbx_num_res 
_struct_site_gen.label_comp_id 
_struct_site_gen.label_asym_id 
_struct_site_gen.label_seq_id 
_struct_site_gen.pdbx_auth_ins_code 
_struct_site_gen.auth_comp_id 
_struct_site_gen.auth_asym_id 
_struct_site_gen.auth_seq_id 
_struct_site_gen.label_atom_id 
_struct_site_gen.label_alt_id 
_struct_site_gen.symmetry 
_struct_site_gen.details 
1  AC1 18 ARG A 8  ? ARG A 8   . ? 1_555 ? 
2  AC1 18 ASP A 25 ? ASP A 25  . ? 1_555 ? 
3  AC1 18 GLY A 48 ? GLY A 48  . ? 1_555 ? 
4  AC1 18 GLY A 49 ? GLY A 49  . ? 1_555 ? 
5  AC1 18 PHE A 53 ? PHE A 53  . ? 1_555 ? 
6  AC1 18 VAL A 82 ? VAL A 82  . ? 1_555 ? 
7  AC1 18 ASP B 25 ? ASP B 25  . ? 1_555 ? 
8  AC1 18 GLY B 27 ? GLY B 27  . ? 1_555 ? 
9  AC1 18 ALA B 28 ? ALA B 28  . ? 1_555 ? 
10 AC1 18 ASP B 29 ? ASP B 29  . ? 1_555 ? 
11 AC1 18 GLY B 48 ? GLY B 48  . ? 1_555 ? 
12 AC1 18 GLY B 49 ? GLY B 49  . ? 1_555 ? 
13 AC1 18 PRO B 81 ? PRO B 81  . ? 1_555 ? 
14 AC1 18 VAL B 82 ? VAL B 82  . ? 1_555 ? 
15 AC1 18 ILE B 84 ? ILE B 84  . ? 1_555 ? 
16 AC1 18 HOH E .  ? HOH B 308 . ? 1_555 ? 
17 AC1 18 HOH E .  ? HOH B 313 . ? 1_555 ? 
18 AC1 18 HOH E .  ? HOH B 468 . ? 1_555 ? 
# 
loop_
_pdbx_validate_rmsd_angle.id 
_pdbx_validate_rmsd_angle.PDB_model_num 
_pdbx_validate_rmsd_angle.auth_atom_id_1 
_pdbx_validate_rmsd_angle.auth_asym_id_1 
_pdbx_validate_rmsd_angle.auth_comp_id_1 
_pdbx_validate_rmsd_angle.auth_seq_id_1 
_pdbx_validate_rmsd_angle.PDB_ins_code_1 
_pdbx_validate_rmsd_angle.label_alt_id_1 
_pdbx_validate_rmsd_angle.auth_atom_id_2 
_pdbx_validate_rmsd_angle.auth_asym_id_2 
_pdbx_validate_rmsd_angle.auth_comp_id_2 
_pdbx_validate_rmsd_angle.auth_seq_id_2 
_pdbx_validate_rmsd_angle.PDB_ins_code_2 
_pdbx_validate_rmsd_angle.label_alt_id_2 
_pdbx_validate_rmsd_angle.auth_atom_id_3 
_pdbx_validate_rmsd_angle.auth_asym_id_3 
_pdbx_validate_rmsd_angle.auth_comp_id_3 
_pdbx_validate_rmsd_angle.auth_seq_id_3 
_pdbx_validate_rmsd_angle.PDB_ins_code_3 
_pdbx_validate_rmsd_angle.label_alt_id_3 
_pdbx_validate_rmsd_angle.angle_value 
_pdbx_validate_rmsd_angle.angle_target_value 
_pdbx_validate_rmsd_angle.angle_deviation 
_pdbx_validate_rmsd_angle.angle_standard_deviation 
_pdbx_validate_rmsd_angle.linker_flag 
1 1 CA A PRO 1 ? ? N A PRO 1 ? ? CD A PRO 1 ? ? 99.82  111.50 -11.68 1.40 N 
2 1 CA B PRO 1 ? ? N B PRO 1 ? ? CD B PRO 1 ? ? 100.29 111.50 -11.21 1.40 N 
# 
_pdbx_validate_torsion.id              1 
_pdbx_validate_torsion.PDB_model_num   1 
_pdbx_validate_torsion.auth_comp_id    GLU 
_pdbx_validate_torsion.auth_asym_id    A 
_pdbx_validate_torsion.auth_seq_id     35 
_pdbx_validate_torsion.PDB_ins_code    ? 
_pdbx_validate_torsion.label_alt_id    ? 
_pdbx_validate_torsion.phi             -34.24 
_pdbx_validate_torsion.psi             122.23 
# 
loop_
_chem_comp_atom.comp_id 
_chem_comp_atom.atom_id 
_chem_comp_atom.type_symbol 
_chem_comp_atom.pdbx_aromatic_flag 
_chem_comp_atom.pdbx_stereo_config 
_chem_comp_atom.pdbx_ordinal 
1IN C1   C N N 1   
1IN C2   C N S 2   
1IN C3   C N N 3   
1IN O4   O N N 4   
1IN O5   O N N 5   
1IN C7   C N N 6   
1IN C8   C N N 7   
1IN C9   C N N 8   
1IN C10  C N N 9   
1IN C11  C N S 10  
1IN C12  C N N 11  
1IN C13  C N R 12  
1IN C14  C N N 13  
1IN C15  C Y N 14  
1IN C16  C Y N 15  
1IN C19  C Y N 16  
1IN C20  C Y N 17  
1IN C21  C N N 18  
1IN C22  C N S 19  
1IN C24  C N N 20  
1IN C27  C N N 21  
1IN C30  C N S 22  
1IN C31  C N N 23  
1IN C32  C Y N 24  
1IN C33  C Y N 25  
1IN C34  C Y N 26  
1IN C35  C Y N 27  
1IN N1   N N N 28  
1IN O1   O N N 29  
1IN N2   N N N 30  
1IN C4   C N N 31  
1IN C5   C N N 32  
1IN C6   C N N 33  
1IN N3   N N N 34  
1IN O2   O N N 35  
1IN C17  C Y N 36  
1IN C18  C Y N 37  
1IN O3   O N N 38  
1IN N4   N N N 39  
1IN C23  C N R 40  
1IN C25  C N N 41  
1IN C29  C N N 42  
1IN C26  C N N 43  
1IN C28  C Y N 44  
1IN N5   N Y N 45  
1IN H11A H N N 46  
1IN H12  H N N 47  
1IN H2   H N N 48  
1IN HO4  H N N 49  
1IN H71  H N N 50  
1IN H72  H N N 51  
1IN H73  H N N 52  
1IN H81  H N N 53  
1IN H82  H N N 54  
1IN H91  H N N 55  
1IN H92  H N N 56  
1IN H101 H N N 57  
1IN H102 H N N 58  
1IN H11  H N N 59  
1IN H121 H N N 60  
1IN H122 H N N 61  
1IN H13  H N N 62  
1IN H141 H N N 63  
1IN H142 H N N 64  
1IN H16  H N N 65  
1IN H19  H N N 66  
1IN H20  H N N 67  
1IN H22  H N N 68  
1IN H241 H N N 69  
1IN H242 H N N 70  
1IN H271 H N N 71  
1IN H272 H N N 72  
1IN H30  H N N 73  
1IN H32  H N N 74  
1IN H33  H N N 75  
1IN H34  H N N 76  
1IN H35  H N N 77  
1IN HN2  H N N 78  
1IN H51  H N N 79  
1IN H52  H N N 80  
1IN H53  H N N 81  
1IN H61  H N N 82  
1IN H62  H N N 83  
1IN H63  H N N 84  
1IN HO2  H N N 85  
1IN H17  H N N 86  
1IN H18  H N N 87  
1IN HN4  H N N 88  
1IN H23  H N N 89  
1IN H251 H N N 90  
1IN H252 H N N 91  
1IN H291 H N N 92  
1IN H292 H N N 93  
1IN H293 H N N 94  
1IN H261 H N N 95  
1IN H262 H N N 96  
ALA N    N N N 97  
ALA CA   C N S 98  
ALA C    C N N 99  
ALA O    O N N 100 
ALA CB   C N N 101 
ALA OXT  O N N 102 
ALA H    H N N 103 
ALA H2   H N N 104 
ALA HA   H N N 105 
ALA HB1  H N N 106 
ALA HB2  H N N 107 
ALA HB3  H N N 108 
ALA HXT  H N N 109 
ARG N    N N N 110 
ARG CA   C N S 111 
ARG C    C N N 112 
ARG O    O N N 113 
ARG CB   C N N 114 
ARG CG   C N N 115 
ARG CD   C N N 116 
ARG NE   N N N 117 
ARG CZ   C N N 118 
ARG NH1  N N N 119 
ARG NH2  N N N 120 
ARG OXT  O N N 121 
ARG H    H N N 122 
ARG H2   H N N 123 
ARG HA   H N N 124 
ARG HB2  H N N 125 
ARG HB3  H N N 126 
ARG HG2  H N N 127 
ARG HG3  H N N 128 
ARG HD2  H N N 129 
ARG HD3  H N N 130 
ARG HE   H N N 131 
ARG HH11 H N N 132 
ARG HH12 H N N 133 
ARG HH21 H N N 134 
ARG HH22 H N N 135 
ARG HXT  H N N 136 
ASN N    N N N 137 
ASN CA   C N S 138 
ASN C    C N N 139 
ASN O    O N N 140 
ASN CB   C N N 141 
ASN CG   C N N 142 
ASN OD1  O N N 143 
ASN ND2  N N N 144 
ASN OXT  O N N 145 
ASN H    H N N 146 
ASN H2   H N N 147 
ASN HA   H N N 148 
ASN HB2  H N N 149 
ASN HB3  H N N 150 
ASN HD21 H N N 151 
ASN HD22 H N N 152 
ASN HXT  H N N 153 
ASP N    N N N 154 
ASP CA   C N S 155 
ASP C    C N N 156 
ASP O    O N N 157 
ASP CB   C N N 158 
ASP CG   C N N 159 
ASP OD1  O N N 160 
ASP OD2  O N N 161 
ASP OXT  O N N 162 
ASP H    H N N 163 
ASP H2   H N N 164 
ASP HA   H N N 165 
ASP HB2  H N N 166 
ASP HB3  H N N 167 
ASP HD2  H N N 168 
ASP HXT  H N N 169 
CYS N    N N N 170 
CYS CA   C N R 171 
CYS C    C N N 172 
CYS O    O N N 173 
CYS CB   C N N 174 
CYS SG   S N N 175 
CYS OXT  O N N 176 
CYS H    H N N 177 
CYS H2   H N N 178 
CYS HA   H N N 179 
CYS HB2  H N N 180 
CYS HB3  H N N 181 
CYS HG   H N N 182 
CYS HXT  H N N 183 
GLN N    N N N 184 
GLN CA   C N S 185 
GLN C    C N N 186 
GLN O    O N N 187 
GLN CB   C N N 188 
GLN CG   C N N 189 
GLN CD   C N N 190 
GLN OE1  O N N 191 
GLN NE2  N N N 192 
GLN OXT  O N N 193 
GLN H    H N N 194 
GLN H2   H N N 195 
GLN HA   H N N 196 
GLN HB2  H N N 197 
GLN HB3  H N N 198 
GLN HG2  H N N 199 
GLN HG3  H N N 200 
GLN HE21 H N N 201 
GLN HE22 H N N 202 
GLN HXT  H N N 203 
GLU N    N N N 204 
GLU CA   C N S 205 
GLU C    C N N 206 
GLU O    O N N 207 
GLU CB   C N N 208 
GLU CG   C N N 209 
GLU CD   C N N 210 
GLU OE1  O N N 211 
GLU OE2  O N N 212 
GLU OXT  O N N 213 
GLU H    H N N 214 
GLU H2   H N N 215 
GLU HA   H N N 216 
GLU HB2  H N N 217 
GLU HB3  H N N 218 
GLU HG2  H N N 219 
GLU HG3  H N N 220 
GLU HE2  H N N 221 
GLU HXT  H N N 222 
GLY N    N N N 223 
GLY CA   C N N 224 
GLY C    C N N 225 
GLY O    O N N 226 
GLY OXT  O N N 227 
GLY H    H N N 228 
GLY H2   H N N 229 
GLY HA2  H N N 230 
GLY HA3  H N N 231 
GLY HXT  H N N 232 
HIS N    N N N 233 
HIS CA   C N S 234 
HIS C    C N N 235 
HIS O    O N N 236 
HIS CB   C N N 237 
HIS CG   C Y N 238 
HIS ND1  N Y N 239 
HIS CD2  C Y N 240 
HIS CE1  C Y N 241 
HIS NE2  N Y N 242 
HIS OXT  O N N 243 
HIS H    H N N 244 
HIS H2   H N N 245 
HIS HA   H N N 246 
HIS HB2  H N N 247 
HIS HB3  H N N 248 
HIS HD1  H N N 249 
HIS HD2  H N N 250 
HIS HE1  H N N 251 
HIS HE2  H N N 252 
HIS HXT  H N N 253 
HOH O    O N N 254 
HOH H1   H N N 255 
HOH H2   H N N 256 
ILE N    N N N 257 
ILE CA   C N S 258 
ILE C    C N N 259 
ILE O    O N N 260 
ILE CB   C N S 261 
ILE CG1  C N N 262 
ILE CG2  C N N 263 
ILE CD1  C N N 264 
ILE OXT  O N N 265 
ILE H    H N N 266 
ILE H2   H N N 267 
ILE HA   H N N 268 
ILE HB   H N N 269 
ILE HG12 H N N 270 
ILE HG13 H N N 271 
ILE HG21 H N N 272 
ILE HG22 H N N 273 
ILE HG23 H N N 274 
ILE HD11 H N N 275 
ILE HD12 H N N 276 
ILE HD13 H N N 277 
ILE HXT  H N N 278 
LEU N    N N N 279 
LEU CA   C N S 280 
LEU C    C N N 281 
LEU O    O N N 282 
LEU CB   C N N 283 
LEU CG   C N N 284 
LEU CD1  C N N 285 
LEU CD2  C N N 286 
LEU OXT  O N N 287 
LEU H    H N N 288 
LEU H2   H N N 289 
LEU HA   H N N 290 
LEU HB2  H N N 291 
LEU HB3  H N N 292 
LEU HG   H N N 293 
LEU HD11 H N N 294 
LEU HD12 H N N 295 
LEU HD13 H N N 296 
LEU HD21 H N N 297 
LEU HD22 H N N 298 
LEU HD23 H N N 299 
LEU HXT  H N N 300 
LYS N    N N N 301 
LYS CA   C N S 302 
LYS C    C N N 303 
LYS O    O N N 304 
LYS CB   C N N 305 
LYS CG   C N N 306 
LYS CD   C N N 307 
LYS CE   C N N 308 
LYS NZ   N N N 309 
LYS OXT  O N N 310 
LYS H    H N N 311 
LYS H2   H N N 312 
LYS HA   H N N 313 
LYS HB2  H N N 314 
LYS HB3  H N N 315 
LYS HG2  H N N 316 
LYS HG3  H N N 317 
LYS HD2  H N N 318 
LYS HD3  H N N 319 
LYS HE2  H N N 320 
LYS HE3  H N N 321 
LYS HZ1  H N N 322 
LYS HZ2  H N N 323 
LYS HZ3  H N N 324 
LYS HXT  H N N 325 
MET N    N N N 326 
MET CA   C N S 327 
MET C    C N N 328 
MET O    O N N 329 
MET CB   C N N 330 
MET CG   C N N 331 
MET SD   S N N 332 
MET CE   C N N 333 
MET OXT  O N N 334 
MET H    H N N 335 
MET H2   H N N 336 
MET HA   H N N 337 
MET HB2  H N N 338 
MET HB3  H N N 339 
MET HG2  H N N 340 
MET HG3  H N N 341 
MET HE1  H N N 342 
MET HE2  H N N 343 
MET HE3  H N N 344 
MET HXT  H N N 345 
PHE N    N N N 346 
PHE CA   C N S 347 
PHE C    C N N 348 
PHE O    O N N 349 
PHE CB   C N N 350 
PHE CG   C Y N 351 
PHE CD1  C Y N 352 
PHE CD2  C Y N 353 
PHE CE1  C Y N 354 
PHE CE2  C Y N 355 
PHE CZ   C Y N 356 
PHE OXT  O N N 357 
PHE H    H N N 358 
PHE H2   H N N 359 
PHE HA   H N N 360 
PHE HB2  H N N 361 
PHE HB3  H N N 362 
PHE HD1  H N N 363 
PHE HD2  H N N 364 
PHE HE1  H N N 365 
PHE HE2  H N N 366 
PHE HZ   H N N 367 
PHE HXT  H N N 368 
PRO N    N N N 369 
PRO CA   C N S 370 
PRO C    C N N 371 
PRO O    O N N 372 
PRO CB   C N N 373 
PRO CG   C N N 374 
PRO CD   C N N 375 
PRO OXT  O N N 376 
PRO H    H N N 377 
PRO HA   H N N 378 
PRO HB2  H N N 379 
PRO HB3  H N N 380 
PRO HG2  H N N 381 
PRO HG3  H N N 382 
PRO HD2  H N N 383 
PRO HD3  H N N 384 
PRO HXT  H N N 385 
SER N    N N N 386 
SER CA   C N S 387 
SER C    C N N 388 
SER O    O N N 389 
SER CB   C N N 390 
SER OG   O N N 391 
SER OXT  O N N 392 
SER H    H N N 393 
SER H2   H N N 394 
SER HA   H N N 395 
SER HB2  H N N 396 
SER HB3  H N N 397 
SER HG   H N N 398 
SER HXT  H N N 399 
THR N    N N N 400 
THR CA   C N S 401 
THR C    C N N 402 
THR O    O N N 403 
THR CB   C N R 404 
THR OG1  O N N 405 
THR CG2  C N N 406 
THR OXT  O N N 407 
THR H    H N N 408 
THR H2   H N N 409 
THR HA   H N N 410 
THR HB   H N N 411 
THR HG1  H N N 412 
THR HG21 H N N 413 
THR HG22 H N N 414 
THR HG23 H N N 415 
THR HXT  H N N 416 
TRP N    N N N 417 
TRP CA   C N S 418 
TRP C    C N N 419 
TRP O    O N N 420 
TRP CB   C N N 421 
TRP CG   C Y N 422 
TRP CD1  C Y N 423 
TRP CD2  C Y N 424 
TRP NE1  N Y N 425 
TRP CE2  C Y N 426 
TRP CE3  C Y N 427 
TRP CZ2  C Y N 428 
TRP CZ3  C Y N 429 
TRP CH2  C Y N 430 
TRP OXT  O N N 431 
TRP H    H N N 432 
TRP H2   H N N 433 
TRP HA   H N N 434 
TRP HB2  H N N 435 
TRP HB3  H N N 436 
TRP HD1  H N N 437 
TRP HE1  H N N 438 
TRP HE3  H N N 439 
TRP HZ2  H N N 440 
TRP HZ3  H N N 441 
TRP HH2  H N N 442 
TRP HXT  H N N 443 
TYR N    N N N 444 
TYR CA   C N S 445 
TYR C    C N N 446 
TYR O    O N N 447 
TYR CB   C N N 448 
TYR CG   C Y N 449 
TYR CD1  C Y N 450 
TYR CD2  C Y N 451 
TYR CE1  C Y N 452 
TYR CE2  C Y N 453 
TYR CZ   C Y N 454 
TYR OH   O N N 455 
TYR OXT  O N N 456 
TYR H    H N N 457 
TYR H2   H N N 458 
TYR HA   H N N 459 
TYR HB2  H N N 460 
TYR HB3  H N N 461 
TYR HD1  H N N 462 
TYR HD2  H N N 463 
TYR HE1  H N N 464 
TYR HE2  H N N 465 
TYR HH   H N N 466 
TYR HXT  H N N 467 
VAL N    N N N 468 
VAL CA   C N S 469 
VAL C    C N N 470 
VAL O    O N N 471 
VAL CB   C N N 472 
VAL CG1  C N N 473 
VAL CG2  C N N 474 
VAL OXT  O N N 475 
VAL H    H N N 476 
VAL H2   H N N 477 
VAL HA   H N N 478 
VAL HB   H N N 479 
VAL HG11 H N N 480 
VAL HG12 H N N 481 
VAL HG13 H N N 482 
VAL HG21 H N N 483 
VAL HG22 H N N 484 
VAL HG23 H N N 485 
VAL HXT  H N N 486 
# 
loop_
_chem_comp_bond.comp_id 
_chem_comp_bond.atom_id_1 
_chem_comp_bond.atom_id_2 
_chem_comp_bond.value_order 
_chem_comp_bond.pdbx_aromatic_flag 
_chem_comp_bond.pdbx_stereo_config 
_chem_comp_bond.pdbx_ordinal 
1IN C1  C2   sing N N 1   
1IN C1  N1   sing N N 2   
1IN C1  H11A sing N N 3   
1IN C1  H12  sing N N 4   
1IN C2  C3   sing N N 5   
1IN C2  N3   sing N N 6   
1IN C2  H2   sing N N 7   
1IN C3  O1   doub N N 8   
1IN C3  N2   sing N N 9   
1IN O4  C23  sing N N 10  
1IN O4  HO4  sing N N 11  
1IN O5  C31  doub N N 12  
1IN C7  C4   sing N N 13  
1IN C7  H71  sing N N 14  
1IN C7  H72  sing N N 15  
1IN C7  H73  sing N N 16  
1IN C8  C9   sing N N 17  
1IN C8  N3   sing N N 18  
1IN C8  H81  sing N N 19  
1IN C8  H82  sing N N 20  
1IN C9  N1   sing N N 21  
1IN C9  H91  sing N N 22  
1IN C9  H92  sing N N 23  
1IN C10 C11  sing N N 24  
1IN C10 N3   sing N N 25  
1IN C10 H101 sing N N 26  
1IN C10 H102 sing N N 27  
1IN C11 C12  sing N N 28  
1IN C11 O2   sing N N 29  
1IN C11 H11  sing N N 30  
1IN C12 C13  sing N N 31  
1IN C12 H121 sing N N 32  
1IN C12 H122 sing N N 33  
1IN C13 C14  sing N N 34  
1IN C13 C21  sing N N 35  
1IN C13 H13  sing N N 36  
1IN C14 C15  sing N N 37  
1IN C14 H141 sing N N 38  
1IN C14 H142 sing N N 39  
1IN C15 C16  doub Y N 40  
1IN C15 C20  sing Y N 41  
1IN C16 C17  sing Y N 42  
1IN C16 H16  sing N N 43  
1IN C19 C20  doub Y N 44  
1IN C19 C18  sing Y N 45  
1IN C19 H19  sing N N 46  
1IN C20 H20  sing N N 47  
1IN C21 O3   doub N N 48  
1IN C21 N4   sing N N 49  
1IN C22 C30  sing N N 50  
1IN C22 N4   sing N N 51  
1IN C22 C23  sing N N 52  
1IN C22 H22  sing N N 53  
1IN C24 C23  sing N N 54  
1IN C24 C25  sing N N 55  
1IN C24 H241 sing N N 56  
1IN C24 H242 sing N N 57  
1IN C27 C26  sing N N 58  
1IN C27 C28  sing N N 59  
1IN C27 H271 sing N N 60  
1IN C27 H272 sing N N 61  
1IN C30 C25  sing N N 62  
1IN C30 C29  sing N N 63  
1IN C30 H30  sing N N 64  
1IN C31 N1   sing N N 65  
1IN C31 C26  sing N N 66  
1IN C32 C33  doub Y N 67  
1IN C32 C28  sing Y N 68  
1IN C32 H32  sing N N 69  
1IN C33 C34  sing Y N 70  
1IN C33 H33  sing N N 71  
1IN C34 N5   doub Y N 72  
1IN C34 H34  sing N N 73  
1IN C35 C28  doub Y N 74  
1IN C35 N5   sing Y N 75  
1IN C35 H35  sing N N 76  
1IN N2  C4   sing N N 77  
1IN N2  HN2  sing N N 78  
1IN C4  C5   sing N N 79  
1IN C4  C6   sing N N 80  
1IN C5  H51  sing N N 81  
1IN C5  H52  sing N N 82  
1IN C5  H53  sing N N 83  
1IN C6  H61  sing N N 84  
1IN C6  H62  sing N N 85  
1IN C6  H63  sing N N 86  
1IN O2  HO2  sing N N 87  
1IN C17 C18  doub Y N 88  
1IN C17 H17  sing N N 89  
1IN C18 H18  sing N N 90  
1IN N4  HN4  sing N N 91  
1IN C23 H23  sing N N 92  
1IN C25 H251 sing N N 93  
1IN C25 H252 sing N N 94  
1IN C29 H291 sing N N 95  
1IN C29 H292 sing N N 96  
1IN C29 H293 sing N N 97  
1IN C26 H261 sing N N 98  
1IN C26 H262 sing N N 99  
ALA N   CA   sing N N 100 
ALA N   H    sing N N 101 
ALA N   H2   sing N N 102 
ALA CA  C    sing N N 103 
ALA CA  CB   sing N N 104 
ALA CA  HA   sing N N 105 
ALA C   O    doub N N 106 
ALA C   OXT  sing N N 107 
ALA CB  HB1  sing N N 108 
ALA CB  HB2  sing N N 109 
ALA CB  HB3  sing N N 110 
ALA OXT HXT  sing N N 111 
ARG N   CA   sing N N 112 
ARG N   H    sing N N 113 
ARG N   H2   sing N N 114 
ARG CA  C    sing N N 115 
ARG CA  CB   sing N N 116 
ARG CA  HA   sing N N 117 
ARG C   O    doub N N 118 
ARG C   OXT  sing N N 119 
ARG CB  CG   sing N N 120 
ARG CB  HB2  sing N N 121 
ARG CB  HB3  sing N N 122 
ARG CG  CD   sing N N 123 
ARG CG  HG2  sing N N 124 
ARG CG  HG3  sing N N 125 
ARG CD  NE   sing N N 126 
ARG CD  HD2  sing N N 127 
ARG CD  HD3  sing N N 128 
ARG NE  CZ   sing N N 129 
ARG NE  HE   sing N N 130 
ARG CZ  NH1  sing N N 131 
ARG CZ  NH2  doub N N 132 
ARG NH1 HH11 sing N N 133 
ARG NH1 HH12 sing N N 134 
ARG NH2 HH21 sing N N 135 
ARG NH2 HH22 sing N N 136 
ARG OXT HXT  sing N N 137 
ASN N   CA   sing N N 138 
ASN N   H    sing N N 139 
ASN N   H2   sing N N 140 
ASN CA  C    sing N N 141 
ASN CA  CB   sing N N 142 
ASN CA  HA   sing N N 143 
ASN C   O    doub N N 144 
ASN C   OXT  sing N N 145 
ASN CB  CG   sing N N 146 
ASN CB  HB2  sing N N 147 
ASN CB  HB3  sing N N 148 
ASN CG  OD1  doub N N 149 
ASN CG  ND2  sing N N 150 
ASN ND2 HD21 sing N N 151 
ASN ND2 HD22 sing N N 152 
ASN OXT HXT  sing N N 153 
ASP N   CA   sing N N 154 
ASP N   H    sing N N 155 
ASP N   H2   sing N N 156 
ASP CA  C    sing N N 157 
ASP CA  CB   sing N N 158 
ASP CA  HA   sing N N 159 
ASP C   O    doub N N 160 
ASP C   OXT  sing N N 161 
ASP CB  CG   sing N N 162 
ASP CB  HB2  sing N N 163 
ASP CB  HB3  sing N N 164 
ASP CG  OD1  doub N N 165 
ASP CG  OD2  sing N N 166 
ASP OD2 HD2  sing N N 167 
ASP OXT HXT  sing N N 168 
CYS N   CA   sing N N 169 
CYS N   H    sing N N 170 
CYS N   H2   sing N N 171 
CYS CA  C    sing N N 172 
CYS CA  CB   sing N N 173 
CYS CA  HA   sing N N 174 
CYS C   O    doub N N 175 
CYS C   OXT  sing N N 176 
CYS CB  SG   sing N N 177 
CYS CB  HB2  sing N N 178 
CYS CB  HB3  sing N N 179 
CYS SG  HG   sing N N 180 
CYS OXT HXT  sing N N 181 
GLN N   CA   sing N N 182 
GLN N   H    sing N N 183 
GLN N   H2   sing N N 184 
GLN CA  C    sing N N 185 
GLN CA  CB   sing N N 186 
GLN CA  HA   sing N N 187 
GLN C   O    doub N N 188 
GLN C   OXT  sing N N 189 
GLN CB  CG   sing N N 190 
GLN CB  HB2  sing N N 191 
GLN CB  HB3  sing N N 192 
GLN CG  CD   sing N N 193 
GLN CG  HG2  sing N N 194 
GLN CG  HG3  sing N N 195 
GLN CD  OE1  doub N N 196 
GLN CD  NE2  sing N N 197 
GLN NE2 HE21 sing N N 198 
GLN NE2 HE22 sing N N 199 
GLN OXT HXT  sing N N 200 
GLU N   CA   sing N N 201 
GLU N   H    sing N N 202 
GLU N   H2   sing N N 203 
GLU CA  C    sing N N 204 
GLU CA  CB   sing N N 205 
GLU CA  HA   sing N N 206 
GLU C   O    doub N N 207 
GLU C   OXT  sing N N 208 
GLU CB  CG   sing N N 209 
GLU CB  HB2  sing N N 210 
GLU CB  HB3  sing N N 211 
GLU CG  CD   sing N N 212 
GLU CG  HG2  sing N N 213 
GLU CG  HG3  sing N N 214 
GLU CD  OE1  doub N N 215 
GLU CD  OE2  sing N N 216 
GLU OE2 HE2  sing N N 217 
GLU OXT HXT  sing N N 218 
GLY N   CA   sing N N 219 
GLY N   H    sing N N 220 
GLY N   H2   sing N N 221 
GLY CA  C    sing N N 222 
GLY CA  HA2  sing N N 223 
GLY CA  HA3  sing N N 224 
GLY C   O    doub N N 225 
GLY C   OXT  sing N N 226 
GLY OXT HXT  sing N N 227 
HIS N   CA   sing N N 228 
HIS N   H    sing N N 229 
HIS N   H2   sing N N 230 
HIS CA  C    sing N N 231 
HIS CA  CB   sing N N 232 
HIS CA  HA   sing N N 233 
HIS C   O    doub N N 234 
HIS C   OXT  sing N N 235 
HIS CB  CG   sing N N 236 
HIS CB  HB2  sing N N 237 
HIS CB  HB3  sing N N 238 
HIS CG  ND1  sing Y N 239 
HIS CG  CD2  doub Y N 240 
HIS ND1 CE1  doub Y N 241 
HIS ND1 HD1  sing N N 242 
HIS CD2 NE2  sing Y N 243 
HIS CD2 HD2  sing N N 244 
HIS CE1 NE2  sing Y N 245 
HIS CE1 HE1  sing N N 246 
HIS NE2 HE2  sing N N 247 
HIS OXT HXT  sing N N 248 
HOH O   H1   sing N N 249 
HOH O   H2   sing N N 250 
ILE N   CA   sing N N 251 
ILE N   H    sing N N 252 
ILE N   H2   sing N N 253 
ILE CA  C    sing N N 254 
ILE CA  CB   sing N N 255 
ILE CA  HA   sing N N 256 
ILE C   O    doub N N 257 
ILE C   OXT  sing N N 258 
ILE CB  CG1  sing N N 259 
ILE CB  CG2  sing N N 260 
ILE CB  HB   sing N N 261 
ILE CG1 CD1  sing N N 262 
ILE CG1 HG12 sing N N 263 
ILE CG1 HG13 sing N N 264 
ILE CG2 HG21 sing N N 265 
ILE CG2 HG22 sing N N 266 
ILE CG2 HG23 sing N N 267 
ILE CD1 HD11 sing N N 268 
ILE CD1 HD12 sing N N 269 
ILE CD1 HD13 sing N N 270 
ILE OXT HXT  sing N N 271 
LEU N   CA   sing N N 272 
LEU N   H    sing N N 273 
LEU N   H2   sing N N 274 
LEU CA  C    sing N N 275 
LEU CA  CB   sing N N 276 
LEU CA  HA   sing N N 277 
LEU C   O    doub N N 278 
LEU C   OXT  sing N N 279 
LEU CB  CG   sing N N 280 
LEU CB  HB2  sing N N 281 
LEU CB  HB3  sing N N 282 
LEU CG  CD1  sing N N 283 
LEU CG  CD2  sing N N 284 
LEU CG  HG   sing N N 285 
LEU CD1 HD11 sing N N 286 
LEU CD1 HD12 sing N N 287 
LEU CD1 HD13 sing N N 288 
LEU CD2 HD21 sing N N 289 
LEU CD2 HD22 sing N N 290 
LEU CD2 HD23 sing N N 291 
LEU OXT HXT  sing N N 292 
LYS N   CA   sing N N 293 
LYS N   H    sing N N 294 
LYS N   H2   sing N N 295 
LYS CA  C    sing N N 296 
LYS CA  CB   sing N N 297 
LYS CA  HA   sing N N 298 
LYS C   O    doub N N 299 
LYS C   OXT  sing N N 300 
LYS CB  CG   sing N N 301 
LYS CB  HB2  sing N N 302 
LYS CB  HB3  sing N N 303 
LYS CG  CD   sing N N 304 
LYS CG  HG2  sing N N 305 
LYS CG  HG3  sing N N 306 
LYS CD  CE   sing N N 307 
LYS CD  HD2  sing N N 308 
LYS CD  HD3  sing N N 309 
LYS CE  NZ   sing N N 310 
LYS CE  HE2  sing N N 311 
LYS CE  HE3  sing N N 312 
LYS NZ  HZ1  sing N N 313 
LYS NZ  HZ2  sing N N 314 
LYS NZ  HZ3  sing N N 315 
LYS OXT HXT  sing N N 316 
MET N   CA   sing N N 317 
MET N   H    sing N N 318 
MET N   H2   sing N N 319 
MET CA  C    sing N N 320 
MET CA  CB   sing N N 321 
MET CA  HA   sing N N 322 
MET C   O    doub N N 323 
MET C   OXT  sing N N 324 
MET CB  CG   sing N N 325 
MET CB  HB2  sing N N 326 
MET CB  HB3  sing N N 327 
MET CG  SD   sing N N 328 
MET CG  HG2  sing N N 329 
MET CG  HG3  sing N N 330 
MET SD  CE   sing N N 331 
MET CE  HE1  sing N N 332 
MET CE  HE2  sing N N 333 
MET CE  HE3  sing N N 334 
MET OXT HXT  sing N N 335 
PHE N   CA   sing N N 336 
PHE N   H    sing N N 337 
PHE N   H2   sing N N 338 
PHE CA  C    sing N N 339 
PHE CA  CB   sing N N 340 
PHE CA  HA   sing N N 341 
PHE C   O    doub N N 342 
PHE C   OXT  sing N N 343 
PHE CB  CG   sing N N 344 
PHE CB  HB2  sing N N 345 
PHE CB  HB3  sing N N 346 
PHE CG  CD1  doub Y N 347 
PHE CG  CD2  sing Y N 348 
PHE CD1 CE1  sing Y N 349 
PHE CD1 HD1  sing N N 350 
PHE CD2 CE2  doub Y N 351 
PHE CD2 HD2  sing N N 352 
PHE CE1 CZ   doub Y N 353 
PHE CE1 HE1  sing N N 354 
PHE CE2 CZ   sing Y N 355 
PHE CE2 HE2  sing N N 356 
PHE CZ  HZ   sing N N 357 
PHE OXT HXT  sing N N 358 
PRO N   CA   sing N N 359 
PRO N   CD   sing N N 360 
PRO N   H    sing N N 361 
PRO CA  C    sing N N 362 
PRO CA  CB   sing N N 363 
PRO CA  HA   sing N N 364 
PRO C   O    doub N N 365 
PRO C   OXT  sing N N 366 
PRO CB  CG   sing N N 367 
PRO CB  HB2  sing N N 368 
PRO CB  HB3  sing N N 369 
PRO CG  CD   sing N N 370 
PRO CG  HG2  sing N N 371 
PRO CG  HG3  sing N N 372 
PRO CD  HD2  sing N N 373 
PRO CD  HD3  sing N N 374 
PRO OXT HXT  sing N N 375 
SER N   CA   sing N N 376 
SER N   H    sing N N 377 
SER N   H2   sing N N 378 
SER CA  C    sing N N 379 
SER CA  CB   sing N N 380 
SER CA  HA   sing N N 381 
SER C   O    doub N N 382 
SER C   OXT  sing N N 383 
SER CB  OG   sing N N 384 
SER CB  HB2  sing N N 385 
SER CB  HB3  sing N N 386 
SER OG  HG   sing N N 387 
SER OXT HXT  sing N N 388 
THR N   CA   sing N N 389 
THR N   H    sing N N 390 
THR N   H2   sing N N 391 
THR CA  C    sing N N 392 
THR CA  CB   sing N N 393 
THR CA  HA   sing N N 394 
THR C   O    doub N N 395 
THR C   OXT  sing N N 396 
THR CB  OG1  sing N N 397 
THR CB  CG2  sing N N 398 
THR CB  HB   sing N N 399 
THR OG1 HG1  sing N N 400 
THR CG2 HG21 sing N N 401 
THR CG2 HG22 sing N N 402 
THR CG2 HG23 sing N N 403 
THR OXT HXT  sing N N 404 
TRP N   CA   sing N N 405 
TRP N   H    sing N N 406 
TRP N   H2   sing N N 407 
TRP CA  C    sing N N 408 
TRP CA  CB   sing N N 409 
TRP CA  HA   sing N N 410 
TRP C   O    doub N N 411 
TRP C   OXT  sing N N 412 
TRP CB  CG   sing N N 413 
TRP CB  HB2  sing N N 414 
TRP CB  HB3  sing N N 415 
TRP CG  CD1  doub Y N 416 
TRP CG  CD2  sing Y N 417 
TRP CD1 NE1  sing Y N 418 
TRP CD1 HD1  sing N N 419 
TRP CD2 CE2  doub Y N 420 
TRP CD2 CE3  sing Y N 421 
TRP NE1 CE2  sing Y N 422 
TRP NE1 HE1  sing N N 423 
TRP CE2 CZ2  sing Y N 424 
TRP CE3 CZ3  doub Y N 425 
TRP CE3 HE3  sing N N 426 
TRP CZ2 CH2  doub Y N 427 
TRP CZ2 HZ2  sing N N 428 
TRP CZ3 CH2  sing Y N 429 
TRP CZ3 HZ3  sing N N 430 
TRP CH2 HH2  sing N N 431 
TRP OXT HXT  sing N N 432 
TYR N   CA   sing N N 433 
TYR N   H    sing N N 434 
TYR N   H2   sing N N 435 
TYR CA  C    sing N N 436 
TYR CA  CB   sing N N 437 
TYR CA  HA   sing N N 438 
TYR C   O    doub N N 439 
TYR C   OXT  sing N N 440 
TYR CB  CG   sing N N 441 
TYR CB  HB2  sing N N 442 
TYR CB  HB3  sing N N 443 
TYR CG  CD1  doub Y N 444 
TYR CG  CD2  sing Y N 445 
TYR CD1 CE1  sing Y N 446 
TYR CD1 HD1  sing N N 447 
TYR CD2 CE2  doub Y N 448 
TYR CD2 HD2  sing N N 449 
TYR CE1 CZ   doub Y N 450 
TYR CE1 HE1  sing N N 451 
TYR CE2 CZ   sing Y N 452 
TYR CE2 HE2  sing N N 453 
TYR CZ  OH   sing N N 454 
TYR OH  HH   sing N N 455 
TYR OXT HXT  sing N N 456 
VAL N   CA   sing N N 457 
VAL N   H    sing N N 458 
VAL N   H2   sing N N 459 
VAL CA  C    sing N N 460 
VAL CA  CB   sing N N 461 
VAL CA  HA   sing N N 462 
VAL C   O    doub N N 463 
VAL C   OXT  sing N N 464 
VAL CB  CG1  sing N N 465 
VAL CB  CG2  sing N N 466 
VAL CB  HB   sing N N 467 
VAL CG1 HG11 sing N N 468 
VAL CG1 HG12 sing N N 469 
VAL CG1 HG13 sing N N 470 
VAL CG2 HG21 sing N N 471 
VAL CG2 HG22 sing N N 472 
VAL CG2 HG23 sing N N 473 
VAL OXT HXT  sing N N 474 
# 
_atom_sites.entry_id                    2BPV 
_atom_sites.fract_transf_matrix[1][1]   0.00089149 
_atom_sites.fract_transf_matrix[1][2]   0.01314402 
_atom_sites.fract_transf_matrix[1][3]   -0.01075538 
_atom_sites.fract_transf_matrix[2][1]   0.01082840 
_atom_sites.fract_transf_matrix[2][2]   -0.00275702 
_atom_sites.fract_transf_matrix[2][3]   -0.00247178 
_atom_sites.fract_transf_matrix[3][1]   -0.00682376 
_atom_sites.fract_transf_matrix[3][2]   -0.01254682 
_atom_sites.fract_transf_matrix[3][3]   -0.01589893 
_atom_sites.fract_transf_vector[1]      0.270668 
_atom_sites.fract_transf_vector[2]      0.305317 
_atom_sites.fract_transf_vector[3]      0.076732 
# 
loop_
_atom_type.symbol 
C 
N 
O 
S 
# 
loop_
_atom_site.group_PDB 
_atom_site.id 
_atom_site.type_symbol 
_atom_site.label_atom_id 
_atom_site.label_alt_id 
_atom_site.label_comp_id 
_atom_site.label_asym_id 
_atom_site.label_entity_id 
_atom_site.label_seq_id 
_atom_site.pdbx_PDB_ins_code 
_atom_site.Cartn_x 
_atom_site.Cartn_y 
_atom_site.Cartn_z 
_atom_site.occupancy 
_atom_site.B_iso_or_equiv 
_atom_site.pdbx_formal_charge 
_atom_site.auth_seq_id 
_atom_site.auth_comp_id 
_atom_site.auth_asym_id 
_atom_site.auth_atom_id 
_atom_site.pdbx_PDB_model_num 
ATOM   1    N N   . PRO A 1 1  ? 13.039  5.966   -12.479 1.00 38.81  ? 1   PRO A N   1 
ATOM   2    C CA  . PRO A 1 1  ? 12.384  7.301   -12.586 1.00 38.83  ? 1   PRO A CA  1 
ATOM   3    C C   . PRO A 1 1  ? 11.935  7.718   -11.198 1.00 36.99  ? 1   PRO A C   1 
ATOM   4    O O   . PRO A 1 1  ? 12.101  6.957   -10.243 1.00 36.62  ? 1   PRO A O   1 
ATOM   5    C CB  . PRO A 1 1  ? 11.155  7.186   -13.491 1.00 40.43  ? 1   PRO A CB  1 
ATOM   6    C CG  . PRO A 1 1  ? 11.203  5.761   -13.939 1.00 41.92  ? 1   PRO A CG  1 
ATOM   7    C CD  . PRO A 1 1  ? 11.894  5.100   -12.784 1.00 39.34  ? 1   PRO A CD  1 
ATOM   8    N N   . GLN A 1 2  ? 11.414  8.938   -11.088 1.00 35.88  ? 2   GLN A N   1 
ATOM   9    C CA  . GLN A 1 2  ? 10.900  9.452   -9.825  1.00 34.46  ? 2   GLN A CA  1 
ATOM   10   C C   . GLN A 1 2  ? 9.397   9.572   -10.018 1.00 33.39  ? 2   GLN A C   1 
ATOM   11   O O   . GLN A 1 2  ? 8.930   10.213  -10.964 1.00 34.04  ? 2   GLN A O   1 
ATOM   12   C CB  . GLN A 1 2  ? 11.500  10.812  -9.479  1.00 34.43  ? 2   GLN A CB  1 
ATOM   13   C CG  . GLN A 1 2  ? 10.982  11.359  -8.162  1.00 34.79  ? 2   GLN A CG  1 
ATOM   14   C CD  . GLN A 1 2  ? 11.787  12.523  -7.649  1.00 36.04  ? 2   GLN A CD  1 
ATOM   15   O OE1 . GLN A 1 2  ? 11.514  13.674  -7.989  1.00 37.04  ? 2   GLN A OE1 1 
ATOM   16   N NE2 . GLN A 1 2  ? 12.780  12.237  -6.816  1.00 33.33  ? 2   GLN A NE2 1 
ATOM   17   N N   . ILE A 1 3  ? 8.645   8.929   -9.134  1.00 28.88  ? 3   ILE A N   1 
ATOM   18   C CA  . ILE A 1 3  ? 7.195   8.909   -9.197  1.00 24.45  ? 3   ILE A CA  1 
ATOM   19   C C   . ILE A 1 3  ? 6.574   9.671   -8.024  1.00 23.97  ? 3   ILE A C   1 
ATOM   20   O O   . ILE A 1 3  ? 6.897   9.400   -6.868  1.00 23.59  ? 3   ILE A O   1 
ATOM   21   C CB  . ILE A 1 3  ? 6.713   7.454   -9.211  1.00 24.46  ? 3   ILE A CB  1 
ATOM   22   C CG1 . ILE A 1 3  ? 7.343   6.804   -10.448 1.00 25.34  ? 3   ILE A CG1 1 
ATOM   23   C CG2 . ILE A 1 3  ? 5.192   7.363   -9.255  1.00 23.46  ? 3   ILE A CG2 1 
ATOM   24   C CD1 . ILE A 1 3  ? 7.039   5.335   -10.609 1.00 29.01  ? 3   ILE A CD1 1 
ATOM   25   N N   . THR A 1 4  ? 5.744   10.671  -8.326  1.00 24.95  ? 4   THR A N   1 
ATOM   26   C CA  . THR A 1 4  ? 5.052   11.452  -7.291  1.00 22.97  ? 4   THR A CA  1 
ATOM   27   C C   . THR A 1 4  ? 3.749   10.757  -6.884  1.00 18.29  ? 4   THR A C   1 
ATOM   28   O O   . THR A 1 4  ? 3.227   9.902   -7.610  1.00 15.09  ? 4   THR A O   1 
ATOM   29   C CB  . THR A 1 4  ? 4.750   12.896  -7.725  1.00 24.37  ? 4   THR A CB  1 
ATOM   30   O OG1 . THR A 1 4  ? 4.108   12.897  -9.010  1.00 26.64  ? 4   THR A OG1 1 
ATOM   31   C CG2 . THR A 1 4  ? 6.037   13.720  -7.781  1.00 26.08  ? 4   THR A CG2 1 
ATOM   32   N N   . LEU A 1 5  ? 3.232   11.114  -5.718  1.00 17.81  ? 5   LEU A N   1 
ATOM   33   C CA  . LEU A 1 5  ? 2.019   10.496  -5.217  1.00 16.51  ? 5   LEU A CA  1 
ATOM   34   C C   . LEU A 1 5  ? 0.745   11.342  -5.330  1.00 16.07  ? 5   LEU A C   1 
ATOM   35   O O   . LEU A 1 5  ? -0.196  11.144  -4.567  1.00 15.81  ? 5   LEU A O   1 
ATOM   36   C CB  . LEU A 1 5  ? 2.226   10.004  -3.780  1.00 14.89  ? 5   LEU A CB  1 
ATOM   37   C CG  . LEU A 1 5  ? 3.066   8.732   -3.553  1.00 18.39  ? 5   LEU A CG  1 
ATOM   38   C CD1 . LEU A 1 5  ? 3.110   7.831   -4.783  1.00 10.21  ? 5   LEU A CD1 1 
ATOM   39   C CD2 . LEU A 1 5  ? 4.452   9.087   -3.091  1.00 17.47  ? 5   LEU A CD2 1 
ATOM   40   N N   . TRP A 1 6  ? 0.735   12.311  -6.244  1.00 14.60  ? 6   TRP A N   1 
ATOM   41   C CA  . TRP A 1 6  ? -0.458  13.132  -6.460  1.00 15.08  ? 6   TRP A CA  1 
ATOM   42   C C   . TRP A 1 6  ? -1.545  12.205  -6.995  1.00 15.62  ? 6   TRP A C   1 
ATOM   43   O O   . TRP A 1 6  ? -2.725  12.372  -6.695  1.00 15.97  ? 6   TRP A O   1 
ATOM   44   C CB  . TRP A 1 6  ? -0.196  14.214  -7.506  1.00 16.28  ? 6   TRP A CB  1 
ATOM   45   C CG  . TRP A 1 6  ? 0.696   15.325  -7.076  1.00 17.81  ? 6   TRP A CG  1 
ATOM   46   C CD1 . TRP A 1 6  ? 1.926   15.638  -7.582  1.00 17.81  ? 6   TRP A CD1 1 
ATOM   47   C CD2 . TRP A 1 6  ? 0.411   16.314  -6.081  1.00 17.13  ? 6   TRP A CD2 1 
ATOM   48   N NE1 . TRP A 1 6  ? 2.417   16.757  -6.962  1.00 19.57  ? 6   TRP A NE1 1 
ATOM   49   C CE2 . TRP A 1 6  ? 1.508   17.195  -6.033  1.00 19.30  ? 6   TRP A CE2 1 
ATOM   50   C CE3 . TRP A 1 6  ? -0.674  16.552  -5.213  1.00 18.76  ? 6   TRP A CE3 1 
ATOM   51   C CZ2 . TRP A 1 6  ? 1.560   18.289  -5.162  1.00 21.13  ? 6   TRP A CZ2 1 
ATOM   52   C CZ3 . TRP A 1 6  ? -0.621  17.635  -4.350  1.00 17.00  ? 6   TRP A CZ3 1 
ATOM   53   C CH2 . TRP A 1 6  ? 0.487   18.488  -4.331  1.00 16.81  ? 6   TRP A CH2 1 
ATOM   54   N N   . GLN A 1 7  ? -1.127  11.248  -7.816  1.00 13.40  ? 7   GLN A N   1 
ATOM   55   C CA  . GLN A 1 7  ? -2.015  10.265  -8.411  1.00 14.81  ? 7   GLN A CA  1 
ATOM   56   C C   . GLN A 1 7  ? -1.531  8.886   -7.948  1.00 14.25  ? 7   GLN A C   1 
ATOM   57   O O   . GLN A 1 7  ? -0.477  8.769   -7.336  1.00 12.71  ? 7   GLN A O   1 
ATOM   58   C CB  . GLN A 1 7  ? -1.955  10.351  -9.942  1.00 18.01  ? 7   GLN A CB  1 
ATOM   59   C CG  . GLN A 1 7  ? -2.441  11.669  -10.563 1.00 26.94  ? 7   GLN A CG  1 
ATOM   60   C CD  . GLN A 1 7  ? -1.322  12.663  -10.905 1.00 33.14  ? 7   GLN A CD  1 
ATOM   61   O OE1 . GLN A 1 7  ? -0.316  12.316  -11.535 1.00 36.71  ? 7   GLN A OE1 1 
ATOM   62   N NE2 . GLN A 1 7  ? -1.531  13.919  -10.543 1.00 36.04  ? 7   GLN A NE2 1 
ATOM   63   N N   . ARG A 1 8  ? -2.322  7.851   -8.208  1.00 13.72  ? 8   ARG A N   1 
ATOM   64   C CA  . ARG A 1 8  ? -1.941  6.487   -7.844  1.00 15.33  ? 8   ARG A CA  1 
ATOM   65   C C   . ARG A 1 8  ? -0.708  6.082   -8.660  1.00 16.29  ? 8   ARG A C   1 
ATOM   66   O O   . ARG A 1 8  ? -0.674  6.305   -9.882  1.00 15.48  ? 8   ARG A O   1 
ATOM   67   C CB  . ARG A 1 8  ? -3.080  5.510   -8.154  1.00 14.23  ? 8   ARG A CB  1 
ATOM   68   C CG  . ARG A 1 8  ? -4.234  5.520   -7.175  1.00 15.16  ? 8   ARG A CG  1 
ATOM   69   C CD  . ARG A 1 8  ? -5.263  4.481   -7.574  1.00 17.59  ? 8   ARG A CD  1 
ATOM   70   N NE  . ARG A 1 8  ? -6.288  4.294   -6.551  1.00 21.27  ? 8   ARG A NE  1 
ATOM   71   C CZ  . ARG A 1 8  ? -7.306  3.442   -6.649  1.00 26.67  ? 8   ARG A CZ  1 
ATOM   72   N NH1 . ARG A 1 8  ? -7.452  2.683   -7.731  1.00 27.40  ? 8   ARG A NH1 1 
ATOM   73   N NH2 . ARG A 1 8  ? -8.183  3.346   -5.657  1.00 26.57  ? 8   ARG A NH2 1 
ATOM   74   N N   . PRO A 1 9  ? 0.306   5.473   -8.020  1.00 16.14  ? 9   PRO A N   1 
ATOM   75   C CA  . PRO A 1 9  ? 1.522   5.056   -8.736  1.00 17.33  ? 9   PRO A CA  1 
ATOM   76   C C   . PRO A 1 9  ? 1.325   3.785   -9.582  1.00 15.65  ? 9   PRO A C   1 
ATOM   77   O O   . PRO A 1 9  ? 1.806   2.711   -9.224  1.00 16.85  ? 9   PRO A O   1 
ATOM   78   C CB  . PRO A 1 9  ? 2.543   4.852   -7.614  1.00 15.89  ? 9   PRO A CB  1 
ATOM   79   C CG  . PRO A 1 9  ? 1.695   4.394   -6.464  1.00 16.43  ? 9   PRO A CG  1 
ATOM   80   C CD  . PRO A 1 9  ? 0.476   5.299   -6.557  1.00 17.20  ? 9   PRO A CD  1 
ATOM   81   N N   . LEU A 1 10 ? 0.628   3.927   -10.700 1.00 15.52  ? 10  LEU A N   1 
ATOM   82   C CA  . LEU A 1 10 ? 0.354   2.819   -11.610 1.00 18.17  ? 10  LEU A CA  1 
ATOM   83   C C   . LEU A 1 10 ? 1.425   2.744   -12.693 1.00 19.55  ? 10  LEU A C   1 
ATOM   84   O O   . LEU A 1 10 ? 1.827   3.774   -13.240 1.00 22.81  ? 10  LEU A O   1 
ATOM   85   C CB  . LEU A 1 10 ? -1.024  2.992   -12.255 1.00 20.88  ? 10  LEU A CB  1 
ATOM   86   C CG  . LEU A 1 10 ? -2.190  2.914   -11.263 1.00 24.00  ? 10  LEU A CG  1 
ATOM   87   C CD1 . LEU A 1 10 ? -3.387  3.649   -11.819 1.00 26.47  ? 10  LEU A CD1 1 
ATOM   88   C CD2 . LEU A 1 10 ? -2.546  1.465   -10.939 1.00 24.73  ? 10  LEU A CD2 1 
ATOM   89   N N   . VAL A 1 11 ? 1.875   1.528   -13.005 1.00 18.97  ? 11  VAL A N   1 
ATOM   90   C CA  . VAL A 1 11 ? 2.903   1.299   -14.026 1.00 18.98  ? 11  VAL A CA  1 
ATOM   91   C C   . VAL A 1 11 ? 2.502   0.114   -14.884 1.00 19.96  ? 11  VAL A C   1 
ATOM   92   O O   . VAL A 1 11 ? 1.610   -0.655  -14.511 1.00 20.36  ? 11  VAL A O   1 
ATOM   93   C CB  . VAL A 1 11 ? 4.279   0.973   -13.409 1.00 17.81  ? 11  VAL A CB  1 
ATOM   94   C CG1 . VAL A 1 11 ? 4.824   2.171   -12.658 1.00 19.44  ? 11  VAL A CG1 1 
ATOM   95   C CG2 . VAL A 1 11 ? 4.193   -0.240  -12.491 1.00 16.82  ? 11  VAL A CG2 1 
ATOM   96   N N   . THR A 1 12 ? 3.133   -0.022  -16.043 1.00 20.28  ? 12  THR A N   1 
ATOM   97   C CA  . THR A 1 12 ? 2.842   -1.143  -16.925 1.00 21.63  ? 12  THR A CA  1 
ATOM   98   C C   . THR A 1 12 ? 3.789   -2.289  -16.594 1.00 21.99  ? 12  THR A C   1 
ATOM   99   O O   . THR A 1 12 ? 4.990   -2.079  -16.404 1.00 24.26  ? 12  THR A O   1 
ATOM   100  C CB  . THR A 1 12 ? 3.019   -0.762  -18.394 1.00 25.51  ? 12  THR A CB  1 
ATOM   101  O OG1 . THR A 1 12 ? 2.178   0.360   -18.699 1.00 33.20  ? 12  THR A OG1 1 
ATOM   102  C CG2 . THR A 1 12 ? 2.630   -1.929  -19.298 1.00 27.63  ? 12  THR A CG2 1 
ATOM   103  N N   . ILE A 1 13 ? 3.236   -3.487  -16.466 1.00 21.09  ? 13  ILE A N   1 
ATOM   104  C CA  . ILE A 1 13 ? 4.025   -4.675  -16.180 1.00 21.83  ? 13  ILE A CA  1 
ATOM   105  C C   . ILE A 1 13 ? 3.725   -5.674  -17.288 1.00 23.49  ? 13  ILE A C   1 
ATOM   106  O O   . ILE A 1 13 ? 2.683   -5.577  -17.951 1.00 24.08  ? 13  ILE A O   1 
ATOM   107  C CB  . ILE A 1 13 ? 3.676   -5.319  -14.813 1.00 21.31  ? 13  ILE A CB  1 
ATOM   108  C CG1 . ILE A 1 13 ? 2.259   -5.911  -14.810 1.00 23.22  ? 13  ILE A CG1 1 
ATOM   109  C CG2 . ILE A 1 13 ? 3.861   -4.307  -13.679 1.00 19.27  ? 13  ILE A CG2 1 
ATOM   110  C CD1 . ILE A 1 13 ? 2.005   -6.910  -13.691 1.00 22.50  ? 13  ILE A CD1 1 
ATOM   111  N N   . LYS A 1 14 ? 4.660   -6.583  -17.543 1.00 25.48  ? 14  LYS A N   1 
ATOM   112  C CA  . LYS A 1 14 ? 4.468   -7.613  -18.558 1.00 25.58  ? 14  LYS A CA  1 
ATOM   113  C C   . LYS A 1 14 ? 4.640   -8.922  -17.827 1.00 23.10  ? 14  LYS A C   1 
ATOM   114  O O   . LYS A 1 14 ? 5.653   -9.133  -17.160 1.00 21.02  ? 14  LYS A O   1 
ATOM   115  C CB  . LYS A 1 14 ? 5.503   -7.508  -19.684 1.00 30.74  ? 14  LYS A CB  1 
ATOM   116  C CG  . LYS A 1 14 ? 5.167   -8.352  -20.918 1.00 36.93  ? 14  LYS A CG  1 
ATOM   117  C CD  . LYS A 1 14 ? 6.300   -9.302  -21.327 1.00 44.75  ? 14  LYS A CD  1 
ATOM   118  C CE  . LYS A 1 14 ? 6.271   -10.653 -20.579 1.00 50.25  ? 14  LYS A CE  1 
ATOM   119  N NZ  . LYS A 1 14 ? 7.127   -10.750 -19.344 1.00 50.57  ? 14  LYS A NZ  1 
ATOM   120  N N   . ILE A 1 15 ? 3.642   -9.783  -17.930 1.00 23.56  ? 15  ILE A N   1 
ATOM   121  C CA  . ILE A 1 15 ? 3.679   -11.076 -17.271 1.00 28.43  ? 15  ILE A CA  1 
ATOM   122  C C   . ILE A 1 15 ? 2.996   -12.088 -18.168 1.00 30.44  ? 15  ILE A C   1 
ATOM   123  O O   . ILE A 1 15 ? 1.851   -11.900 -18.572 1.00 32.02  ? 15  ILE A O   1 
ATOM   124  C CB  . ILE A 1 15 ? 3.004   -11.023 -15.891 1.00 27.55  ? 15  ILE A CB  1 
ATOM   125  C CG1 . ILE A 1 15 ? 2.988   -12.412 -15.252 1.00 28.64  ? 15  ILE A CG1 1 
ATOM   126  C CG2 . ILE A 1 15 ? 1.601   -10.435 -16.003 1.00 27.45  ? 15  ILE A CG2 1 
ATOM   127  C CD1 . ILE A 1 15 ? 2.481   -12.435 -13.816 1.00 29.42  ? 15  ILE A CD1 1 
ATOM   128  N N   . GLY A 1 16 ? 3.727   -13.129 -18.538 1.00 34.09  ? 16  GLY A N   1 
ATOM   129  C CA  . GLY A 1 16 ? 3.172   -14.149 -19.409 1.00 38.39  ? 16  GLY A CA  1 
ATOM   130  C C   . GLY A 1 16 ? 2.835   -13.589 -20.783 1.00 39.67  ? 16  GLY A C   1 
ATOM   131  O O   . GLY A 1 16 ? 1.857   -14.004 -21.408 1.00 41.68  ? 16  GLY A O   1 
ATOM   132  N N   . GLY A 1 17 ? 3.630   -12.628 -21.243 1.00 39.75  ? 17  GLY A N   1 
ATOM   133  C CA  . GLY A 1 17 ? 3.394   -12.018 -22.538 1.00 41.61  ? 17  GLY A CA  1 
ATOM   134  C C   . GLY A 1 17 ? 2.331   -10.934 -22.498 1.00 42.88  ? 17  GLY A C   1 
ATOM   135  O O   . GLY A 1 17 ? 2.269   -10.079 -23.378 1.00 44.84  ? 17  GLY A O   1 
ATOM   136  N N   . GLN A 1 18 ? 1.512   -10.952 -21.453 1.00 42.11  ? 18  GLN A N   1 
ATOM   137  C CA  . GLN A 1 18 ? 0.442   -9.984  -21.284 1.00 40.97  ? 18  GLN A CA  1 
ATOM   138  C C   . GLN A 1 18 ? 0.919   -8.694  -20.632 1.00 37.56  ? 18  GLN A C   1 
ATOM   139  O O   . GLN A 1 18 ? 1.693   -8.716  -19.673 1.00 34.27  ? 18  GLN A O   1 
ATOM   140  C CB  . GLN A 1 18 ? -0.666  -10.591 -20.417 1.00 46.19  ? 18  GLN A CB  1 
ATOM   141  C CG  . GLN A 1 18 ? -1.423  -11.759 -21.047 1.00 51.36  ? 18  GLN A CG  1 
ATOM   142  C CD  . GLN A 1 18 ? -2.186  -12.585 -20.016 1.00 55.11  ? 18  GLN A CD  1 
ATOM   143  O OE1 . GLN A 1 18 ? -3.273  -12.209 -19.566 1.00 54.33  ? 18  GLN A OE1 1 
ATOM   144  N NE2 . GLN A 1 18 ? -1.615  -13.722 -19.641 1.00 58.31  ? 18  GLN A NE2 1 
ATOM   145  N N   . LEU A 1 19 ? 0.455   -7.570  -21.162 1.00 36.18  ? 19  LEU A N   1 
ATOM   146  C CA  . LEU A 1 19 ? 0.782   -6.268  -20.600 1.00 34.65  ? 19  LEU A CA  1 
ATOM   147  C C   . LEU A 1 19 ? -0.372  -5.929  -19.660 1.00 31.71  ? 19  LEU A C   1 
ATOM   148  O O   . LEU A 1 19 ? -1.537  -6.079  -20.023 1.00 32.40  ? 19  LEU A O   1 
ATOM   149  C CB  . LEU A 1 19 ? 0.889   -5.208  -21.697 1.00 37.24  ? 19  LEU A CB  1 
ATOM   150  C CG  . LEU A 1 19 ? 2.123   -5.346  -22.590 1.00 38.40  ? 19  LEU A CG  1 
ATOM   151  C CD1 . LEU A 1 19 ? 1.978   -4.428  -23.790 1.00 41.77  ? 19  LEU A CD1 1 
ATOM   152  C CD2 . LEU A 1 19 ? 3.380   -4.999  -21.813 1.00 40.34  ? 19  LEU A CD2 1 
ATOM   153  N N   . LYS A 1 20 ? -0.051  -5.520  -18.442 1.00 28.19  ? 20  LYS A N   1 
ATOM   154  C CA  . LYS A 1 20 ? -1.069  -5.175  -17.457 1.00 25.75  ? 20  LYS A CA  1 
ATOM   155  C C   . LYS A 1 20 ? -0.669  -3.899  -16.733 1.00 25.40  ? 20  LYS A C   1 
ATOM   156  O O   . LYS A 1 20 ? 0.468   -3.455  -16.823 1.00 26.46  ? 20  LYS A O   1 
ATOM   157  C CB  . LYS A 1 20 ? -1.246  -6.312  -16.444 1.00 26.22  ? 20  LYS A CB  1 
ATOM   158  C CG  . LYS A 1 20 ? -1.917  -7.564  -17.014 1.00 31.21  ? 20  LYS A CG  1 
ATOM   159  C CD  . LYS A 1 20 ? -1.943  -8.697  -16.003 1.00 34.32  ? 20  LYS A CD  1 
ATOM   160  C CE  . LYS A 1 20 ? -2.693  -9.912  -16.541 1.00 39.84  ? 20  LYS A CE  1 
ATOM   161  N NZ  . LYS A 1 20 ? -4.171  -9.710  -16.619 1.00 46.01  ? 20  LYS A NZ  1 
ATOM   162  N N   . GLU A 1 21 ? -1.624  -3.282  -16.057 1.00 25.03  ? 21  GLU A N   1 
ATOM   163  C CA  . GLU A 1 21 ? -1.375  -2.055  -15.305 1.00 23.77  ? 21  GLU A CA  1 
ATOM   164  C C   . GLU A 1 21 ? -1.374  -2.479  -13.841 1.00 19.87  ? 21  GLU A C   1 
ATOM   165  O O   . GLU A 1 21 ? -2.275  -3.209  -13.406 1.00 20.70  ? 21  GLU A O   1 
ATOM   166  C CB  . GLU A 1 21 ? -2.499  -1.049  -15.577 1.00 29.97  ? 21  GLU A CB  1 
ATOM   167  C CG  . GLU A 1 21 ? -2.331  0.318   -14.942 1.00 42.18  ? 21  GLU A CG  1 
ATOM   168  C CD  . GLU A 1 21 ? -3.515  1.234   -15.230 1.00 48.85  ? 21  GLU A CD  1 
ATOM   169  O OE1 . GLU A 1 21 ? -4.636  0.945   -14.747 1.00 51.53  ? 21  GLU A OE1 1 
ATOM   170  O OE2 . GLU A 1 21 ? -3.322  2.241   -15.945 1.00 52.78  ? 21  GLU A OE2 1 
ATOM   171  N N   . ALA A 1 22 ? -0.369  -2.062  -13.083 1.00 13.86  ? 22  ALA A N   1 
ATOM   172  C CA  . ALA A 1 22 ? -0.311  -2.449  -11.685 1.00 9.72   ? 22  ALA A CA  1 
ATOM   173  C C   . ALA A 1 22 ? 0.094   -1.290  -10.814 1.00 9.94   ? 22  ALA A C   1 
ATOM   174  O O   . ALA A 1 22 ? 0.685   -0.325  -11.280 1.00 10.95  ? 22  ALA A O   1 
ATOM   175  C CB  . ALA A 1 22 ? 0.629   -3.619  -11.491 1.00 9.44   ? 22  ALA A CB  1 
ATOM   176  N N   . LEU A 1 23 ? -0.231  -1.415  -9.538  1.00 12.42  ? 23  LEU A N   1 
ATOM   177  C CA  . LEU A 1 23 ? 0.040   -0.406  -8.527  1.00 11.56  ? 23  LEU A CA  1 
ATOM   178  C C   . LEU A 1 23 ? 1.321   -0.720  -7.740  1.00 12.84  ? 23  LEU A C   1 
ATOM   179  O O   . LEU A 1 23 ? 1.493   -1.847  -7.274  1.00 14.53  ? 23  LEU A O   1 
ATOM   180  C CB  . LEU A 1 23 ? -1.162  -0.373  -7.571  1.00 13.63  ? 23  LEU A CB  1 
ATOM   181  C CG  . LEU A 1 23 ? -1.245  0.697   -6.492  1.00 16.00  ? 23  LEU A CG  1 
ATOM   182  C CD1 . LEU A 1 23 ? -1.412  2.054   -7.128  1.00 19.79  ? 23  LEU A CD1 1 
ATOM   183  C CD2 . LEU A 1 23 ? -2.424  0.384   -5.582  1.00 22.86  ? 23  LEU A CD2 1 
ATOM   184  N N   . LEU A 1 24 ? 2.224   0.258   -7.621  1.00 12.55  ? 24  LEU A N   1 
ATOM   185  C CA  . LEU A 1 24 ? 3.463   0.099   -6.856  1.00 9.68   ? 24  LEU A CA  1 
ATOM   186  C C   . LEU A 1 24 ? 3.053   0.386   -5.424  1.00 8.20   ? 24  LEU A C   1 
ATOM   187  O O   . LEU A 1 24 ? 2.869   1.542   -5.039  1.00 10.67  ? 24  LEU A O   1 
ATOM   188  C CB  . LEU A 1 24 ? 4.532   1.097   -7.328  1.00 12.68  ? 24  LEU A CB  1 
ATOM   189  C CG  . LEU A 1 24 ? 4.934   0.937   -8.802  1.00 14.71  ? 24  LEU A CG  1 
ATOM   190  C CD1 . LEU A 1 24 ? 5.985   1.970   -9.168  1.00 16.55  ? 24  LEU A CD1 1 
ATOM   191  C CD2 . LEU A 1 24 ? 5.459   -0.473  -9.067  1.00 14.85  ? 24  LEU A CD2 1 
ATOM   192  N N   . ASP A 1 25 ? 2.953   -0.669  -4.635  1.00 6.80   ? 25  ASP A N   1 
ATOM   193  C CA  . ASP A 1 25 ? 2.481   -0.572  -3.271  1.00 8.77   ? 25  ASP A CA  1 
ATOM   194  C C   . ASP A 1 25 ? 3.470   -0.948  -2.162  1.00 7.68   ? 25  ASP A C   1 
ATOM   195  O O   . ASP A 1 25 ? 3.670   -2.123  -1.862  1.00 9.19   ? 25  ASP A O   1 
ATOM   196  C CB  . ASP A 1 25 ? 1.222   -1.438  -3.192  1.00 9.25   ? 25  ASP A CB  1 
ATOM   197  C CG  . ASP A 1 25 ? 0.436   -1.256  -1.910  1.00 11.70  ? 25  ASP A CG  1 
ATOM   198  O OD1 . ASP A 1 25 ? 0.865   -0.519  -0.994  1.00 13.65  ? 25  ASP A OD1 1 
ATOM   199  O OD2 . ASP A 1 25 ? -0.648  -1.861  -1.834  1.00 10.38  ? 25  ASP A OD2 1 
ATOM   200  N N   . THR A 1 26 ? 3.970   0.062   -1.456  1.00 8.41   ? 26  THR A N   1 
ATOM   201  C CA  . THR A 1 26 ? 4.909   -0.152  -0.362  1.00 9.06   ? 26  THR A CA  1 
ATOM   202  C C   . THR A 1 26 ? 4.263   -0.782  0.877   1.00 11.20  ? 26  THR A C   1 
ATOM   203  O O   . THR A 1 26 ? 4.953   -1.326  1.743   1.00 9.90   ? 26  THR A O   1 
ATOM   204  C CB  . THR A 1 26 ? 5.565   1.154   0.056   1.00 9.40   ? 26  THR A CB  1 
ATOM   205  O OG1 . THR A 1 26 ? 4.566   2.060   0.526   1.00 11.12  ? 26  THR A OG1 1 
ATOM   206  C CG2 . THR A 1 26 ? 6.295   1.782   -1.114  1.00 8.79   ? 26  THR A CG2 1 
ATOM   207  N N   . GLY A 1 27 ? 2.943   -0.680  0.973   1.00 11.70  ? 27  GLY A N   1 
ATOM   208  C CA  . GLY A 1 27 ? 2.241   -1.254  2.106   1.00 8.52   ? 27  GLY A CA  1 
ATOM   209  C C   . GLY A 1 27 ? 1.967   -2.734  1.953   1.00 8.27   ? 27  GLY A C   1 
ATOM   210  O O   . GLY A 1 27 ? 1.644   -3.408  2.939   1.00 10.60  ? 27  GLY A O   1 
ATOM   211  N N   . ALA A 1 28 ? 2.076   -3.243  0.724   1.00 8.23   ? 28  ALA A N   1 
ATOM   212  C CA  . ALA A 1 28 ? 1.838   -4.656  0.435   1.00 7.68   ? 28  ALA A CA  1 
ATOM   213  C C   . ALA A 1 28 ? 3.080   -5.527  0.601   1.00 10.23  ? 28  ALA A C   1 
ATOM   214  O O   . ALA A 1 28 ? 4.099   -5.301  -0.047  1.00 10.63  ? 28  ALA A O   1 
ATOM   215  C CB  . ALA A 1 28 ? 1.301   -4.808  -0.961  1.00 3.31   ? 28  ALA A CB  1 
ATOM   216  N N   . ASP A 1 29 ? 2.981   -6.547  1.445   1.00 9.37   ? 29  ASP A N   1 
ATOM   217  C CA  . ASP A 1 29 ? 4.107   -7.450  1.644   1.00 12.25  ? 29  ASP A CA  1 
ATOM   218  C C   . ASP A 1 29 ? 4.273   -8.311  0.410   1.00 14.51  ? 29  ASP A C   1 
ATOM   219  O O   . ASP A 1 29 ? 5.392   -8.596  -0.013  1.00 13.71  ? 29  ASP A O   1 
ATOM   220  C CB  . ASP A 1 29 ? 3.873   -8.367  2.846   1.00 11.78  ? 29  ASP A CB  1 
ATOM   221  C CG  . ASP A 1 29 ? 3.836   -7.621  4.160   1.00 13.80  ? 29  ASP A CG  1 
ATOM   222  O OD1 . ASP A 1 29 ? 4.287   -6.466  4.224   1.00 15.08  ? 29  ASP A OD1 1 
ATOM   223  O OD2 . ASP A 1 29 ? 3.347   -8.199  5.146   1.00 17.23  ? 29  ASP A OD2 1 
ATOM   224  N N   . ASP A 1 30 ? 3.145   -8.679  -0.188  1.00 13.61  ? 30  ASP A N   1 
ATOM   225  C CA  . ASP A 1 30 ? 3.127   -9.547  -1.354  1.00 14.73  ? 30  ASP A CA  1 
ATOM   226  C C   . ASP A 1 30 ? 2.619   -8.883  -2.624  1.00 14.17  ? 30  ASP A C   1 
ATOM   227  O O   . ASP A 1 30 ? 2.148   -7.740  -2.607  1.00 13.72  ? 30  ASP A O   1 
ATOM   228  C CB  . ASP A 1 30 ? 2.266   -10.774 -1.055  1.00 19.77  ? 30  ASP A CB  1 
ATOM   229  C CG  . ASP A 1 30 ? 2.656   -11.453 0.242   1.00 27.79  ? 30  ASP A CG  1 
ATOM   230  O OD1 . ASP A 1 30 ? 3.834   -11.851 0.389   1.00 32.15  ? 30  ASP A OD1 1 
ATOM   231  O OD2 . ASP A 1 30 ? 1.784   -11.585 1.125   1.00 31.58  ? 30  ASP A OD2 1 
ATOM   232  N N   . THR A 1 31 ? 2.741   -9.615  -3.725  1.00 11.58  ? 31  THR A N   1 
ATOM   233  C CA  . THR A 1 31 ? 2.298   -9.170  -5.031  1.00 12.46  ? 31  THR A CA  1 
ATOM   234  C C   . THR A 1 31 ? 1.046   -10.003 -5.342  1.00 12.87  ? 31  THR A C   1 
ATOM   235  O O   . THR A 1 31 ? 1.080   -11.238 -5.298  1.00 12.62  ? 31  THR A O   1 
ATOM   236  C CB  . THR A 1 31 ? 3.411   -9.391  -6.073  1.00 11.89  ? 31  THR A CB  1 
ATOM   237  O OG1 . THR A 1 31 ? 4.492   -8.492  -5.807  1.00 9.27   ? 31  THR A OG1 1 
ATOM   238  C CG2 . THR A 1 31 ? 2.906   -9.153  -7.474  1.00 10.10  ? 31  THR A CG2 1 
ATOM   239  N N   . VAL A 1 32 ? -0.070  -9.327  -5.592  1.00 14.06  ? 32  VAL A N   1 
ATOM   240  C CA  . VAL A 1 32 ? -1.331  -10.009 -5.863  1.00 13.79  ? 32  VAL A CA  1 
ATOM   241  C C   . VAL A 1 32 ? -1.869  -9.527  -7.188  1.00 11.73  ? 32  VAL A C   1 
ATOM   242  O O   . VAL A 1 32 ? -1.969  -8.328  -7.416  1.00 13.89  ? 32  VAL A O   1 
ATOM   243  C CB  . VAL A 1 32 ? -2.393  -9.719  -4.780  1.00 13.73  ? 32  VAL A CB  1 
ATOM   244  C CG1 . VAL A 1 32 ? -3.496  -10.748 -4.844  1.00 12.47  ? 32  VAL A CG1 1 
ATOM   245  C CG2 . VAL A 1 32 ? -1.761  -9.687  -3.395  1.00 12.53  ? 32  VAL A CG2 1 
ATOM   246  N N   . LEU A 1 33 ? -2.221  -10.459 -8.064  1.00 11.57  ? 33  LEU A N   1 
ATOM   247  C CA  . LEU A 1 33 ? -2.744  -10.100 -9.371  1.00 16.79  ? 33  LEU A CA  1 
ATOM   248  C C   . LEU A 1 33 ? -4.148  -10.674 -9.562  1.00 17.52  ? 33  LEU A C   1 
ATOM   249  O O   . LEU A 1 33 ? -4.513  -11.682 -8.948  1.00 16.39  ? 33  LEU A O   1 
ATOM   250  C CB  . LEU A 1 33 ? -1.811  -10.594 -10.486 1.00 16.78  ? 33  LEU A CB  1 
ATOM   251  C CG  . LEU A 1 33 ? -0.374  -10.041 -10.509 1.00 17.35  ? 33  LEU A CG  1 
ATOM   252  C CD1 . LEU A 1 33 ? 0.331   -10.677 -11.680 1.00 21.92  ? 33  LEU A CD1 1 
ATOM   253  C CD2 . LEU A 1 33 ? -0.314  -8.519  -10.625 1.00 14.56  ? 33  LEU A CD2 1 
ATOM   254  N N   . GLU A 1 34 ? -4.930  -10.008 -10.403 1.00 19.32  ? 34  GLU A N   1 
ATOM   255  C CA  . GLU A 1 34 ? -6.298  -10.423 -10.697 1.00 22.04  ? 34  GLU A CA  1 
ATOM   256  C C   . GLU A 1 34 ? -6.261  -11.777 -11.379 1.00 20.57  ? 34  GLU A C   1 
ATOM   257  O O   . GLU A 1 34 ? -5.285  -12.100 -12.041 1.00 19.19  ? 34  GLU A O   1 
ATOM   258  C CB  . GLU A 1 34 ? -6.969  -9.390  -11.604 1.00 27.51  ? 34  GLU A CB  1 
ATOM   259  C CG  . GLU A 1 34 ? -7.121  -8.008  -10.952 1.00 37.10  ? 34  GLU A CG  1 
ATOM   260  C CD  . GLU A 1 34 ? -7.588  -6.914  -11.913 1.00 41.24  ? 34  GLU A CD  1 
ATOM   261  O OE1 . GLU A 1 34 ? -7.824  -7.205  -13.110 1.00 44.97  ? 34  GLU A OE1 1 
ATOM   262  O OE2 . GLU A 1 34 ? -7.716  -5.749  -11.461 1.00 43.00  ? 34  GLU A OE2 1 
ATOM   263  N N   . GLU A 1 35 ? -7.306  -12.574 -11.165 1.00 19.48  ? 35  GLU A N   1 
ATOM   264  C CA  . GLU A 1 35 ? -7.435  -13.911 -11.750 1.00 22.32  ? 35  GLU A CA  1 
ATOM   265  C C   . GLU A 1 35 ? -6.854  -14.086 -13.141 1.00 21.81  ? 35  GLU A C   1 
ATOM   266  O O   . GLU A 1 35 ? -7.260  -13.402 -14.077 1.00 21.31  ? 35  GLU A O   1 
ATOM   267  C CB  . GLU A 1 35 ? -8.901  -14.335 -11.787 1.00 25.13  ? 35  GLU A CB  1 
ATOM   268  C CG  . GLU A 1 35 ? -9.387  -14.994 -10.517 1.00 32.42  ? 35  GLU A CG  1 
ATOM   269  C CD  . GLU A 1 35 ? -8.687  -16.310 -10.249 1.00 36.47  ? 35  GLU A CD  1 
ATOM   270  O OE1 . GLU A 1 35 ? -8.372  -17.020 -11.224 1.00 38.66  ? 35  GLU A OE1 1 
ATOM   271  O OE2 . GLU A 1 35 ? -8.444  -16.628 -9.065  1.00 43.13  ? 35  GLU A OE2 1 
ATOM   272  N N   . MET A 1 36 ? -5.924  -15.026 -13.273 1.00 23.74  ? 36  MET A N   1 
ATOM   273  C CA  . MET A 1 36 ? -5.275  -15.317 -14.546 1.00 25.03  ? 36  MET A CA  1 
ATOM   274  C C   . MET A 1 36 ? -4.602  -16.677 -14.483 1.00 25.30  ? 36  MET A C   1 
ATOM   275  O O   . MET A 1 36 ? -4.406  -17.236 -13.404 1.00 24.59  ? 36  MET A O   1 
ATOM   276  C CB  . MET A 1 36 ? -4.253  -14.233 -14.919 1.00 26.81  ? 36  MET A CB  1 
ATOM   277  C CG  . MET A 1 36 ? -3.041  -14.119 -13.999 1.00 26.22  ? 36  MET A CG  1 
ATOM   278  S SD  . MET A 1 36 ? -1.925  -12.820 -14.551 1.00 30.16  ? 36  MET A SD  1 
ATOM   279  C CE  . MET A 1 36 ? -1.297  -13.538 -16.079 1.00 26.70  ? 36  MET A CE  1 
ATOM   280  N N   . SER A 1 37 ? -4.263  -17.209 -15.649 1.00 28.26  ? 37  SER A N   1 
ATOM   281  C CA  . SER A 1 37 ? -3.618  -18.511 -15.739 1.00 32.19  ? 37  SER A CA  1 
ATOM   282  C C   . SER A 1 37 ? -2.100  -18.390 -15.817 1.00 30.97  ? 37  SER A C   1 
ATOM   283  O O   . SER A 1 37 ? -1.558  -17.716 -16.691 1.00 33.19  ? 37  SER A O   1 
ATOM   284  C CB  . SER A 1 37 ? -4.146  -19.282 -16.947 1.00 33.18  ? 37  SER A CB  1 
ATOM   285  O OG  . SER A 1 37 ? -4.499  -20.609 -16.585 1.00 40.94  ? 37  SER A OG  1 
ATOM   286  N N   . LEU A 1 38 ? -1.430  -18.985 -14.838 1.00 30.00  ? 38  LEU A N   1 
ATOM   287  C CA  . LEU A 1 38 ? 0.016   -18.997 -14.777 1.00 28.63  ? 38  LEU A CA  1 
ATOM   288  C C   . LEU A 1 38 ? 0.406   -20.456 -14.817 1.00 32.15  ? 38  LEU A C   1 
ATOM   289  O O   . LEU A 1 38 ? -0.337  -21.322 -14.330 1.00 32.92  ? 38  LEU A O   1 
ATOM   290  C CB  . LEU A 1 38 ? 0.512   -18.348 -13.487 1.00 24.71  ? 38  LEU A CB  1 
ATOM   291  C CG  . LEU A 1 38 ? 0.416   -16.831 -13.553 1.00 23.59  ? 38  LEU A CG  1 
ATOM   292  C CD1 . LEU A 1 38 ? 0.886   -16.244 -12.237 1.00 23.91  ? 38  LEU A CD1 1 
ATOM   293  C CD2 . LEU A 1 38 ? 1.260   -16.302 -14.716 1.00 23.94  ? 38  LEU A CD2 1 
ATOM   294  N N   . PRO A 1 39 ? 1.534   -20.779 -15.457 1.00 35.87  ? 39  PRO A N   1 
ATOM   295  C CA  . PRO A 1 39 ? 1.991   -22.166 -15.554 1.00 36.78  ? 39  PRO A CA  1 
ATOM   296  C C   . PRO A 1 39 ? 2.662   -22.627 -14.261 1.00 36.44  ? 39  PRO A C   1 
ATOM   297  O O   . PRO A 1 39 ? 3.236   -21.819 -13.524 1.00 36.08  ? 39  PRO A O   1 
ATOM   298  C CB  . PRO A 1 39 ? 2.991   -22.111 -16.698 1.00 37.04  ? 39  PRO A CB  1 
ATOM   299  C CG  . PRO A 1 39 ? 3.642   -20.770 -16.477 1.00 38.97  ? 39  PRO A CG  1 
ATOM   300  C CD  . PRO A 1 39 ? 2.451   -19.871 -16.188 1.00 37.83  ? 39  PRO A CD  1 
ATOM   301  N N   . GLY A 1 40 ? 2.565   -23.919 -13.984 1.00 38.08  ? 40  GLY A N   1 
ATOM   302  C CA  . GLY A 1 40 ? 3.196   -24.467 -12.802 1.00 38.36  ? 40  GLY A CA  1 
ATOM   303  C C   . GLY A 1 40 ? 2.229   -24.876 -11.715 1.00 37.89  ? 40  GLY A C   1 
ATOM   304  O O   . GLY A 1 40 ? 1.007   -24.817 -11.879 1.00 36.78  ? 40  GLY A O   1 
ATOM   305  N N   . ARG A 1 41 ? 2.794   -25.347 -10.613 1.00 37.39  ? 41  ARG A N   1 
ATOM   306  C CA  . ARG A 1 41 ? 2.016   -25.772 -9.471  1.00 38.10  ? 41  ARG A CA  1 
ATOM   307  C C   . ARG A 1 41 ? 1.817   -24.562 -8.578  1.00 34.43  ? 41  ARG A C   1 
ATOM   308  O O   . ARG A 1 41 ? 2.650   -23.658 -8.559  1.00 30.09  ? 41  ARG A O   1 
ATOM   309  C CB  . ARG A 1 41 ? 2.736   -26.894 -8.717  1.00 45.19  ? 41  ARG A CB  1 
ATOM   310  C CG  . ARG A 1 41 ? 2.279   -28.299 -9.112  1.00 56.77  ? 41  ARG A CG  1 
ATOM   311  C CD  . ARG A 1 41 ? 3.292   -29.046 -9.984  1.00 66.36  ? 41  ARG A CD  1 
ATOM   312  N NE  . ARG A 1 41 ? 3.463   -28.481 -11.327 1.00 74.47  ? 41  ARG A NE  1 
ATOM   313  C CZ  . ARG A 1 41 ? 2.877   -28.946 -12.432 1.00 76.20  ? 41  ARG A CZ  1 
ATOM   314  N NH1 . ARG A 1 41 ? 2.055   -29.989 -12.378 1.00 76.04  ? 41  ARG A NH1 1 
ATOM   315  N NH2 . ARG A 1 41 ? 3.113   -28.356 -13.601 1.00 76.78  ? 41  ARG A NH2 1 
ATOM   316  N N   . TRP A 1 42 ? 0.704   -24.545 -7.859  1.00 32.38  ? 42  TRP A N   1 
ATOM   317  C CA  . TRP A 1 42 ? 0.388   -23.442 -6.964  1.00 28.96  ? 42  TRP A CA  1 
ATOM   318  C C   . TRP A 1 42 ? -0.056  -23.986 -5.623  1.00 26.10  ? 42  TRP A C   1 
ATOM   319  O O   . TRP A 1 42 ? -0.378  -25.167 -5.492  1.00 25.48  ? 42  TRP A O   1 
ATOM   320  C CB  . TRP A 1 42 ? -0.713  -22.553 -7.566  1.00 30.49  ? 42  TRP A CB  1 
ATOM   321  C CG  . TRP A 1 42 ? -1.960  -23.302 -7.966  1.00 31.66  ? 42  TRP A CG  1 
ATOM   322  C CD1 . TRP A 1 42 ? -2.242  -23.831 -9.195  1.00 33.28  ? 42  TRP A CD1 1 
ATOM   323  C CD2 . TRP A 1 42 ? -3.077  -23.632 -7.126  1.00 33.32  ? 42  TRP A CD2 1 
ATOM   324  N NE1 . TRP A 1 42 ? -3.459  -24.469 -9.168  1.00 32.84  ? 42  TRP A NE1 1 
ATOM   325  C CE2 . TRP A 1 42 ? -3.993  -24.363 -7.912  1.00 34.15  ? 42  TRP A CE2 1 
ATOM   326  C CE3 . TRP A 1 42 ? -3.401  -23.379 -5.779  1.00 33.36  ? 42  TRP A CE3 1 
ATOM   327  C CZ2 . TRP A 1 42 ? -5.199  -24.851 -7.402  1.00 34.34  ? 42  TRP A CZ2 1 
ATOM   328  C CZ3 . TRP A 1 42 ? -4.601  -23.864 -5.274  1.00 34.07  ? 42  TRP A CZ3 1 
ATOM   329  C CH2 . TRP A 1 42 ? -5.485  -24.589 -6.087  1.00 33.24  ? 42  TRP A CH2 1 
ATOM   330  N N   . LYS A 1 43 ? -0.054  -23.118 -4.622  1.00 25.34  ? 43  LYS A N   1 
ATOM   331  C CA  . LYS A 1 43 ? -0.479  -23.484 -3.280  1.00 26.34  ? 43  LYS A CA  1 
ATOM   332  C C   . LYS A 1 43 ? -1.558  -22.519 -2.808  1.00 25.48  ? 43  LYS A C   1 
ATOM   333  O O   . LYS A 1 43 ? -1.519  -21.333 -3.134  1.00 19.64  ? 43  LYS A O   1 
ATOM   334  C CB  . LYS A 1 43 ? 0.693   -23.405 -2.291  1.00 29.17  ? 43  LYS A CB  1 
ATOM   335  C CG  . LYS A 1 43 ? 1.715   -24.538 -2.368  1.00 37.85  ? 43  LYS A CG  1 
ATOM   336  C CD  . LYS A 1 43 ? 2.623   -24.404 -3.582  1.00 41.01  ? 43  LYS A CD  1 
ATOM   337  C CE  . LYS A 1 43 ? 3.415   -23.103 -3.526  1.00 41.65  ? 43  LYS A CE  1 
ATOM   338  N NZ  . LYS A 1 43 ? 3.600   -22.547 -4.888  1.00 30.17  ? 43  LYS A NZ  1 
ATOM   339  N N   . PRO A 1 44 ? -2.575  -23.022 -2.087  1.00 26.29  ? 44  PRO A N   1 
ATOM   340  C CA  . PRO A 1 44 ? -3.641  -22.146 -1.589  1.00 22.77  ? 44  PRO A CA  1 
ATOM   341  C C   . PRO A 1 44 ? -3.060  -21.309 -0.446  1.00 19.06  ? 44  PRO A C   1 
ATOM   342  O O   . PRO A 1 44 ? -2.307  -21.821 0.389   1.00 14.36  ? 44  PRO A O   1 
ATOM   343  C CB  . PRO A 1 44 ? -4.677  -23.137 -1.052  1.00 23.88  ? 44  PRO A CB  1 
ATOM   344  C CG  . PRO A 1 44 ? -4.397  -24.394 -1.818  1.00 28.53  ? 44  PRO A CG  1 
ATOM   345  C CD  . PRO A 1 44 ? -2.905  -24.434 -1.819  1.00 27.15  ? 44  PRO A CD  1 
ATOM   346  N N   . LYS A 1 45 ? -3.420  -20.038 -0.404  1.00 16.68  ? 45  LYS A N   1 
ATOM   347  C CA  . LYS A 1 45 ? -2.933  -19.152 0.639   1.00 15.96  ? 45  LYS A CA  1 
ATOM   348  C C   . LYS A 1 45 ? -4.093  -18.223 0.979   1.00 16.36  ? 45  LYS A C   1 
ATOM   349  O O   . LYS A 1 45 ? -5.011  -18.048 0.177   1.00 18.35  ? 45  LYS A O   1 
ATOM   350  C CB  . LYS A 1 45 ? -1.731  -18.365 0.101   1.00 16.65  ? 45  LYS A CB  1 
ATOM   351  C CG  . LYS A 1 45 ? -0.902  -17.630 1.130   1.00 18.71  ? 45  LYS A CG  1 
ATOM   352  C CD  . LYS A 1 45 ? 0.246   -16.920 0.435   1.00 21.55  ? 45  LYS A CD  1 
ATOM   353  C CE  . LYS A 1 45 ? 0.991   -15.959 1.349   1.00 24.07  ? 45  LYS A CE  1 
ATOM   354  N NZ  . LYS A 1 45 ? 1.668   -16.635 2.477   1.00 30.58  ? 45  LYS A NZ  1 
ATOM   355  N N   . MET A 1 46 ? -4.065  -17.656 2.173   1.00 16.34  ? 46  MET A N   1 
ATOM   356  C CA  . MET A 1 46 ? -5.110  -16.747 2.617   1.00 17.15  ? 46  MET A CA  1 
ATOM   357  C C   . MET A 1 46 ? -4.394  -15.455 2.972   1.00 16.07  ? 46  MET A C   1 
ATOM   358  O O   . MET A 1 46 ? -3.504  -15.466 3.819   1.00 17.77  ? 46  MET A O   1 
ATOM   359  C CB  . MET A 1 46 ? -5.782  -17.321 3.866   1.00 18.86  ? 46  MET A CB  1 
ATOM   360  C CG  . MET A 1 46 ? -7.225  -16.923 4.049   1.00 27.65  ? 46  MET A CG  1 
ATOM   361  S SD  . MET A 1 46 ? -8.320  -17.763 2.909   1.00 27.69  ? 46  MET A SD  1 
ATOM   362  C CE  . MET A 1 46 ? -8.516  -19.294 3.738   1.00 29.37  ? 46  MET A CE  1 
ATOM   363  N N   . ILE A 1 47 ? -4.732  -14.357 2.297   1.00 15.05  ? 47  ILE A N   1 
ATOM   364  C CA  . ILE A 1 47 ? -4.094  -13.067 2.589   1.00 16.62  ? 47  ILE A CA  1 
ATOM   365  C C   . ILE A 1 47 ? -5.153  -12.069 3.034   1.00 17.04  ? 47  ILE A C   1 
ATOM   366  O O   . ILE A 1 47 ? -6.274  -12.095 2.530   1.00 18.34  ? 47  ILE A O   1 
ATOM   367  C CB  . ILE A 1 47 ? -3.327  -12.501 1.392   1.00 16.59  ? 47  ILE A CB  1 
ATOM   368  C CG1 . ILE A 1 47 ? -4.260  -12.360 0.195   1.00 16.76  ? 47  ILE A CG1 1 
ATOM   369  C CG2 . ILE A 1 47 ? -2.136  -13.378 1.074   1.00 16.06  ? 47  ILE A CG2 1 
ATOM   370  C CD1 . ILE A 1 47 ? -3.625  -11.666 -0.970  1.00 20.68  ? 47  ILE A CD1 1 
ATOM   371  N N   . GLY A 1 48 ? -4.812  -11.195 3.972   1.00 16.00  ? 48  GLY A N   1 
ATOM   372  C CA  . GLY A 1 48 ? -5.802  -10.253 4.448   1.00 19.19  ? 48  GLY A CA  1 
ATOM   373  C C   . GLY A 1 48 ? -5.378  -8.817  4.495   1.00 19.99  ? 48  GLY A C   1 
ATOM   374  O O   . GLY A 1 48 ? -4.191  -8.506  4.515   1.00 18.47  ? 48  GLY A O   1 
ATOM   375  N N   . GLY A 1 49 ? -6.367  -7.937  4.518   1.00 22.51  ? 49  GLY A N   1 
ATOM   376  C CA  . GLY A 1 49 ? -6.102  -6.516  4.580   1.00 24.01  ? 49  GLY A CA  1 
ATOM   377  C C   . GLY A 1 49 ? -7.354  -5.803  5.028   1.00 23.19  ? 49  GLY A C   1 
ATOM   378  O O   . GLY A 1 49 ? -8.090  -6.305  5.876   1.00 21.96  ? 49  GLY A O   1 
ATOM   379  N N   . ILE A 1 50 ? -7.573  -4.620  4.471   1.00 22.41  ? 50  ILE A N   1 
ATOM   380  C CA  . ILE A 1 50 ? -8.758  -3.832  4.765   1.00 24.83  ? 50  ILE A CA  1 
ATOM   381  C C   . ILE A 1 50 ? -9.940  -4.595  4.191   1.00 24.59  ? 50  ILE A C   1 
ATOM   382  O O   . ILE A 1 50 ? -9.954  -4.936  2.995   1.00 27.68  ? 50  ILE A O   1 
ATOM   383  C CB  . ILE A 1 50 ? -8.679  -2.471  4.069   1.00 26.22  ? 50  ILE A CB  1 
ATOM   384  C CG1 . ILE A 1 50 ? -7.480  -1.699  4.623   1.00 28.02  ? 50  ILE A CG1 1 
ATOM   385  C CG2 . ILE A 1 50 ? -9.995  -1.717  4.188   1.00 23.39  ? 50  ILE A CG2 1 
ATOM   386  C CD1 . ILE A 1 50 ? -7.614  -1.337  6.071   1.00 30.81  ? 50  ILE A CD1 1 
ATOM   387  N N   . GLY A 1 51 ? -10.903 -4.911  5.040   1.00 23.22  ? 51  GLY A N   1 
ATOM   388  C CA  . GLY A 1 51 ? -12.069 -5.634  4.579   1.00 23.45  ? 51  GLY A CA  1 
ATOM   389  C C   . GLY A 1 51 ? -12.038 -7.119  4.868   1.00 23.25  ? 51  GLY A C   1 
ATOM   390  O O   . GLY A 1 51 ? -13.044 -7.791  4.668   1.00 26.85  ? 51  GLY A O   1 
ATOM   391  N N   . GLY A 1 52 ? -10.905 -7.640  5.329   1.00 20.71  ? 52  GLY A N   1 
ATOM   392  C CA  . GLY A 1 52 ? -10.815 -9.053  5.635   1.00 18.44  ? 52  GLY A CA  1 
ATOM   393  C C   . GLY A 1 52 ? -9.860  -9.831  4.753   1.00 17.98  ? 52  GLY A C   1 
ATOM   394  O O   . GLY A 1 52 ? -9.036  -9.247  4.041   1.00 17.53  ? 52  GLY A O   1 
ATOM   395  N N   . PHE A 1 53 ? -10.019 -11.150 4.765   1.00 16.76  ? 53  PHE A N   1 
ATOM   396  C CA  . PHE A 1 53 ? -9.169  -12.065 4.020   1.00 16.71  ? 53  PHE A CA  1 
ATOM   397  C C   . PHE A 1 53 ? -9.759  -12.620 2.733   1.00 18.84  ? 53  PHE A C   1 
ATOM   398  O O   . PHE A 1 53 ? -10.975 -12.778 2.621   1.00 20.06  ? 53  PHE A O   1 
ATOM   399  C CB  . PHE A 1 53 ? -8.776  -13.238 4.921   1.00 15.17  ? 53  PHE A CB  1 
ATOM   400  C CG  . PHE A 1 53 ? -7.731  -12.901 5.942   1.00 16.11  ? 53  PHE A CG  1 
ATOM   401  C CD1 . PHE A 1 53 ? -8.032  -12.104 7.040   1.00 16.30  ? 53  PHE A CD1 1 
ATOM   402  C CD2 . PHE A 1 53 ? -6.438  -13.385 5.804   1.00 16.26  ? 53  PHE A CD2 1 
ATOM   403  C CE1 . PHE A 1 53 ? -7.048  -11.787 7.982   1.00 19.09  ? 53  PHE A CE1 1 
ATOM   404  C CE2 . PHE A 1 53 ? -5.453  -13.079 6.736   1.00 18.61  ? 53  PHE A CE2 1 
ATOM   405  C CZ  . PHE A 1 53 ? -5.756  -12.278 7.830   1.00 15.89  ? 53  PHE A CZ  1 
ATOM   406  N N   . ILE A 1 54 ? -8.881  -12.909 1.769   1.00 16.69  ? 54  ILE A N   1 
ATOM   407  C CA  . ILE A 1 54 ? -9.263  -13.498 0.486   1.00 15.73  ? 54  ILE A CA  1 
ATOM   408  C C   . ILE A 1 54 ? -8.366  -14.708 0.231   1.00 15.84  ? 54  ILE A C   1 
ATOM   409  O O   . ILE A 1 54 ? -7.237  -14.773 0.720   1.00 12.33  ? 54  ILE A O   1 
ATOM   410  C CB  . ILE A 1 54 ? -9.149  -12.520 -0.711  1.00 16.82  ? 54  ILE A CB  1 
ATOM   411  C CG1 . ILE A 1 54 ? -7.723  -11.993 -0.897  1.00 16.06  ? 54  ILE A CG1 1 
ATOM   412  C CG2 . ILE A 1 54 ? -10.154 -11.370 -0.554  1.00 19.26  ? 54  ILE A CG2 1 
ATOM   413  C CD1 . ILE A 1 54 ? -7.477  -11.350 -2.253  1.00 14.10  ? 54  ILE A CD1 1 
ATOM   414  N N   . LYS A 1 55 ? -8.885  -15.673 -0.515  1.00 15.42  ? 55  LYS A N   1 
ATOM   415  C CA  . LYS A 1 55 ? -8.145  -16.883 -0.843  1.00 18.13  ? 55  LYS A CA  1 
ATOM   416  C C   . LYS A 1 55 ? -7.470  -16.657 -2.190  1.00 17.89  ? 55  LYS A C   1 
ATOM   417  O O   . LYS A 1 55 ? -8.111  -16.207 -3.149  1.00 18.13  ? 55  LYS A O   1 
ATOM   418  C CB  . LYS A 1 55 ? -9.100  -18.077 -0.917  1.00 19.52  ? 55  LYS A CB  1 
ATOM   419  C CG  . LYS A 1 55 ? -8.448  -19.431 -0.674  1.00 26.76  ? 55  LYS A CG  1 
ATOM   420  C CD  . LYS A 1 55 ? -8.683  -20.390 -1.840  1.00 34.90  ? 55  LYS A CD  1 
ATOM   421  C CE  . LYS A 1 55 ? -7.397  -20.615 -2.642  1.00 38.08  ? 55  LYS A CE  1 
ATOM   422  N NZ  . LYS A 1 55 ? -7.635  -21.019 -4.062  1.00 39.50  ? 55  LYS A NZ  1 
ATOM   423  N N   . VAL A 1 56 ? -6.179  -16.961 -2.258  1.00 16.71  ? 56  VAL A N   1 
ATOM   424  C CA  . VAL A 1 56 ? -5.409  -16.785 -3.485  1.00 15.97  ? 56  VAL A CA  1 
ATOM   425  C C   . VAL A 1 56 ? -4.616  -18.046 -3.825  1.00 17.27  ? 56  VAL A C   1 
ATOM   426  O O   . VAL A 1 56 ? -4.479  -18.951 -3.002  1.00 19.94  ? 56  VAL A O   1 
ATOM   427  C CB  . VAL A 1 56 ? -4.405  -15.615 -3.367  1.00 13.01  ? 56  VAL A CB  1 
ATOM   428  C CG1 . VAL A 1 56 ? -5.137  -14.288 -3.241  1.00 11.89  ? 56  VAL A CG1 1 
ATOM   429  C CG2 . VAL A 1 56 ? -3.477  -15.827 -2.184  1.00 12.97  ? 56  VAL A CG2 1 
ATOM   430  N N   . ARG A 1 57 ? -4.114  -18.105 -5.052  1.00 18.69  ? 57  ARG A N   1 
ATOM   431  C CA  . ARG A 1 57 ? -3.293  -19.223 -5.502  1.00 19.42  ? 57  ARG A CA  1 
ATOM   432  C C   . ARG A 1 57 ? -1.867  -18.680 -5.542  1.00 18.06  ? 57  ARG A C   1 
ATOM   433  O O   . ARG A 1 57 ? -1.601  -17.662 -6.172  1.00 19.76  ? 57  ARG A O   1 
ATOM   434  C CB  . ARG A 1 57 ? -3.734  -19.690 -6.885  1.00 21.44  ? 57  ARG A CB  1 
ATOM   435  C CG  . ARG A 1 57 ? -5.058  -20.439 -6.892  1.00 26.60  ? 57  ARG A CG  1 
ATOM   436  C CD  . ARG A 1 57 ? -5.455  -20.781 -8.305  1.00 31.35  ? 57  ARG A CD  1 
ATOM   437  N NE  . ARG A 1 57 ? -5.786  -19.578 -9.064  1.00 41.51  ? 57  ARG A NE  1 
ATOM   438  C CZ  . ARG A 1 57 ? -5.551  -19.416 -10.365 1.00 45.66  ? 57  ARG A CZ  1 
ATOM   439  N NH1 . ARG A 1 57 ? -4.963  -20.374 -11.069 1.00 48.89  ? 57  ARG A NH1 1 
ATOM   440  N NH2 . ARG A 1 57 ? -5.902  -18.286 -10.966 1.00 49.95  ? 57  ARG A NH2 1 
ATOM   441  N N   . GLN A 1 58 ? -0.964  -19.341 -4.830  1.00 18.14  ? 58  GLN A N   1 
ATOM   442  C CA  . GLN A 1 58 ? 0.430   -18.917 -4.746  1.00 17.80  ? 58  GLN A CA  1 
ATOM   443  C C   . GLN A 1 58 ? 1.332   -19.582 -5.779  1.00 18.38  ? 58  GLN A C   1 
ATOM   444  O O   . GLN A 1 58 ? 1.500   -20.804 -5.760  1.00 17.97  ? 58  GLN A O   1 
ATOM   445  C CB  . GLN A 1 58 ? 0.955   -19.199 -3.334  1.00 17.87  ? 58  GLN A CB  1 
ATOM   446  C CG  . GLN A 1 58 ? 2.443   -18.969 -3.121  1.00 19.65  ? 58  GLN A CG  1 
ATOM   447  C CD  . GLN A 1 58 ? 2.923   -19.510 -1.786  1.00 27.56  ? 58  GLN A CD  1 
ATOM   448  O OE1 . GLN A 1 58 ? 3.981   -19.129 -1.303  1.00 36.68  ? 58  GLN A OE1 1 
ATOM   449  N NE2 . GLN A 1 58 ? 2.151   -20.411 -1.187  1.00 31.19  ? 58  GLN A NE2 1 
ATOM   450  N N   . TYR A 1 59 ? 1.897   -18.777 -6.680  1.00 18.87  ? 59  TYR A N   1 
ATOM   451  C CA  . TYR A 1 59 ? 2.827   -19.260 -7.711  1.00 21.47  ? 59  TYR A CA  1 
ATOM   452  C C   . TYR A 1 59 ? 4.224   -18.735 -7.358  1.00 21.70  ? 59  TYR A C   1 
ATOM   453  O O   . TYR A 1 59 ? 4.401   -17.542 -7.106  1.00 20.21  ? 59  TYR A O   1 
ATOM   454  C CB  . TYR A 1 59 ? 2.426   -18.748 -9.102  1.00 21.18  ? 59  TYR A CB  1 
ATOM   455  C CG  . TYR A 1 59 ? 1.169   -19.374 -9.658  1.00 23.20  ? 59  TYR A CG  1 
ATOM   456  C CD1 . TYR A 1 59 ? 1.234   -20.571 -10.383 1.00 21.17  ? 59  TYR A CD1 1 
ATOM   457  C CD2 . TYR A 1 59 ? -0.073  -18.743 -9.504  1.00 21.34  ? 59  TYR A CD2 1 
ATOM   458  C CE1 . TYR A 1 59 ? 0.092   -21.136 -10.934 1.00 22.46  ? 59  TYR A CE1 1 
ATOM   459  C CE2 . TYR A 1 59 ? -1.232  -19.291 -10.046 1.00 21.61  ? 59  TYR A CE2 1 
ATOM   460  C CZ  . TYR A 1 59 ? -1.143  -20.489 -10.772 1.00 24.31  ? 59  TYR A CZ  1 
ATOM   461  O OH  . TYR A 1 59 ? -2.272  -21.050 -11.310 1.00 28.71  ? 59  TYR A OH  1 
ATOM   462  N N   . ASP A 1 60 ? 5.214   -19.619 -7.311  1.00 23.32  ? 60  ASP A N   1 
ATOM   463  C CA  . ASP A 1 60 ? 6.572   -19.201 -6.975  1.00 24.71  ? 60  ASP A CA  1 
ATOM   464  C C   . ASP A 1 60 ? 7.431   -19.022 -8.225  1.00 24.95  ? 60  ASP A C   1 
ATOM   465  O O   . ASP A 1 60 ? 7.102   -19.517 -9.302  1.00 23.63  ? 60  ASP A O   1 
ATOM   466  C CB  . ASP A 1 60 ? 7.237   -20.215 -6.030  1.00 25.73  ? 60  ASP A CB  1 
ATOM   467  C CG  . ASP A 1 60 ? 6.575   -20.285 -4.662  1.00 29.20  ? 60  ASP A CG  1 
ATOM   468  O OD1 . ASP A 1 60 ? 6.232   -19.228 -4.091  1.00 32.66  ? 60  ASP A OD1 1 
ATOM   469  O OD2 . ASP A 1 60 ? 6.419   -21.409 -4.140  1.00 30.32  ? 60  ASP A OD2 1 
ATOM   470  N N   . GLN A 1 61 ? 8.497   -18.251 -8.076  1.00 27.19  ? 61  GLN A N   1 
ATOM   471  C CA  . GLN A 1 61 ? 9.456   -17.990 -9.143  1.00 29.19  ? 61  GLN A CA  1 
ATOM   472  C C   . GLN A 1 61 ? 8.859   -17.638 -10.497 1.00 27.95  ? 61  GLN A C   1 
ATOM   473  O O   . GLN A 1 61 ? 9.118   -18.287 -11.512 1.00 28.91  ? 61  GLN A O   1 
ATOM   474  C CB  . GLN A 1 61 ? 10.448  -19.150 -9.250  1.00 34.05  ? 61  GLN A CB  1 
ATOM   475  C CG  . GLN A 1 61 ? 11.128  -19.429 -7.918  1.00 45.55  ? 61  GLN A CG  1 
ATOM   476  C CD  . GLN A 1 61 ? 12.273  -20.420 -8.005  1.00 51.31  ? 61  GLN A CD  1 
ATOM   477  O OE1 . GLN A 1 61 ? 13.342  -20.179 -7.449  1.00 56.64  ? 61  GLN A OE1 1 
ATOM   478  N NE2 . GLN A 1 61 ? 12.049  -21.552 -8.667  1.00 54.08  ? 61  GLN A NE2 1 
ATOM   479  N N   . ILE A 1 62 ? 8.090   -16.558 -10.501 1.00 27.12  ? 62  ILE A N   1 
ATOM   480  C CA  . ILE A 1 62 ? 7.449   -16.048 -11.700 1.00 23.76  ? 62  ILE A CA  1 
ATOM   481  C C   . ILE A 1 62 ? 8.251   -14.803 -12.101 1.00 23.86  ? 62  ILE A C   1 
ATOM   482  O O   . ILE A 1 62 ? 8.672   -14.027 -11.239 1.00 23.97  ? 62  ILE A O   1 
ATOM   483  C CB  . ILE A 1 62 ? 5.993   -15.650 -11.399 1.00 23.51  ? 62  ILE A CB  1 
ATOM   484  C CG1 . ILE A 1 62 ? 5.219   -16.839 -10.803 1.00 18.64  ? 62  ILE A CG1 1 
ATOM   485  C CG2 . ILE A 1 62 ? 5.312   -15.111 -12.653 1.00 24.91  ? 62  ILE A CG2 1 
ATOM   486  C CD1 . ILE A 1 62 ? 4.934   -17.973 -11.772 1.00 19.03  ? 62  ILE A CD1 1 
ATOM   487  N N   . LEU A 1 63 ? 8.506   -14.637 -13.392 1.00 22.08  ? 63  LEU A N   1 
ATOM   488  C CA  . LEU A 1 63 ? 9.250   -13.482 -13.873 1.00 24.68  ? 63  LEU A CA  1 
ATOM   489  C C   . LEU A 1 63 ? 8.275   -12.382 -14.291 1.00 25.09  ? 63  LEU A C   1 
ATOM   490  O O   . LEU A 1 63 ? 7.292   -12.651 -14.983 1.00 26.79  ? 63  LEU A O   1 
ATOM   491  C CB  . LEU A 1 63 ? 10.151  -13.886 -15.053 1.00 27.43  ? 63  LEU A CB  1 
ATOM   492  C CG  . LEU A 1 63 ? 10.988  -12.832 -15.815 1.00 30.00  ? 63  LEU A CG  1 
ATOM   493  C CD1 . LEU A 1 63 ? 10.144  -12.082 -16.840 1.00 33.84  ? 63  LEU A CD1 1 
ATOM   494  C CD2 . LEU A 1 63 ? 11.679  -11.876 -14.859 1.00 29.10  ? 63  LEU A CD2 1 
ATOM   495  N N   . ILE A 1 64 ? 8.551   -11.150 -13.874 1.00 25.75  ? 64  ILE A N   1 
ATOM   496  C CA  . ILE A 1 64 ? 7.715   -10.000 -14.218 1.00 28.20  ? 64  ILE A CA  1 
ATOM   497  C C   . ILE A 1 64 ? 8.608   -8.847  -14.670 1.00 27.59  ? 64  ILE A C   1 
ATOM   498  O O   . ILE A 1 64 ? 9.719   -8.687  -14.172 1.00 27.65  ? 64  ILE A O   1 
ATOM   499  C CB  . ILE A 1 64 ? 6.879   -9.510  -13.017 1.00 29.85  ? 64  ILE A CB  1 
ATOM   500  C CG1 . ILE A 1 64 ? 5.932   -10.602 -12.521 1.00 31.65  ? 64  ILE A CG1 1 
ATOM   501  C CG2 . ILE A 1 64 ? 6.051   -8.284  -13.416 1.00 31.24  ? 64  ILE A CG2 1 
ATOM   502  C CD1 . ILE A 1 64 ? 4.907   -10.095 -11.522 1.00 36.81  ? 64  ILE A CD1 1 
ATOM   503  N N   . GLU A 1 65 ? 8.143   -8.075  -15.642 1.00 29.25  ? 65  GLU A N   1 
ATOM   504  C CA  . GLU A 1 65 ? 8.897   -6.927  -16.108 1.00 34.69  ? 65  GLU A CA  1 
ATOM   505  C C   . GLU A 1 65 ? 8.178   -5.656  -15.681 1.00 34.35  ? 65  GLU A C   1 
ATOM   506  O O   . GLU A 1 65 ? 7.080   -5.375  -16.155 1.00 36.00  ? 65  GLU A O   1 
ATOM   507  C CB  . GLU A 1 65 ? 9.065   -6.949  -17.625 1.00 37.20  ? 65  GLU A CB  1 
ATOM   508  C CG  . GLU A 1 65 ? 10.021  -8.010  -18.134 1.00 44.82  ? 65  GLU A CG  1 
ATOM   509  C CD  . GLU A 1 65 ? 10.484  -7.722  -19.550 1.00 49.73  ? 65  GLU A CD  1 
ATOM   510  O OE1 . GLU A 1 65 ? 11.195  -6.708  -19.746 1.00 52.12  ? 65  GLU A OE1 1 
ATOM   511  O OE2 . GLU A 1 65 ? 10.144  -8.512  -20.458 1.00 50.65  ? 65  GLU A OE2 1 
ATOM   512  N N   . ILE A 1 66 ? 8.779   -4.921  -14.751 1.00 34.69  ? 66  ILE A N   1 
ATOM   513  C CA  . ILE A 1 66 ? 8.218   -3.675  -14.240 1.00 35.99  ? 66  ILE A CA  1 
ATOM   514  C C   . ILE A 1 66 ? 9.041   -2.552  -14.854 1.00 38.25  ? 66  ILE A C   1 
ATOM   515  O O   . ILE A 1 66 ? 10.176  -2.302  -14.436 1.00 37.10  ? 66  ILE A O   1 
ATOM   516  C CB  . ILE A 1 66 ? 8.340   -3.604  -12.716 1.00 35.57  ? 66  ILE A CB  1 
ATOM   517  C CG1 . ILE A 1 66 ? 7.748   -4.877  -12.116 1.00 33.56  ? 66  ILE A CG1 1 
ATOM   518  C CG2 . ILE A 1 66 ? 7.612   -2.373  -12.178 1.00 37.00  ? 66  ILE A CG2 1 
ATOM   519  C CD1 . ILE A 1 66 ? 8.104   -5.091  -10.667 1.00 36.36  ? 66  ILE A CD1 1 
ATOM   520  N N   . CYS A 1 67 ? 8.480   -1.899  -15.865 1.00 43.97  ? 67  CYS A N   1 
ATOM   521  C CA  . CYS A 1 67 ? 9.162   -0.812  -16.565 1.00 51.39  ? 67  CYS A CA  1 
ATOM   522  C C   . CYS A 1 67 ? 10.536  -1.272  -17.084 1.00 53.48  ? 67  CYS A C   1 
ATOM   523  O O   . CYS A 1 67 ? 11.573  -0.686  -16.754 1.00 56.08  ? 67  CYS A O   1 
ATOM   524  C CB  . CYS A 1 67 ? 9.304   0.416   -15.651 1.00 54.67  ? 67  CYS A CB  1 
ATOM   525  S SG  . CYS A 1 67 ? 7.756   1.319   -15.353 1.00 64.97  ? 67  CYS A SG  1 
ATOM   526  N N   . GLY A 1 68 ? 10.539  -2.370  -17.836 1.00 52.41  ? 68  GLY A N   1 
ATOM   527  C CA  . GLY A 1 68 ? 11.783  -2.888  -18.381 1.00 49.81  ? 68  GLY A CA  1 
ATOM   528  C C   . GLY A 1 68 ? 12.559  -3.748  -17.399 1.00 48.12  ? 68  GLY A C   1 
ATOM   529  O O   . GLY A 1 68 ? 13.090  -4.791  -17.779 1.00 50.31  ? 68  GLY A O   1 
ATOM   530  N N   . HIS A 1 69 ? 12.605  -3.324  -16.139 1.00 44.37  ? 69  HIS A N   1 
ATOM   531  C CA  . HIS A 1 69 ? 13.320  -4.055  -15.099 1.00 41.42  ? 69  HIS A CA  1 
ATOM   532  C C   . HIS A 1 69 ? 12.693  -5.427  -14.889 1.00 39.99  ? 69  HIS A C   1 
ATOM   533  O O   . HIS A 1 69 ? 11.486  -5.539  -14.679 1.00 37.89  ? 69  HIS A O   1 
ATOM   534  C CB  . HIS A 1 69 ? 13.274  -3.296  -13.766 1.00 42.76  ? 69  HIS A CB  1 
ATOM   535  C CG  . HIS A 1 69 ? 13.818  -1.903  -13.830 1.00 43.01  ? 69  HIS A CG  1 
ATOM   536  N ND1 . HIS A 1 69 ? 13.157  -0.871  -14.461 1.00 41.23  ? 69  HIS A ND1 1 
ATOM   537  C CD2 . HIS A 1 69 ? 14.957  -1.366  -13.327 1.00 43.81  ? 69  HIS A CD2 1 
ATOM   538  C CE1 . HIS A 1 69 ? 13.863  0.239   -14.349 1.00 42.53  ? 69  HIS A CE1 1 
ATOM   539  N NE2 . HIS A 1 69 ? 14.960  -0.035  -13.665 1.00 45.70  ? 69  HIS A NE2 1 
ATOM   540  N N   . LYS A 1 70 ? 13.511  -6.469  -14.959 1.00 39.50  ? 70  LYS A N   1 
ATOM   541  C CA  . LYS A 1 70 ? 13.023  -7.822  -14.746 1.00 37.92  ? 70  LYS A CA  1 
ATOM   542  C C   . LYS A 1 70 ? 13.131  -8.140  -13.259 1.00 34.08  ? 70  LYS A C   1 
ATOM   543  O O   . LYS A 1 70 ? 14.042  -7.669  -12.575 1.00 33.11  ? 70  LYS A O   1 
ATOM   544  C CB  . LYS A 1 70 ? 13.827  -8.834  -15.557 1.00 39.86  ? 70  LYS A CB  1 
ATOM   545  C CG  . LYS A 1 70 ? 13.778  -8.606  -17.049 1.00 46.73  ? 70  LYS A CG  1 
ATOM   546  C CD  . LYS A 1 70 ? 14.221  -9.856  -17.791 1.00 55.16  ? 70  LYS A CD  1 
ATOM   547  C CE  . LYS A 1 70 ? 14.177  -9.665  -19.302 1.00 59.63  ? 70  LYS A CE  1 
ATOM   548  N NZ  . LYS A 1 70 ? 14.203  -10.984 -20.004 1.00 66.55  ? 70  LYS A NZ  1 
ATOM   549  N N   . ALA A 1 71 ? 12.191  -8.928  -12.762 1.00 30.93  ? 71  ALA A N   1 
ATOM   550  C CA  . ALA A 1 71 ? 12.173  -9.314  -11.360 1.00 29.79  ? 71  ALA A CA  1 
ATOM   551  C C   . ALA A 1 71 ? 11.577  -10.706 -11.289 1.00 27.73  ? 71  ALA A C   1 
ATOM   552  O O   . ALA A 1 71 ? 10.719  -11.061 -12.100 1.00 29.75  ? 71  ALA A O   1 
ATOM   553  C CB  . ALA A 1 71 ? 11.338  -8.329  -10.546 1.00 31.66  ? 71  ALA A CB  1 
ATOM   554  N N   . ILE A 1 72 ? 12.050  -11.507 -10.347 1.00 24.71  ? 72  ILE A N   1 
ATOM   555  C CA  . ILE A 1 72 ? 11.555  -12.869 -10.192 1.00 21.60  ? 72  ILE A CA  1 
ATOM   556  C C   . ILE A 1 72 ? 11.060  -13.011 -8.772  1.00 16.88  ? 72  ILE A C   1 
ATOM   557  O O   . ILE A 1 72 ? 11.688  -12.502 -7.845  1.00 17.60  ? 72  ILE A O   1 
ATOM   558  C CB  . ILE A 1 72 ? 12.663  -13.904 -10.464 1.00 27.37  ? 72  ILE A CB  1 
ATOM   559  C CG1 . ILE A 1 72 ? 13.130  -13.771 -11.920 1.00 30.81  ? 72  ILE A CG1 1 
ATOM   560  C CG2 . ILE A 1 72 ? 12.149  -15.326 -10.223 1.00 24.09  ? 72  ILE A CG2 1 
ATOM   561  C CD1 . ILE A 1 72 ? 14.384  -14.553 -12.240 1.00 37.03  ? 72  ILE A CD1 1 
ATOM   562  N N   . GLY A 1 73 ? 9.918   -13.664 -8.597  1.00 14.91  ? 73  GLY A N   1 
ATOM   563  C CA  . GLY A 1 73 ? 9.402   -13.847 -7.262  1.00 13.66  ? 73  GLY A CA  1 
ATOM   564  C C   . GLY A 1 73 ? 8.074   -14.547 -7.207  1.00 12.61  ? 73  GLY A C   1 
ATOM   565  O O   . GLY A 1 73 ? 7.567   -15.046 -8.210  1.00 12.83  ? 73  GLY A O   1 
ATOM   566  N N   . THR A 1 74 ? 7.508   -14.571 -6.011  1.00 14.64  ? 74  THR A N   1 
ATOM   567  C CA  . THR A 1 74 ? 6.219   -15.203 -5.771  1.00 16.81  ? 74  THR A CA  1 
ATOM   568  C C   . THR A 1 74 ? 5.101   -14.228 -6.122  1.00 16.82  ? 74  THR A C   1 
ATOM   569  O O   . THR A 1 74 ? 5.176   -13.048 -5.776  1.00 17.99  ? 74  THR A O   1 
ATOM   570  C CB  . THR A 1 74 ? 6.090   -15.580 -4.290  1.00 21.38  ? 74  THR A CB  1 
ATOM   571  O OG1 . THR A 1 74 ? 7.135   -16.496 -3.929  1.00 25.84  ? 74  THR A OG1 1 
ATOM   572  C CG2 . THR A 1 74 ? 4.735   -16.205 -3.997  1.00 20.80  ? 74  THR A CG2 1 
ATOM   573  N N   . VAL A 1 75 ? 4.110   -14.692 -6.876  1.00 16.63  ? 75  VAL A N   1 
ATOM   574  C CA  . VAL A 1 75 ? 2.965   -13.854 -7.223  1.00 17.56  ? 75  VAL A CA  1 
ATOM   575  C C   . VAL A 1 75 ? 1.710   -14.630 -6.852  1.00 17.60  ? 75  VAL A C   1 
ATOM   576  O O   . VAL A 1 75 ? 1.622   -15.846 -7.072  1.00 19.30  ? 75  VAL A O   1 
ATOM   577  C CB  . VAL A 1 75 ? 2.930   -13.437 -8.706  1.00 15.62  ? 75  VAL A CB  1 
ATOM   578  C CG1 . VAL A 1 75 ? 4.276   -12.863 -9.132  1.00 15.39  ? 75  VAL A CG1 1 
ATOM   579  C CG2 . VAL A 1 75 ? 2.504   -14.579 -9.583  1.00 19.95  ? 75  VAL A CG2 1 
ATOM   580  N N   . LEU A 1 76 ? 0.790   -13.943 -6.188  1.00 16.61  ? 76  LEU A N   1 
ATOM   581  C CA  . LEU A 1 76 ? -0.463  -14.541 -5.756  1.00 13.23  ? 76  LEU A CA  1 
ATOM   582  C C   . LEU A 1 76 ? -1.506  -14.117 -6.767  1.00 13.74  ? 76  LEU A C   1 
ATOM   583  O O   . LEU A 1 76 ? -1.498  -12.968 -7.212  1.00 13.81  ? 76  LEU A O   1 
ATOM   584  C CB  . LEU A 1 76 ? -0.839  -14.020 -4.369  1.00 10.67  ? 76  LEU A CB  1 
ATOM   585  C CG  . LEU A 1 76 ? 0.283   -14.101 -3.330  1.00 10.56  ? 76  LEU A CG  1 
ATOM   586  C CD1 . LEU A 1 76 ? -0.202  -13.491 -2.035  1.00 10.44  ? 76  LEU A CD1 1 
ATOM   587  C CD2 . LEU A 1 76 ? 0.740   -15.533 -3.115  1.00 9.92   ? 76  LEU A CD2 1 
ATOM   588  N N   . VAL A 1 77 ? -2.356  -15.055 -7.174  1.00 15.13  ? 77  VAL A N   1 
ATOM   589  C CA  . VAL A 1 77 ? -3.422  -14.781 -8.142  1.00 16.28  ? 77  VAL A CA  1 
ATOM   590  C C   . VAL A 1 77 ? -4.784  -15.005 -7.464  1.00 16.85  ? 77  VAL A C   1 
ATOM   591  O O   . VAL A 1 77 ? -5.028  -16.055 -6.856  1.00 14.47  ? 77  VAL A O   1 
ATOM   592  C CB  . VAL A 1 77 ? -3.288  -15.663 -9.400  1.00 13.69  ? 77  VAL A CB  1 
ATOM   593  C CG1 . VAL A 1 77 ? -4.488  -15.478 -10.315 1.00 14.92  ? 77  VAL A CG1 1 
ATOM   594  C CG2 . VAL A 1 77 ? -2.011  -15.309 -10.144 1.00 14.35  ? 77  VAL A CG2 1 
ATOM   595  N N   . GLY A 1 78 ? -5.651  -13.995 -7.534  1.00 19.14  ? 78  GLY A N   1 
ATOM   596  C CA  . GLY A 1 78 ? -6.957  -14.102 -6.915  1.00 17.70  ? 78  GLY A CA  1 
ATOM   597  C C   . GLY A 1 78 ? -7.898  -12.938 -7.176  1.00 17.48  ? 78  GLY A C   1 
ATOM   598  O O   . GLY A 1 78 ? -7.633  -12.084 -8.045  1.00 15.43  ? 78  GLY A O   1 
ATOM   599  N N   . PRO A 1 79 ? -9.013  -12.875 -6.428  1.00 19.33  ? 79  PRO A N   1 
ATOM   600  C CA  . PRO A 1 79 ? -10.039 -11.829 -6.539  1.00 20.85  ? 79  PRO A CA  1 
ATOM   601  C C   . PRO A 1 79 ? -9.661  -10.459 -5.987  1.00 20.43  ? 79  PRO A C   1 
ATOM   602  O O   . PRO A 1 79 ? -10.341 -9.923  -5.114  1.00 23.03  ? 79  PRO A O   1 
ATOM   603  C CB  . PRO A 1 79 ? -11.221 -12.434 -5.784  1.00 23.41  ? 79  PRO A CB  1 
ATOM   604  C CG  . PRO A 1 79 ? -10.544 -13.220 -4.699  1.00 22.47  ? 79  PRO A CG  1 
ATOM   605  C CD  . PRO A 1 79 ? -9.429  -13.908 -5.459  1.00 19.04  ? 79  PRO A CD  1 
ATOM   606  N N   . THR A 1 80 ? -8.580  -9.882  -6.504  1.00 21.20  ? 80  THR A N   1 
ATOM   607  C CA  . THR A 1 80 ? -8.154  -8.560  -6.072  1.00 19.58  ? 80  THR A CA  1 
ATOM   608  C C   . THR A 1 80 ? -8.762  -7.543  -7.051  1.00 20.36  ? 80  THR A C   1 
ATOM   609  O O   . THR A 1 80 ? -8.942  -7.842  -8.239  1.00 21.63  ? 80  THR A O   1 
ATOM   610  C CB  . THR A 1 80 ? -6.616  -8.433  -6.040  1.00 17.87  ? 80  THR A CB  1 
ATOM   611  O OG1 . THR A 1 80 ? -6.252  -7.120  -5.581  1.00 17.23  ? 80  THR A OG1 1 
ATOM   612  C CG2 . THR A 1 80 ? -6.020  -8.664  -7.417  1.00 11.66  ? 80  THR A CG2 1 
ATOM   613  N N   . PRO A 1 81 ? -9.189  -6.371  -6.544  1.00 21.01  ? 81  PRO A N   1 
ATOM   614  C CA  . PRO A 1 81 ? -9.782  -5.339  -7.403  1.00 21.20  ? 81  PRO A CA  1 
ATOM   615  C C   . PRO A 1 81 ? -8.742  -4.564  -8.222  1.00 22.52  ? 81  PRO A C   1 
ATOM   616  O O   . PRO A 1 81 ? -9.084  -3.888  -9.195  1.00 21.99  ? 81  PRO A O   1 
ATOM   617  C CB  . PRO A 1 81 ? -10.495 -4.431  -6.398  1.00 20.69  ? 81  PRO A CB  1 
ATOM   618  C CG  . PRO A 1 81 ? -9.641  -4.535  -5.181  1.00 18.86  ? 81  PRO A CG  1 
ATOM   619  C CD  . PRO A 1 81 ? -9.358  -6.021  -5.119  1.00 21.31  ? 81  PRO A CD  1 
ATOM   620  N N   . VAL A 1 82 ? -7.482  -4.648  -7.806  1.00 19.64  ? 82  VAL A N   1 
ATOM   621  C CA  . VAL A 1 82 ? -6.381  -3.955  -8.476  1.00 19.58  ? 82  VAL A CA  1 
ATOM   622  C C   . VAL A 1 82 ? -5.176  -4.892  -8.450  1.00 18.77  ? 82  VAL A C   1 
ATOM   623  O O   . VAL A 1 82 ? -5.026  -5.692  -7.518  1.00 16.69  ? 82  VAL A O   1 
ATOM   624  C CB  . VAL A 1 82 ? -5.990  -2.660  -7.724  1.00 21.77  ? 82  VAL A CB  1 
ATOM   625  C CG1 . VAL A 1 82 ? -4.979  -1.861  -8.517  1.00 21.02  ? 82  VAL A CG1 1 
ATOM   626  C CG2 . VAL A 1 82 ? -7.205  -1.794  -7.442  1.00 26.07  ? 82  VAL A CG2 1 
ATOM   627  N N   . ASN A 1 83 ? -4.353  -4.832  -9.492  1.00 16.20  ? 83  ASN A N   1 
ATOM   628  C CA  . ASN A 1 83 ? -3.135  -5.632  -9.543  1.00 14.19  ? 83  ASN A CA  1 
ATOM   629  C C   . ASN A 1 83 ? -2.165  -4.905  -8.627  1.00 13.07  ? 83  ASN A C   1 
ATOM   630  O O   . ASN A 1 83 ? -1.934  -3.709  -8.792  1.00 15.04  ? 83  ASN A O   1 
ATOM   631  C CB  . ASN A 1 83 ? -2.568  -5.677  -10.958 1.00 16.25  ? 83  ASN A CB  1 
ATOM   632  C CG  . ASN A 1 83 ? -3.420  -6.494  -11.906 1.00 17.62  ? 83  ASN A CG  1 
ATOM   633  O OD1 . ASN A 1 83 ? -3.839  -7.600  -11.588 1.00 18.85  ? 83  ASN A OD1 1 
ATOM   634  N ND2 . ASN A 1 83 ? -3.675  -5.950  -13.084 1.00 20.27  ? 83  ASN A ND2 1 
ATOM   635  N N   . ILE A 1 84 ? -1.595  -5.621  -7.671  1.00 14.18  ? 84  ILE A N   1 
ATOM   636  C CA  . ILE A 1 84 ? -0.683  -5.029  -6.696  1.00 14.22  ? 84  ILE A CA  1 
ATOM   637  C C   . ILE A 1 84 ? 0.753   -5.571  -6.810  1.00 13.11  ? 84  ILE A C   1 
ATOM   638  O O   . ILE A 1 84 ? 0.962   -6.785  -6.849  1.00 15.06  ? 84  ILE A O   1 
ATOM   639  C CB  . ILE A 1 84 ? -1.191  -5.322  -5.254  1.00 15.01  ? 84  ILE A CB  1 
ATOM   640  C CG1 . ILE A 1 84 ? -2.613  -4.795  -5.015  1.00 15.00  ? 84  ILE A CG1 1 
ATOM   641  C CG2 . ILE A 1 84 ? -0.256  -4.732  -4.212  1.00 8.80   ? 84  ILE A CG2 1 
ATOM   642  C CD1 . ILE A 1 84 ? -2.700  -3.287  -4.959  1.00 17.70  ? 84  ILE A CD1 1 
ATOM   643  N N   . ILE A 1 85 ? 1.734   -4.676  -6.894  1.00 14.70  ? 85  ILE A N   1 
ATOM   644  C CA  . ILE A 1 85 ? 3.141   -5.076  -6.931  1.00 12.88  ? 85  ILE A CA  1 
ATOM   645  C C   . ILE A 1 85 ? 3.638   -4.752  -5.519  1.00 9.12   ? 85  ILE A C   1 
ATOM   646  O O   . ILE A 1 85 ? 3.766   -3.581  -5.152  1.00 8.94   ? 85  ILE A O   1 
ATOM   647  C CB  . ILE A 1 85 ? 3.976   -4.279  -7.964  1.00 13.61  ? 85  ILE A CB  1 
ATOM   648  C CG1 . ILE A 1 85 ? 3.491   -4.495  -9.406  1.00 12.76  ? 85  ILE A CG1 1 
ATOM   649  C CG2 . ILE A 1 85 ? 5.442   -4.667  -7.861  1.00 11.62  ? 85  ILE A CG2 1 
ATOM   650  C CD1 . ILE A 1 85 ? 3.492   -5.936  -9.872  1.00 14.56  ? 85  ILE A CD1 1 
ATOM   651  N N   . GLY A 1 86 ? 3.872   -5.793  -4.725  1.00 7.39   ? 86  GLY A N   1 
ATOM   652  C CA  . GLY A 1 86 ? 4.307   -5.610  -3.356  1.00 8.96   ? 86  GLY A CA  1 
ATOM   653  C C   . GLY A 1 86 ? 5.802   -5.523  -3.148  1.00 10.58  ? 86  GLY A C   1 
ATOM   654  O O   . GLY A 1 86 ? 6.581   -5.571  -4.104  1.00 10.37  ? 86  GLY A O   1 
ATOM   655  N N   . ARG A 1 87 ? 6.194   -5.451  -1.878  1.00 11.06  ? 87  ARG A N   1 
ATOM   656  C CA  . ARG A 1 87 ? 7.594   -5.333  -1.470  1.00 11.25  ? 87  ARG A CA  1 
ATOM   657  C C   . ARG A 1 87 ? 8.519   -6.445  -1.955  1.00 11.92  ? 87  ARG A C   1 
ATOM   658  O O   . ARG A 1 87 ? 9.695   -6.194  -2.209  1.00 14.09  ? 87  ARG A O   1 
ATOM   659  C CB  . ARG A 1 87 ? 7.713   -5.187  0.045   1.00 6.04   ? 87  ARG A CB  1 
ATOM   660  C CG  . ARG A 1 87 ? 7.237   -3.862  0.603   1.00 5.56   ? 87  ARG A CG  1 
ATOM   661  C CD  . ARG A 1 87 ? 7.646   -3.691  2.056   1.00 4.27   ? 87  ARG A CD  1 
ATOM   662  N NE  . ARG A 1 87 ? 7.151   -4.776  2.904   1.00 8.55   ? 87  ARG A NE  1 
ATOM   663  C CZ  . ARG A 1 87 ? 7.908   -5.760  3.390   1.00 11.41  ? 87  ARG A CZ  1 
ATOM   664  N NH1 . ARG A 1 87 ? 9.207   -5.803  3.120   1.00 11.17  ? 87  ARG A NH1 1 
ATOM   665  N NH2 . ARG A 1 87 ? 7.372   -6.708  4.153   1.00 11.38  ? 87  ARG A NH2 1 
ATOM   666  N N   . ASN A 1 88 ? 7.994   -7.652  -2.116  1.00 11.52  ? 88  ASN A N   1 
ATOM   667  C CA  . ASN A 1 88 ? 8.818   -8.754  -2.586  1.00 13.89  ? 88  ASN A CA  1 
ATOM   668  C C   . ASN A 1 88 ? 9.433   -8.480  -3.969  1.00 15.39  ? 88  ASN A C   1 
ATOM   669  O O   . ASN A 1 88 ? 10.579  -8.857  -4.214  1.00 15.34  ? 88  ASN A O   1 
ATOM   670  C CB  . ASN A 1 88 ? 8.048   -10.077 -2.557  1.00 12.64  ? 88  ASN A CB  1 
ATOM   671  C CG  . ASN A 1 88 ? 6.953   -10.140 -3.597  1.00 13.29  ? 88  ASN A CG  1 
ATOM   672  O OD1 . ASN A 1 88 ? 6.089   -9.276  -3.652  1.00 15.85  ? 88  ASN A OD1 1 
ATOM   673  N ND2 . ASN A 1 88 ? 6.987   -11.175 -4.440  1.00 12.97  ? 88  ASN A ND2 1 
ATOM   674  N N   . LEU A 1 89 ? 8.723   -7.780  -4.851  1.00 12.77  ? 89  LEU A N   1 
ATOM   675  C CA  . LEU A 1 89 ? 9.264   -7.468  -6.167  1.00 12.71  ? 89  LEU A CA  1 
ATOM   676  C C   . LEU A 1 89 ? 9.821   -6.052  -6.249  1.00 14.27  ? 89  LEU A C   1 
ATOM   677  O O   . LEU A 1 89 ? 10.727  -5.784  -7.045  1.00 13.10  ? 89  LEU A O   1 
ATOM   678  C CB  . LEU A 1 89 ? 8.227   -7.682  -7.265  1.00 11.79  ? 89  LEU A CB  1 
ATOM   679  C CG  . LEU A 1 89 ? 7.791   -9.136  -7.456  1.00 14.25  ? 89  LEU A CG  1 
ATOM   680  C CD1 . LEU A 1 89 ? 6.858   -9.201  -8.650  1.00 15.45  ? 89  LEU A CD1 1 
ATOM   681  C CD2 . LEU A 1 89 ? 8.997   -10.035 -7.686  1.00 15.68  ? 89  LEU A CD2 1 
ATOM   682  N N   . LEU A 1 90 ? 9.287   -5.144  -5.436  1.00 12.62  ? 90  LEU A N   1 
ATOM   683  C CA  . LEU A 1 90 ? 9.758   -3.764  -5.425  1.00 12.02  ? 90  LEU A CA  1 
ATOM   684  C C   . LEU A 1 90 ? 11.250  -3.681  -5.085  1.00 12.01  ? 90  LEU A C   1 
ATOM   685  O O   . LEU A 1 90 ? 11.984  -2.895  -5.684  1.00 10.93  ? 90  LEU A O   1 
ATOM   686  C CB  . LEU A 1 90 ? 8.953   -2.917  -4.440  1.00 13.96  ? 90  LEU A CB  1 
ATOM   687  C CG  . LEU A 1 90 ? 7.507   -2.601  -4.835  1.00 13.79  ? 90  LEU A CG  1 
ATOM   688  C CD1 . LEU A 1 90 ? 6.934   -1.652  -3.804  1.00 14.07  ? 90  LEU A CD1 1 
ATOM   689  C CD2 . LEU A 1 90 ? 7.446   -1.970  -6.205  1.00 12.79  ? 90  LEU A CD2 1 
ATOM   690  N N   . THR A 1 91 ? 11.696  -4.510  -4.149  1.00 11.40  ? 91  THR A N   1 
ATOM   691  C CA  . THR A 1 91 ? 13.107  -4.562  -3.747  1.00 15.18  ? 91  THR A CA  1 
ATOM   692  C C   . THR A 1 91 ? 14.037  -5.012  -4.892  1.00 13.75  ? 91  THR A C   1 
ATOM   693  O O   . THR A 1 91 ? 15.160  -4.524  -5.024  1.00 16.15  ? 91  THR A O   1 
ATOM   694  C CB  . THR A 1 91 ? 13.297  -5.528  -2.591  1.00 13.33  ? 91  THR A CB  1 
ATOM   695  O OG1 . THR A 1 91 ? 12.741  -6.802  -2.939  1.00 14.90  ? 91  THR A OG1 1 
ATOM   696  C CG2 . THR A 1 91 ? 12.639  -5.004  -1.349  1.00 14.69  ? 91  THR A CG2 1 
ATOM   697  N N   . GLN A 1 92 ? 13.544  -5.912  -5.734  1.00 13.30  ? 92  GLN A N   1 
ATOM   698  C CA  . GLN A 1 92 ? 14.314  -6.430  -6.855  1.00 12.26  ? 92  GLN A CA  1 
ATOM   699  C C   . GLN A 1 92 ? 14.618  -5.389  -7.934  1.00 14.03  ? 92  GLN A C   1 
ATOM   700  O O   . GLN A 1 92 ? 15.595  -5.529  -8.676  1.00 15.79  ? 92  GLN A O   1 
ATOM   701  C CB  . GLN A 1 92 ? 13.621  -7.651  -7.464  1.00 9.31   ? 92  GLN A CB  1 
ATOM   702  C CG  . GLN A 1 92 ? 13.315  -8.740  -6.453  1.00 10.56  ? 92  GLN A CG  1 
ATOM   703  C CD  . GLN A 1 92 ? 14.575  -9.291  -5.809  1.00 14.81  ? 92  GLN A CD  1 
ATOM   704  O OE1 . GLN A 1 92 ? 14.927  -8.943  -4.684  1.00 12.04  ? 92  GLN A OE1 1 
ATOM   705  N NE2 . GLN A 1 92 ? 15.258  -10.162 -6.521  1.00 10.50  ? 92  GLN A NE2 1 
ATOM   706  N N   . ILE A 1 93 ? 13.777  -4.367  -8.061  1.00 16.13  ? 93  ILE A N   1 
ATOM   707  C CA  . ILE A 1 93 ? 14.022  -3.324  -9.058  1.00 14.88  ? 93  ILE A CA  1 
ATOM   708  C C   . ILE A 1 93 ? 14.679  -2.099  -8.417  1.00 11.56  ? 93  ILE A C   1 
ATOM   709  O O   . ILE A 1 93 ? 14.840  -1.067  -9.052  1.00 15.39  ? 93  ILE A O   1 
ATOM   710  C CB  . ILE A 1 93 ? 12.746  -2.933  -9.833  1.00 16.25  ? 93  ILE A CB  1 
ATOM   711  C CG1 . ILE A 1 93 ? 11.712  -2.249  -8.926  1.00 18.87  ? 93  ILE A CG1 1 
ATOM   712  C CG2 . ILE A 1 93 ? 12.135  -4.169  -10.494 1.00 12.79  ? 93  ILE A CG2 1 
ATOM   713  C CD1 . ILE A 1 93 ? 10.518  -1.685  -9.692  1.00 22.60  ? 93  ILE A CD1 1 
ATOM   714  N N   . GLY A 1 94 ? 15.071  -2.245  -7.159  1.00 15.52  ? 94  GLY A N   1 
ATOM   715  C CA  . GLY A 1 94 ? 15.721  -1.166  -6.439  1.00 15.88  ? 94  GLY A CA  1 
ATOM   716  C C   . GLY A 1 94 ? 14.806  -0.015  -6.079  1.00 19.37  ? 94  GLY A C   1 
ATOM   717  O O   . GLY A 1 94 ? 15.270  1.121   -5.952  1.00 17.81  ? 94  GLY A O   1 
ATOM   718  N N   . CYS A 1 95 ? 13.528  -0.309  -5.859  1.00 16.54  ? 95  CYS A N   1 
ATOM   719  C CA  . CYS A 1 95 ? 12.566  0.733   -5.518  1.00 18.53  ? 95  CYS A CA  1 
ATOM   720  C C   . CYS A 1 95 ? 12.811  1.242   -4.108  1.00 15.44  ? 95  CYS A C   1 
ATOM   721  O O   . CYS A 1 95 ? 13.054  0.470   -3.177  1.00 15.64  ? 95  CYS A O   1 
ATOM   722  C CB  . CYS A 1 95 ? 11.131  0.227   -5.672  1.00 19.08  ? 95  CYS A CB  1 
ATOM   723  S SG  . CYS A 1 95 ? 9.897   1.542   -5.803  1.00 26.88  ? 95  CYS A SG  1 
ATOM   724  N N   . THR A 1 96 ? 12.707  2.555   -3.953  1.00 15.37  ? 96  THR A N   1 
ATOM   725  C CA  . THR A 1 96 ? 12.958  3.200   -2.679  1.00 16.47  ? 96  THR A CA  1 
ATOM   726  C C   . THR A 1 96 ? 11.992  4.377   -2.438  1.00 14.01  ? 96  THR A C   1 
ATOM   727  O O   . THR A 1 96 ? 11.485  4.995   -3.381  1.00 12.77  ? 96  THR A O   1 
ATOM   728  C CB  . THR A 1 96 ? 14.444  3.616   -2.630  1.00 18.01  ? 96  THR A CB  1 
ATOM   729  O OG1 . THR A 1 96 ? 14.956  3.462   -1.310  1.00 27.79  ? 96  THR A OG1 1 
ATOM   730  C CG2 . THR A 1 96 ? 14.642  5.029   -3.091  1.00 11.65  ? 96  THR A CG2 1 
ATOM   731  N N   . LEU A 1 97 ? 11.742  4.654   -1.164  1.00 14.45  ? 97  LEU A N   1 
ATOM   732  C CA  . LEU A 1 97 ? 10.838  5.705   -0.719  1.00 17.19  ? 97  LEU A CA  1 
ATOM   733  C C   . LEU A 1 97 ? 11.695  6.872   -0.214  1.00 17.64  ? 97  LEU A C   1 
ATOM   734  O O   . LEU A 1 97 ? 12.542  6.671   0.665   1.00 17.92  ? 97  LEU A O   1 
ATOM   735  C CB  . LEU A 1 97 ? 9.998   5.123   0.426   1.00 20.58  ? 97  LEU A CB  1 
ATOM   736  C CG  . LEU A 1 97 ? 8.547   5.512   0.683   1.00 24.85  ? 97  LEU A CG  1 
ATOM   737  C CD1 . LEU A 1 97 ? 7.719   5.564   -0.598  1.00 24.77  ? 97  LEU A CD1 1 
ATOM   738  C CD2 . LEU A 1 97 ? 7.975   4.480   1.650   1.00 22.06  ? 97  LEU A CD2 1 
ATOM   739  N N   . ASN A 1 98 ? 11.468  8.079   -0.736  1.00 17.19  ? 98  ASN A N   1 
ATOM   740  C CA  . ASN A 1 98 ? 12.259  9.257   -0.339  1.00 19.18  ? 98  ASN A CA  1 
ATOM   741  C C   . ASN A 1 98 ? 11.439  10.480  0.064   1.00 18.74  ? 98  ASN A C   1 
ATOM   742  O O   . ASN A 1 98 ? 10.441  10.789  -0.580  1.00 20.97  ? 98  ASN A O   1 
ATOM   743  C CB  . ASN A 1 98 ? 13.182  9.696   -1.479  1.00 23.19  ? 98  ASN A CB  1 
ATOM   744  C CG  . ASN A 1 98 ? 14.225  8.671   -1.819  1.00 26.01  ? 98  ASN A CG  1 
ATOM   745  O OD1 . ASN A 1 98 ? 13.950  7.700   -2.520  1.00 23.34  ? 98  ASN A OD1 1 
ATOM   746  N ND2 . ASN A 1 98 ? 15.441  8.885   -1.336  1.00 32.11  ? 98  ASN A ND2 1 
ATOM   747  N N   . PHE A 1 99 ? 11.910  11.197  1.088   1.00 17.61  ? 99  PHE A N   1 
ATOM   748  C CA  . PHE A 1 99 ? 11.275  12.430  1.577   1.00 21.90  ? 99  PHE A CA  1 
ATOM   749  C C   . PHE A 1 99 ? 12.183  13.212  2.536   1.00 24.29  ? 99  PHE A C   1 
ATOM   750  O O   . PHE A 1 99 ? 13.361  12.815  2.668   1.00 24.00  ? 99  PHE A O   1 
ATOM   751  C CB  . PHE A 1 99 ? 9.906   12.166  2.229   1.00 20.68  ? 99  PHE A CB  1 
ATOM   752  C CG  . PHE A 1 99 ? 9.968   11.376  3.519   1.00 22.25  ? 99  PHE A CG  1 
ATOM   753  C CD1 . PHE A 1 99 ? 9.918   9.987   3.508   1.00 22.40  ? 99  PHE A CD1 1 
ATOM   754  C CD2 . PHE A 1 99 ? 10.020  12.026  4.748   1.00 22.52  ? 99  PHE A CD2 1 
ATOM   755  C CE1 . PHE A 1 99 ? 9.943   9.263   4.697   1.00 23.39  ? 99  PHE A CE1 1 
ATOM   756  C CE2 . PHE A 1 99 ? 10.042  11.310  5.937   1.00 23.87  ? 99  PHE A CE2 1 
ATOM   757  C CZ  . PHE A 1 99 ? 9.995   9.926   5.916   1.00 24.62  ? 99  PHE A CZ  1 
ATOM   758  N N   . PRO B 1 1  ? 15.142  11.298  4.098   1.00 36.45  ? 1   PRO B N   1 
ATOM   759  C CA  . PRO B 1 1  ? 15.446  9.857   4.330   1.00 33.58  ? 1   PRO B CA  1 
ATOM   760  C C   . PRO B 1 1  ? 15.166  9.032   3.090   1.00 30.93  ? 1   PRO B C   1 
ATOM   761  O O   . PRO B 1 1  ? 14.330  9.401   2.270   1.00 30.08  ? 1   PRO B O   1 
ATOM   762  C CB  . PRO B 1 1  ? 14.567  9.333   5.466   1.00 34.02  ? 1   PRO B CB  1 
ATOM   763  C CG  . PRO B 1 1  ? 14.447  10.494  6.311   1.00 38.64  ? 1   PRO B CG  1 
ATOM   764  C CD  . PRO B 1 1  ? 14.274  11.580  5.275   1.00 39.41  ? 1   PRO B CD  1 
ATOM   765  N N   . GLN B 1 2  ? 15.932  7.966   2.916   1.00 27.09  ? 2   GLN B N   1 
ATOM   766  C CA  . GLN B 1 2  ? 15.711  7.049   1.814   1.00 26.09  ? 2   GLN B CA  1 
ATOM   767  C C   . GLN B 1 2  ? 15.371  5.772   2.550   1.00 25.26  ? 2   GLN B C   1 
ATOM   768  O O   . GLN B 1 2  ? 16.097  5.365   3.464   1.00 26.56  ? 2   GLN B O   1 
ATOM   769  C CB  . GLN B 1 2  ? 16.957  6.831   0.966   1.00 27.74  ? 2   GLN B CB  1 
ATOM   770  C CG  . GLN B 1 2  ? 16.722  5.770   -0.098  1.00 30.73  ? 2   GLN B CG  1 
ATOM   771  C CD  . GLN B 1 2  ? 17.833  5.673   -1.100  1.00 33.49  ? 2   GLN B CD  1 
ATOM   772  O OE1 . GLN B 1 2  ? 18.731  4.848   -0.960  1.00 38.93  ? 2   GLN B OE1 1 
ATOM   773  N NE2 . GLN B 1 2  ? 17.775  6.505   -2.133  1.00 32.35  ? 2   GLN B NE2 1 
ATOM   774  N N   . ILE B 1 3  ? 14.247  5.170   2.199   1.00 21.58  ? 3   ILE B N   1 
ATOM   775  C CA  . ILE B 1 3  ? 13.806  3.956   2.856   1.00 19.69  ? 3   ILE B CA  1 
ATOM   776  C C   . ILE B 1 3  ? 13.751  2.813   1.846   1.00 19.57  ? 3   ILE B C   1 
ATOM   777  O O   . ILE B 1 3  ? 13.132  2.934   0.783   1.00 17.40  ? 3   ILE B O   1 
ATOM   778  C CB  . ILE B 1 3  ? 12.430  4.169   3.526   1.00 19.90  ? 3   ILE B CB  1 
ATOM   779  C CG1 . ILE B 1 3  ? 12.542  5.310   4.545   1.00 21.26  ? 3   ILE B CG1 1 
ATOM   780  C CG2 . ILE B 1 3  ? 11.961  2.909   4.240   1.00 18.47  ? 3   ILE B CG2 1 
ATOM   781  C CD1 . ILE B 1 3  ? 11.234  5.718   5.183   1.00 19.26  ? 3   ILE B CD1 1 
ATOM   782  N N   . THR B 1 4  ? 14.464  1.731   2.149   1.00 18.38  ? 4   THR B N   1 
ATOM   783  C CA  . THR B 1 4  ? 14.460  0.555   1.287   1.00 16.55  ? 4   THR B CA  1 
ATOM   784  C C   . THR B 1 4  ? 13.267  -0.289  1.727   1.00 13.82  ? 4   THR B C   1 
ATOM   785  O O   . THR B 1 4  ? 12.737  -0.096  2.825   1.00 15.45  ? 4   THR B O   1 
ATOM   786  C CB  . THR B 1 4  ? 15.771  -0.230  1.380   1.00 20.13  ? 4   THR B CB  1 
ATOM   787  O OG1 . THR B 1 4  ? 16.135  -0.395  2.759   1.00 20.43  ? 4   THR B OG1 1 
ATOM   788  C CG2 . THR B 1 4  ? 16.893  0.513   0.660   1.00 21.20  ? 4   THR B CG2 1 
ATOM   789  N N   . LEU B 1 5  ? 12.869  -1.247  0.903   1.00 13.31  ? 5   LEU B N   1 
ATOM   790  C CA  . LEU B 1 5  ? 11.693  -2.046  1.195   1.00 12.66  ? 5   LEU B CA  1 
ATOM   791  C C   . LEU B 1 5  ? 11.911  -3.497  1.589   1.00 14.78  ? 5   LEU B C   1 
ATOM   792  O O   . LEU B 1 5  ? 11.000  -4.316  1.466   1.00 14.57  ? 5   LEU B O   1 
ATOM   793  C CB  . LEU B 1 5  ? 10.713  -1.932  0.017   1.00 12.08  ? 5   LEU B CB  1 
ATOM   794  C CG  . LEU B 1 5  ? 10.354  -0.463  -0.245  1.00 11.67  ? 5   LEU B CG  1 
ATOM   795  C CD1 . LEU B 1 5  ? 9.625   -0.337  -1.555  1.00 10.66  ? 5   LEU B CD1 1 
ATOM   796  C CD2 . LEU B 1 5  ? 9.532   0.100   0.911   1.00 11.58  ? 5   LEU B CD2 1 
ATOM   797  N N   . TRP B 1 6  ? 13.096  -3.813  2.104   1.00 15.27  ? 6   TRP B N   1 
ATOM   798  C CA  . TRP B 1 6  ? 13.391  -5.183  2.526   1.00 14.95  ? 6   TRP B CA  1 
ATOM   799  C C   . TRP B 1 6  ? 12.560  -5.508  3.767   1.00 15.92  ? 6   TRP B C   1 
ATOM   800  O O   . TRP B 1 6  ? 12.225  -6.664  4.025   1.00 17.60  ? 6   TRP B O   1 
ATOM   801  C CB  . TRP B 1 6  ? 14.906  -5.347  2.773   1.00 13.62  ? 6   TRP B CB  1 
ATOM   802  C CG  . TRP B 1 6  ? 15.732  -5.070  1.531   1.00 10.44  ? 6   TRP B CG  1 
ATOM   803  C CD1 . TRP B 1 6  ? 16.355  -3.897  1.198   1.00 9.93   ? 6   TRP B CD1 1 
ATOM   804  C CD2 . TRP B 1 6  ? 15.914  -5.944  0.405   1.00 9.13   ? 6   TRP B CD2 1 
ATOM   805  N NE1 . TRP B 1 6  ? 16.885  -3.984  -0.066  1.00 9.82   ? 6   TRP B NE1 1 
ATOM   806  C CE2 . TRP B 1 6  ? 16.630  -5.228  -0.580  1.00 9.89   ? 6   TRP B CE2 1 
ATOM   807  C CE3 . TRP B 1 6  ? 15.531  -7.269  0.119   1.00 8.52   ? 6   TRP B CE3 1 
ATOM   808  C CZ2 . TRP B 1 6  ? 16.971  -5.779  -1.815  1.00 8.33   ? 6   TRP B CZ2 1 
ATOM   809  C CZ3 . TRP B 1 6  ? 15.868  -7.812  -1.105  1.00 8.44   ? 6   TRP B CZ3 1 
ATOM   810  C CH2 . TRP B 1 6  ? 16.580  -7.068  -2.059  1.00 9.12   ? 6   TRP B CH2 1 
ATOM   811  N N   . GLN B 1 7  ? 12.212  -4.469  4.515   1.00 16.47  ? 7   GLN B N   1 
ATOM   812  C CA  . GLN B 1 7  ? 11.397  -4.583  5.717   1.00 17.85  ? 7   GLN B CA  1 
ATOM   813  C C   . GLN B 1 7  ? 10.171  -3.687  5.492   1.00 14.61  ? 7   GLN B C   1 
ATOM   814  O O   . GLN B 1 7  ? 10.136  -2.911  4.546   1.00 12.84  ? 7   GLN B O   1 
ATOM   815  C CB  . GLN B 1 7  ? 12.181  -4.053  6.920   1.00 25.17  ? 7   GLN B CB  1 
ATOM   816  C CG  . GLN B 1 7  ? 13.528  -4.723  7.159   1.00 37.90  ? 7   GLN B CG  1 
ATOM   817  C CD  . GLN B 1 7  ? 13.443  -5.883  8.136   1.00 46.88  ? 7   GLN B CD  1 
ATOM   818  O OE1 . GLN B 1 7  ? 13.500  -5.685  9.354   1.00 51.41  ? 7   GLN B OE1 1 
ATOM   819  N NE2 . GLN B 1 7  ? 13.310  -7.098  7.611   1.00 50.35  ? 7   GLN B NE2 1 
ATOM   820  N N   . ARG B 1 8  ? 9.170   -3.800  6.358   1.00 14.29  ? 8   ARG B N   1 
ATOM   821  C CA  . ARG B 1 8  ? 7.967   -2.965  6.254   1.00 15.47  ? 8   ARG B CA  1 
ATOM   822  C C   . ARG B 1 8  ? 8.357   -1.536  6.546   1.00 12.19  ? 8   ARG B C   1 
ATOM   823  O O   . ARG B 1 8  ? 9.087   -1.277  7.499   1.00 14.26  ? 8   ARG B O   1 
ATOM   824  C CB  . ARG B 1 8  ? 6.897   -3.395  7.274   1.00 15.87  ? 8   ARG B CB  1 
ATOM   825  C CG  . ARG B 1 8  ? 5.873   -4.346  6.728   1.00 19.35  ? 8   ARG B CG  1 
ATOM   826  C CD  . ARG B 1 8  ? 4.958   -4.881  7.796   1.00 24.42  ? 8   ARG B CD  1 
ATOM   827  N NE  . ARG B 1 8  ? 4.784   -6.318  7.609   1.00 37.28  ? 8   ARG B NE  1 
ATOM   828  C CZ  . ARG B 1 8  ? 3.876   -7.071  8.227   1.00 45.13  ? 8   ARG B CZ  1 
ATOM   829  N NH1 . ARG B 1 8  ? 3.016   -6.535  9.083   1.00 51.00  ? 8   ARG B NH1 1 
ATOM   830  N NH2 . ARG B 1 8  ? 3.826   -8.373  7.976   1.00 47.62  ? 8   ARG B NH2 1 
ATOM   831  N N   . PRO B 1 9  ? 7.889   -0.585  5.733   1.00 10.57  ? 9   PRO B N   1 
ATOM   832  C CA  . PRO B 1 9  ? 8.237   0.816   5.978   1.00 10.34  ? 9   PRO B CA  1 
ATOM   833  C C   . PRO B 1 9  ? 7.463   1.453   7.146   1.00 11.59  ? 9   PRO B C   1 
ATOM   834  O O   . PRO B 1 9  ? 6.623   2.322   6.929   1.00 14.47  ? 9   PRO B O   1 
ATOM   835  C CB  . PRO B 1 9  ? 7.919   1.491   4.643   1.00 11.29  ? 9   PRO B CB  1 
ATOM   836  C CG  . PRO B 1 9  ? 6.805   0.648   4.083   1.00 9.80   ? 9   PRO B CG  1 
ATOM   837  C CD  . PRO B 1 9  ? 7.254   -0.751  4.411   1.00 8.32   ? 9   PRO B CD  1 
ATOM   838  N N   . LEU B 1 10 ? 7.776   1.041   8.373   1.00 12.28  ? 10  LEU B N   1 
ATOM   839  C CA  . LEU B 1 10 ? 7.130   1.557   9.577   1.00 13.02  ? 10  LEU B CA  1 
ATOM   840  C C   . LEU B 1 10 ? 7.879   2.744   10.130  1.00 15.83  ? 10  LEU B C   1 
ATOM   841  O O   . LEU B 1 10 ? 9.097   2.695   10.291  1.00 23.22  ? 10  LEU B O   1 
ATOM   842  C CB  . LEU B 1 10 ? 7.064   0.490   10.667  1.00 13.20  ? 10  LEU B CB  1 
ATOM   843  C CG  . LEU B 1 10 ? 6.263   -0.747  10.286  1.00 16.42  ? 10  LEU B CG  1 
ATOM   844  C CD1 . LEU B 1 10 ? 6.488   -1.813  11.325  1.00 18.92  ? 10  LEU B CD1 1 
ATOM   845  C CD2 . LEU B 1 10 ? 4.788   -0.419  10.168  1.00 22.47  ? 10  LEU B CD2 1 
ATOM   846  N N   . VAL B 1 11 ? 7.144   3.801   10.449  1.00 14.99  ? 11  VAL B N   1 
ATOM   847  C CA  . VAL B 1 11 ? 7.727   5.007   11.007  1.00 14.37  ? 11  VAL B CA  1 
ATOM   848  C C   . VAL B 1 11 ? 6.938   5.383   12.246  1.00 17.04  ? 11  VAL B C   1 
ATOM   849  O O   . VAL B 1 11 ? 5.864   4.828   12.511  1.00 17.42  ? 11  VAL B O   1 
ATOM   850  C CB  . VAL B 1 11 ? 7.667   6.181   10.019  1.00 15.17  ? 11  VAL B CB  1 
ATOM   851  C CG1 . VAL B 1 11 ? 8.572   5.922   8.829   1.00 14.54  ? 11  VAL B CG1 1 
ATOM   852  C CG2 . VAL B 1 11 ? 6.232   6.426   9.558   1.00 15.74  ? 11  VAL B CG2 1 
ATOM   853  N N   . THR B 1 12 ? 7.482   6.303   13.024  1.00 18.60  ? 12  THR B N   1 
ATOM   854  C CA  . THR B 1 12 ? 6.803   6.766   14.223  1.00 20.41  ? 12  THR B CA  1 
ATOM   855  C C   . THR B 1 12 ? 6.064   8.048   13.850  1.00 20.13  ? 12  THR B C   1 
ATOM   856  O O   . THR B 1 12 ? 6.586   8.883   13.105  1.00 19.62  ? 12  THR B O   1 
ATOM   857  C CB  . THR B 1 12 ? 7.803   7.041   15.353  1.00 20.01  ? 12  THR B CB  1 
ATOM   858  O OG1 . THR B 1 12 ? 8.514   5.832   15.662  1.00 21.94  ? 12  THR B OG1 1 
ATOM   859  C CG2 . THR B 1 12 ? 7.089   7.513   16.603  1.00 20.85  ? 12  THR B CG2 1 
ATOM   860  N N   . ILE B 1 13 ? 4.814   8.151   14.282  1.00 18.35  ? 13  ILE B N   1 
ATOM   861  C CA  . ILE B 1 13 ? 4.018   9.346   14.020  1.00 17.27  ? 13  ILE B CA  1 
ATOM   862  C C   . ILE B 1 13 ? 3.569   9.871   15.376  1.00 15.75  ? 13  ILE B C   1 
ATOM   863  O O   . ILE B 1 13 ? 3.529   9.120   16.353  1.00 14.59  ? 13  ILE B O   1 
ATOM   864  C CB  . ILE B 1 13 ? 2.774   9.054   13.146  1.00 13.63  ? 13  ILE B CB  1 
ATOM   865  C CG1 . ILE B 1 13 ? 1.825   8.069   13.848  1.00 14.77  ? 13  ILE B CG1 1 
ATOM   866  C CG2 . ILE B 1 13 ? 3.206   8.542   11.773  1.00 13.36  ? 13  ILE B CG2 1 
ATOM   867  C CD1 . ILE B 1 13 ? 0.445   7.957   13.224  1.00 14.49  ? 13  ILE B CD1 1 
ATOM   868  N N   . LYS B 1 14 ? 3.321   11.165  15.468  1.00 16.22  ? 14  LYS B N   1 
ATOM   869  C CA  . LYS B 1 14 ? 2.840   11.716  16.717  1.00 18.26  ? 14  LYS B CA  1 
ATOM   870  C C   . LYS B 1 14 ? 1.513   12.372  16.405  1.00 17.72  ? 14  LYS B C   1 
ATOM   871  O O   . LYS B 1 14 ? 1.416   13.189  15.484  1.00 15.64  ? 14  LYS B O   1 
ATOM   872  C CB  . LYS B 1 14 ? 3.815   12.729  17.324  1.00 16.05  ? 14  LYS B CB  1 
ATOM   873  C CG  . LYS B 1 14 ? 3.356   13.218  18.689  1.00 19.48  ? 14  LYS B CG  1 
ATOM   874  C CD  . LYS B 1 14 ? 4.453   13.907  19.465  1.00 22.26  ? 14  LYS B CD  1 
ATOM   875  C CE  . LYS B 1 14 ? 4.612   15.355  19.055  1.00 27.59  ? 14  LYS B CE  1 
ATOM   876  N NZ  . LYS B 1 14 ? 5.510   16.077  20.003  1.00 30.69  ? 14  LYS B NZ  1 
ATOM   877  N N   . ILE B 1 15 ? 0.484   11.967  17.134  1.00 19.65  ? 15  ILE B N   1 
ATOM   878  C CA  . ILE B 1 15 ? -0.844  12.519  16.948  1.00 20.51  ? 15  ILE B CA  1 
ATOM   879  C C   . ILE B 1 15 ? -1.506  12.587  18.313  1.00 21.85  ? 15  ILE B C   1 
ATOM   880  O O   . ILE B 1 15 ? -1.494  11.621  19.070  1.00 22.38  ? 15  ILE B O   1 
ATOM   881  C CB  . ILE B 1 15 ? -1.665  11.686  15.946  1.00 21.21  ? 15  ILE B CB  1 
ATOM   882  C CG1 . ILE B 1 15 ? -3.051  12.306  15.751  1.00 23.65  ? 15  ILE B CG1 1 
ATOM   883  C CG2 . ILE B 1 15 ? -1.737  10.229  16.392  1.00 24.69  ? 15  ILE B CG2 1 
ATOM   884  C CD1 . ILE B 1 15 ? -3.845  11.701  14.613  1.00 18.92  ? 15  ILE B CD1 1 
ATOM   885  N N   . GLY B 1 16 ? -1.963  13.782  18.670  1.00 25.63  ? 16  GLY B N   1 
ATOM   886  C CA  . GLY B 1 16 ? -2.594  13.995  19.957  1.00 28.27  ? 16  GLY B CA  1 
ATOM   887  C C   . GLY B 1 16 ? -1.611  13.867  21.111  1.00 29.71  ? 16  GLY B C   1 
ATOM   888  O O   . GLY B 1 16 ? -2.001  13.522  22.224  1.00 34.07  ? 16  GLY B O   1 
ATOM   889  N N   . GLY B 1 17 ? -0.338  14.146  20.851  1.00 29.72  ? 17  GLY B N   1 
ATOM   890  C CA  . GLY B 1 17 ? 0.678   14.034  21.883  1.00 27.22  ? 17  GLY B CA  1 
ATOM   891  C C   . GLY B 1 17 ? 1.140   12.604  22.113  1.00 26.34  ? 17  GLY B C   1 
ATOM   892  O O   . GLY B 1 17 ? 1.964   12.348  22.988  1.00 26.97  ? 17  GLY B O   1 
ATOM   893  N N   . GLN B 1 18 ? 0.634   11.674  21.310  1.00 24.61  ? 18  GLN B N   1 
ATOM   894  C CA  . GLN B 1 18 ? 1.002   10.272  21.444  1.00 26.82  ? 18  GLN B CA  1 
ATOM   895  C C   . GLN B 1 18 ? 1.838   9.809   20.268  1.00 23.76  ? 18  GLN B C   1 
ATOM   896  O O   . GLN B 1 18 ? 1.619   10.241  19.133  1.00 21.55  ? 18  GLN B O   1 
ATOM   897  C CB  . GLN B 1 18 ? -0.238  9.389   21.495  1.00 31.30  ? 18  GLN B CB  1 
ATOM   898  C CG  . GLN B 1 18 ? -1.172  9.629   22.650  1.00 43.09  ? 18  GLN B CG  1 
ATOM   899  C CD  . GLN B 1 18 ? -2.360  8.691   22.588  1.00 49.17  ? 18  GLN B CD  1 
ATOM   900  O OE1 . GLN B 1 18 ? -3.306  8.912   21.829  1.00 51.18  ? 18  GLN B OE1 1 
ATOM   901  N NE2 . GLN B 1 18 ? -2.296  7.610   23.355  1.00 53.28  ? 18  GLN B NE2 1 
ATOM   902  N N   . LEU B 1 19 ? 2.757   8.890   20.545  1.00 23.16  ? 19  LEU B N   1 
ATOM   903  C CA  . LEU B 1 19 ? 3.624   8.318   19.521  1.00 18.75  ? 19  LEU B CA  1 
ATOM   904  C C   . LEU B 1 19 ? 2.984   6.998   19.122  1.00 18.48  ? 19  LEU B C   1 
ATOM   905  O O   . LEU B 1 19 ? 2.512   6.248   19.976  1.00 18.22  ? 19  LEU B O   1 
ATOM   906  C CB  . LEU B 1 19 ? 5.034   8.065   20.062  1.00 18.53  ? 19  LEU B CB  1 
ATOM   907  C CG  . LEU B 1 19 ? 5.940   9.277   20.307  1.00 17.06  ? 19  LEU B CG  1 
ATOM   908  C CD1 . LEU B 1 19 ? 7.278   8.787   20.826  1.00 15.78  ? 19  LEU B CD1 1 
ATOM   909  C CD2 . LEU B 1 19 ? 6.131   10.069  19.030  1.00 16.10  ? 19  LEU B CD2 1 
ATOM   910  N N   . LYS B 1 20 ? 2.944   6.740   17.820  1.00 19.33  ? 20  LYS B N   1 
ATOM   911  C CA  . LYS B 1 20 ? 2.361   5.523   17.259  1.00 19.49  ? 20  LYS B CA  1 
ATOM   912  C C   . LYS B 1 20 ? 3.211   5.056   16.081  1.00 18.20  ? 20  LYS B C   1 
ATOM   913  O O   . LYS B 1 20 ? 3.986   5.823   15.514  1.00 18.58  ? 20  LYS B O   1 
ATOM   914  C CB  . LYS B 1 20 ? 0.940   5.787   16.726  1.00 23.28  ? 20  LYS B CB  1 
ATOM   915  C CG  . LYS B 1 20 ? -0.189  5.646   17.738  1.00 29.09  ? 20  LYS B CG  1 
ATOM   916  C CD  . LYS B 1 20 ? -0.640  6.986   18.276  1.00 33.63  ? 20  LYS B CD  1 
ATOM   917  C CE  . LYS B 1 20 ? -1.931  6.843   19.062  1.00 33.97  ? 20  LYS B CE  1 
ATOM   918  N NZ  . LYS B 1 20 ? -3.062  6.445   18.188  1.00 32.85  ? 20  LYS B NZ  1 
ATOM   919  N N   . GLU B 1 21 ? 3.036   3.800   15.700  1.00 19.70  ? 21  GLU B N   1 
ATOM   920  C CA  . GLU B 1 21 ? 3.754   3.241   14.563  1.00 19.78  ? 21  GLU B CA  1 
ATOM   921  C C   . GLU B 1 21 ? 2.766   3.281   13.416  1.00 16.73  ? 21  GLU B C   1 
ATOM   922  O O   . GLU B 1 21 ? 1.586   2.975   13.606  1.00 13.93  ? 21  GLU B O   1 
ATOM   923  C CB  . GLU B 1 21 ? 4.166   1.788   14.833  1.00 27.30  ? 21  GLU B CB  1 
ATOM   924  C CG  . GLU B 1 21 ? 5.324   1.611   15.806  1.00 41.88  ? 21  GLU B CG  1 
ATOM   925  C CD  . GLU B 1 21 ? 6.670   1.929   15.176  1.00 49.34  ? 21  GLU B CD  1 
ATOM   926  O OE1 . GLU B 1 21 ? 7.174   1.082   14.400  1.00 53.91  ? 21  GLU B OE1 1 
ATOM   927  O OE2 . GLU B 1 21 ? 7.220   3.020   15.452  1.00 53.70  ? 21  GLU B OE2 1 
ATOM   928  N N   . ALA B 1 22 ? 3.234   3.663   12.235  1.00 14.08  ? 22  ALA B N   1 
ATOM   929  C CA  . ALA B 1 22 ? 2.375   3.730   11.063  1.00 12.68  ? 22  ALA B CA  1 
ATOM   930  C C   . ALA B 1 22 ? 3.145   3.221   9.855   1.00 10.82  ? 22  ALA B C   1 
ATOM   931  O O   . ALA B 1 22 ? 4.367   3.328   9.792   1.00 13.74  ? 22  ALA B O   1 
ATOM   932  C CB  . ALA B 1 22 ? 1.888   5.155   10.839  1.00 9.41   ? 22  ALA B CB  1 
ATOM   933  N N   . LEU B 1 23 ? 2.414   2.671   8.901   1.00 9.98   ? 23  LEU B N   1 
ATOM   934  C CA  . LEU B 1 23 ? 2.983   2.119   7.682   1.00 11.45  ? 23  LEU B CA  1 
ATOM   935  C C   . LEU B 1 23 ? 2.903   3.126   6.529   1.00 12.49  ? 23  LEU B C   1 
ATOM   936  O O   . LEU B 1 23 ? 1.819   3.632   6.235   1.00 11.56  ? 23  LEU B O   1 
ATOM   937  C CB  . LEU B 1 23 ? 2.200   0.846   7.325   1.00 11.95  ? 23  LEU B CB  1 
ATOM   938  C CG  . LEU B 1 23 ? 2.505   0.061   6.050   1.00 13.38  ? 23  LEU B CG  1 
ATOM   939  C CD1 . LEU B 1 23 ? 3.842   -0.642  6.172   1.00 14.76  ? 23  LEU B CD1 1 
ATOM   940  C CD2 . LEU B 1 23 ? 1.392   -0.957  5.825   1.00 12.63  ? 23  LEU B CD2 1 
ATOM   941  N N   . LEU B 1 24 ? 4.038   3.454   5.908   1.00 10.62  ? 24  LEU B N   1 
ATOM   942  C CA  . LEU B 1 24 ? 4.042   4.370   4.762   1.00 10.56  ? 24  LEU B CA  1 
ATOM   943  C C   . LEU B 1 24 ? 3.494   3.519   3.606   1.00 12.75  ? 24  LEU B C   1 
ATOM   944  O O   . LEU B 1 24 ? 4.180   2.642   3.075   1.00 11.60  ? 24  LEU B O   1 
ATOM   945  C CB  . LEU B 1 24 ? 5.459   4.885   4.471   1.00 11.35  ? 24  LEU B CB  1 
ATOM   946  C CG  . LEU B 1 24 ? 6.079   5.662   5.643   1.00 12.51  ? 24  LEU B CG  1 
ATOM   947  C CD1 . LEU B 1 24 ? 7.454   6.167   5.237   1.00 10.69  ? 24  LEU B CD1 1 
ATOM   948  C CD2 . LEU B 1 24 ? 5.195   6.827   6.064   1.00 10.82  ? 24  LEU B CD2 1 
ATOM   949  N N   . ASP B 1 25 ? 2.277   3.825   3.188   1.00 9.45   ? 25  ASP B N   1 
ATOM   950  C CA  . ASP B 1 25 ? 1.590   3.030   2.189   1.00 9.67   ? 25  ASP B CA  1 
ATOM   951  C C   . ASP B 1 25 ? 1.231   3.782   0.903   1.00 11.41  ? 25  ASP B C   1 
ATOM   952  O O   . ASP B 1 25 ? 0.225   4.486   0.862   1.00 11.08  ? 25  ASP B O   1 
ATOM   953  C CB  . ASP B 1 25 ? 0.322   2.529   2.888   1.00 11.56  ? 25  ASP B CB  1 
ATOM   954  C CG  . ASP B 1 25 ? -0.311  1.344   2.220   1.00 10.89  ? 25  ASP B CG  1 
ATOM   955  O OD1 . ASP B 1 25 ? -0.093  1.115   1.014   1.00 11.49  ? 25  ASP B OD1 1 
ATOM   956  O OD2 . ASP B 1 25 ? -1.044  0.633   2.931   1.00 13.75  ? 25  ASP B OD2 1 
ATOM   957  N N   . THR B 1 26 ? 1.998   3.576   -0.170  1.00 9.52   ? 26  THR B N   1 
ATOM   958  C CA  . THR B 1 26 ? 1.728   4.251   -1.444  1.00 8.23   ? 26  THR B CA  1 
ATOM   959  C C   . THR B 1 26 ? 0.502   3.690   -2.177  1.00 9.52   ? 26  THR B C   1 
ATOM   960  O O   . THR B 1 26 ? -0.020  4.311   -3.105  1.00 9.25   ? 26  THR B O   1 
ATOM   961  C CB  . THR B 1 26 ? 2.948   4.204   -2.386  1.00 10.81  ? 26  THR B CB  1 
ATOM   962  O OG1 . THR B 1 26 ? 3.301   2.840   -2.653  1.00 12.61  ? 26  THR B OG1 1 
ATOM   963  C CG2 . THR B 1 26 ? 4.141   4.918   -1.758  1.00 7.28   ? 26  THR B CG2 1 
ATOM   964  N N   . GLY B 1 27 ? 0.039   2.522   -1.747  1.00 9.77   ? 27  GLY B N   1 
ATOM   965  C CA  . GLY B 1 27 ? -1.118  1.916   -2.375  1.00 12.29  ? 27  GLY B CA  1 
ATOM   966  C C   . GLY B 1 27 ? -2.411  2.285   -1.677  1.00 11.90  ? 27  GLY B C   1 
ATOM   967  O O   . GLY B 1 27 ? -3.461  1.749   -2.015  1.00 12.48  ? 27  GLY B O   1 
ATOM   968  N N   . ALA B 1 28 ? -2.321  3.152   -0.672  1.00 9.86   ? 28  ALA B N   1 
ATOM   969  C CA  . ALA B 1 28 ? -3.478  3.603   0.079   1.00 11.59  ? 28  ALA B CA  1 
ATOM   970  C C   . ALA B 1 28 ? -3.770  5.036   -0.327  1.00 11.23  ? 28  ALA B C   1 
ATOM   971  O O   . ALA B 1 28 ? -2.892  5.894   -0.240  1.00 13.39  ? 28  ALA B O   1 
ATOM   972  C CB  . ALA B 1 28 ? -3.185  3.535   1.564   1.00 7.91   ? 28  ALA B CB  1 
ATOM   973  N N   . ASP B 1 29 ? -4.982  5.291   -0.817  1.00 11.82  ? 29  ASP B N   1 
ATOM   974  C CA  . ASP B 1 29 ? -5.360  6.647   -1.216  1.00 11.91  ? 29  ASP B CA  1 
ATOM   975  C C   . ASP B 1 29 ? -5.511  7.516   0.026   1.00 13.50  ? 29  ASP B C   1 
ATOM   976  O O   . ASP B 1 29 ? -5.069  8.663   0.051   1.00 15.54  ? 29  ASP B O   1 
ATOM   977  C CB  . ASP B 1 29 ? -6.691  6.643   -1.976  1.00 11.54  ? 29  ASP B CB  1 
ATOM   978  C CG  . ASP B 1 29 ? -6.681  5.718   -3.161  1.00 10.56  ? 29  ASP B CG  1 
ATOM   979  O OD1 . ASP B 1 29 ? -5.900  5.950   -4.087  1.00 13.30  ? 29  ASP B OD1 1 
ATOM   980  O OD2 . ASP B 1 29 ? -7.467  4.755   -3.168  1.00 17.37  ? 29  ASP B OD2 1 
ATOM   981  N N   . ASP B 1 30 ? -6.064  6.924   1.083   1.00 12.86  ? 30  ASP B N   1 
ATOM   982  C CA  . ASP B 1 30 ? -6.333  7.625   2.331   1.00 12.35  ? 30  ASP B CA  1 
ATOM   983  C C   . ASP B 1 30 ? -5.486  7.129   3.486   1.00 11.98  ? 30  ASP B C   1 
ATOM   984  O O   . ASP B 1 30 ? -4.932  6.029   3.442   1.00 14.22  ? 30  ASP B O   1 
ATOM   985  C CB  . ASP B 1 30 ? -7.799  7.429   2.733   1.00 14.56  ? 30  ASP B CB  1 
ATOM   986  C CG  . ASP B 1 30 ? -8.758  7.678   1.594   1.00 17.85  ? 30  ASP B CG  1 
ATOM   987  O OD1 . ASP B 1 30 ? -8.865  8.836   1.138   1.00 21.43  ? 30  ASP B OD1 1 
ATOM   988  O OD2 . ASP B 1 30 ? -9.420  6.711   1.163   1.00 19.61  ? 30  ASP B OD2 1 
ATOM   989  N N   . THR B 1 31 ? -5.486  7.922   4.553   1.00 13.06  ? 31  THR B N   1 
ATOM   990  C CA  . THR B 1 31 ? -4.774  7.634   5.788   1.00 12.40  ? 31  THR B CA  1 
ATOM   991  C C   . THR B 1 31 ? -5.822  7.056   6.738   1.00 14.00  ? 31  THR B C   1 
ATOM   992  O O   . THR B 1 31 ? -6.801  7.720   7.054   1.00 13.15  ? 31  THR B O   1 
ATOM   993  C CB  . THR B 1 31 ? -4.185  8.925   6.368   1.00 9.86   ? 31  THR B CB  1 
ATOM   994  O OG1 . THR B 1 31 ? -3.158  9.405   5.492   1.00 12.80  ? 31  THR B OG1 1 
ATOM   995  C CG2 . THR B 1 31 ? -3.624  8.711   7.763   1.00 7.49   ? 31  THR B CG2 1 
ATOM   996  N N   . VAL B 1 32 ? -5.620  5.824   7.187   1.00 14.07  ? 32  VAL B N   1 
ATOM   997  C CA  . VAL B 1 32 ? -6.565  5.157   8.069   1.00 13.43  ? 32  VAL B CA  1 
ATOM   998  C C   . VAL B 1 32 ? -5.871  4.761   9.366   1.00 15.54  ? 32  VAL B C   1 
ATOM   999  O O   . VAL B 1 32 ? -4.911  3.992   9.356   1.00 14.19  ? 32  VAL B O   1 
ATOM   1000 C CB  . VAL B 1 32 ? -7.142  3.893   7.411   1.00 13.19  ? 32  VAL B CB  1 
ATOM   1001 C CG1 . VAL B 1 32 ? -8.310  3.371   8.219   1.00 16.10  ? 32  VAL B CG1 1 
ATOM   1002 C CG2 . VAL B 1 32 ? -7.565  4.180   5.969   1.00 11.35  ? 32  VAL B CG2 1 
ATOM   1003 N N   . LEU B 1 33 ? -6.385  5.268   10.483  1.00 12.90  ? 33  LEU B N   1 
ATOM   1004 C CA  . LEU B 1 33 ? -5.830  5.006   11.800  1.00 12.44  ? 33  LEU B CA  1 
ATOM   1005 C C   . LEU B 1 33 ? -6.738  4.095   12.618  1.00 14.19  ? 33  LEU B C   1 
ATOM   1006 O O   . LEU B 1 33 ? -7.957  4.071   12.423  1.00 13.31  ? 33  LEU B O   1 
ATOM   1007 C CB  . LEU B 1 33 ? -5.624  6.324   12.547  1.00 12.46  ? 33  LEU B CB  1 
ATOM   1008 C CG  . LEU B 1 33 ? -4.245  6.985   12.475  1.00 17.70  ? 33  LEU B CG  1 
ATOM   1009 C CD1 . LEU B 1 33 ? -3.615  6.920   11.105  1.00 13.40  ? 33  LEU B CD1 1 
ATOM   1010 C CD2 . LEU B 1 33 ? -4.412  8.412   12.923  1.00 20.29  ? 33  LEU B CD2 1 
ATOM   1011 N N   . GLU B 1 34 ? -6.121  3.332   13.511  1.00 12.80  ? 34  GLU B N   1 
ATOM   1012 C CA  . GLU B 1 34 ? -6.843  2.427   14.392  1.00 15.22  ? 34  GLU B CA  1 
ATOM   1013 C C   . GLU B 1 34 ? -7.702  3.279   15.321  1.00 17.09  ? 34  GLU B C   1 
ATOM   1014 O O   . GLU B 1 34 ? -7.477  4.483   15.475  1.00 16.16  ? 34  GLU B O   1 
ATOM   1015 C CB  . GLU B 1 34 ? -5.862  1.598   15.213  1.00 17.51  ? 34  GLU B CB  1 
ATOM   1016 C CG  . GLU B 1 34 ? -4.966  0.672   14.388  1.00 23.14  ? 34  GLU B CG  1 
ATOM   1017 C CD  . GLU B 1 34 ? -3.833  0.058   15.202  1.00 22.51  ? 34  GLU B CD  1 
ATOM   1018 O OE1 . GLU B 1 34 ? -3.781  0.264   16.430  1.00 25.37  ? 34  GLU B OE1 1 
ATOM   1019 O OE2 . GLU B 1 34 ? -2.986  -0.633  14.602  1.00 26.98  ? 34  GLU B OE2 1 
ATOM   1020 N N   . GLU B 1 35 ? -8.699  2.638   15.920  1.00 19.90  ? 35  GLU B N   1 
ATOM   1021 C CA  . GLU B 1 35 ? -9.632  3.284   16.841  1.00 20.97  ? 35  GLU B CA  1 
ATOM   1022 C C   . GLU B 1 35 ? -8.966  4.189   17.881  1.00 22.52  ? 35  GLU B C   1 
ATOM   1023 O O   . GLU B 1 35 ? -8.100  3.759   18.648  1.00 22.15  ? 35  GLU B O   1 
ATOM   1024 C CB  . GLU B 1 35 ? -10.489 2.217   17.529  1.00 23.60  ? 35  GLU B CB  1 
ATOM   1025 C CG  . GLU B 1 35 ? -11.618 2.738   18.389  1.00 28.00  ? 35  GLU B CG  1 
ATOM   1026 C CD  . GLU B 1 35 ? -12.517 3.725   17.667  1.00 30.83  ? 35  GLU B CD  1 
ATOM   1027 O OE1 . GLU B 1 35 ? -12.957 3.436   16.523  1.00 30.06  ? 35  GLU B OE1 1 
ATOM   1028 O OE2 . GLU B 1 35 ? -12.777 4.795   18.264  1.00 32.83  ? 35  GLU B OE2 1 
ATOM   1029 N N   . MET B 1 36 ? -9.369  5.456   17.882  1.00 22.48  ? 36  MET B N   1 
ATOM   1030 C CA  . MET B 1 36 ? -8.853  6.449   18.814  1.00 26.34  ? 36  MET B CA  1 
ATOM   1031 C C   . MET B 1 36 ? -9.820  7.623   18.856  1.00 26.54  ? 36  MET B C   1 
ATOM   1032 O O   . MET B 1 36 ? -10.726 7.727   18.026  1.00 25.64  ? 36  MET B O   1 
ATOM   1033 C CB  . MET B 1 36 ? -7.451  6.927   18.409  1.00 27.75  ? 36  MET B CB  1 
ATOM   1034 C CG  . MET B 1 36 ? -7.358  7.651   17.069  1.00 27.85  ? 36  MET B CG  1 
ATOM   1035 S SD  . MET B 1 36 ? -5.688  8.247   16.749  1.00 33.32  ? 36  MET B SD  1 
ATOM   1036 C CE  . MET B 1 36 ? -5.515  9.510   18.060  1.00 28.80  ? 36  MET B CE  1 
ATOM   1037 N N   . SER B 1 37 ? -9.631  8.500   19.832  1.00 28.54  ? 37  SER B N   1 
ATOM   1038 C CA  . SER B 1 37 ? -10.487 9.666   19.973  1.00 30.25  ? 37  SER B CA  1 
ATOM   1039 C C   . SER B 1 37 ? -9.855  10.913  19.356  1.00 29.29  ? 37  SER B C   1 
ATOM   1040 O O   . SER B 1 37 ? -8.766  11.337  19.740  1.00 29.65  ? 37  SER B O   1 
ATOM   1041 C CB  . SER B 1 37 ? -10.820 9.900   21.446  1.00 31.53  ? 37  SER B CB  1 
ATOM   1042 O OG  . SER B 1 37 ? -11.510 8.779   21.984  1.00 36.80  ? 37  SER B OG  1 
ATOM   1043 N N   . LEU B 1 38 ? -10.516 11.451  18.337  1.00 29.45  ? 38  LEU B N   1 
ATOM   1044 C CA  . LEU B 1 38 ? -10.060 12.664  17.680  1.00 28.35  ? 38  LEU B CA  1 
ATOM   1045 C C   . LEU B 1 38 ? -11.099 13.752  17.923  1.00 29.59  ? 38  LEU B C   1 
ATOM   1046 O O   . LEU B 1 38 ? -12.293 13.458  18.074  1.00 31.47  ? 38  LEU B O   1 
ATOM   1047 C CB  . LEU B 1 38 ? -9.864  12.417  16.184  1.00 26.09  ? 38  LEU B CB  1 
ATOM   1048 C CG  . LEU B 1 38 ? -8.600  11.594  15.925  1.00 23.54  ? 38  LEU B CG  1 
ATOM   1049 C CD1 . LEU B 1 38 ? -8.506  11.270  14.452  1.00 22.95  ? 38  LEU B CD1 1 
ATOM   1050 C CD2 . LEU B 1 38 ? -7.362  12.373  16.376  1.00 20.58  ? 38  LEU B CD2 1 
ATOM   1051 N N   . PRO B 1 39 ? -10.673 15.020  18.015  1.00 29.85  ? 39  PRO B N   1 
ATOM   1052 C CA  . PRO B 1 39 ? -11.584 16.144  18.255  1.00 29.30  ? 39  PRO B CA  1 
ATOM   1053 C C   . PRO B 1 39 ? -12.501 16.534  17.088  1.00 27.08  ? 39  PRO B C   1 
ATOM   1054 O O   . PRO B 1 39 ? -12.175 16.306  15.918  1.00 27.64  ? 39  PRO B O   1 
ATOM   1055 C CB  . PRO B 1 39 ? -10.629 17.282  18.602  1.00 30.22  ? 39  PRO B CB  1 
ATOM   1056 C CG  . PRO B 1 39 ? -9.437  16.976  17.738  1.00 29.40  ? 39  PRO B CG  1 
ATOM   1057 C CD  . PRO B 1 39 ? -9.270  15.493  17.968  1.00 29.90  ? 39  PRO B CD  1 
ATOM   1058 N N   . GLY B 1 40 ? -13.645 17.118  17.428  1.00 24.56  ? 40  GLY B N   1 
ATOM   1059 C CA  . GLY B 1 40 ? -14.587 17.589  16.426  1.00 22.03  ? 40  GLY B CA  1 
ATOM   1060 C C   . GLY B 1 40 ? -15.621 16.599  15.943  1.00 20.17  ? 40  GLY B C   1 
ATOM   1061 O O   . GLY B 1 40 ? -15.853 15.549  16.553  1.00 23.18  ? 40  GLY B O   1 
ATOM   1062 N N   . ARG B 1 41 ? -16.280 16.976  14.855  1.00 17.86  ? 41  ARG B N   1 
ATOM   1063 C CA  . ARG B 1 41 ? -17.308 16.155  14.232  1.00 18.98  ? 41  ARG B CA  1 
ATOM   1064 C C   . ARG B 1 41 ? -16.638 15.220  13.272  1.00 19.75  ? 41  ARG B C   1 
ATOM   1065 O O   . ARG B 1 41 ? -15.506 15.452  12.859  1.00 23.67  ? 41  ARG B O   1 
ATOM   1066 C CB  . ARG B 1 41 ? -18.258 16.999  13.382  1.00 17.73  ? 41  ARG B CB  1 
ATOM   1067 C CG  . ARG B 1 41 ? -18.927 18.137  14.071  1.00 25.71  ? 41  ARG B CG  1 
ATOM   1068 C CD  . ARG B 1 41 ? -20.301 18.363  13.468  1.00 25.90  ? 41  ARG B CD  1 
ATOM   1069 N NE  . ARG B 1 41 ? -21.294 18.059  14.482  1.00 30.06  ? 41  ARG B NE  1 
ATOM   1070 C CZ  . ARG B 1 41 ? -22.350 17.271  14.330  1.00 21.77  ? 41  ARG B CZ  1 
ATOM   1071 N NH1 . ARG B 1 41 ? -22.642 16.701  13.164  1.00 17.26  ? 41  ARG B NH1 1 
ATOM   1072 N NH2 . ARG B 1 41 ? -23.136 17.096  15.374  1.00 23.07  ? 41  ARG B NH2 1 
ATOM   1073 N N   . TRP B 1 42 ? -17.388 14.230  12.824  1.00 17.57  ? 42  TRP B N   1 
ATOM   1074 C CA  . TRP B 1 42 ? -16.876 13.284  11.859  1.00 17.50  ? 42  TRP B CA  1 
ATOM   1075 C C   . TRP B 1 42 ? -18.001 13.047  10.883  1.00 19.28  ? 42  TRP B C   1 
ATOM   1076 O O   . TRP B 1 42 ? -19.155 13.324  11.193  1.00 18.72  ? 42  TRP B O   1 
ATOM   1077 C CB  . TRP B 1 42 ? -16.413 11.979  12.518  1.00 13.05  ? 42  TRP B CB  1 
ATOM   1078 C CG  . TRP B 1 42 ? -17.462 11.224  13.272  1.00 12.18  ? 42  TRP B CG  1 
ATOM   1079 C CD1 . TRP B 1 42 ? -17.763 11.338  14.602  1.00 9.91   ? 42  TRP B CD1 1 
ATOM   1080 C CD2 . TRP B 1 42 ? -18.287 10.162  12.769  1.00 10.01  ? 42  TRP B CD2 1 
ATOM   1081 N NE1 . TRP B 1 42 ? -18.702 10.402  14.954  1.00 9.14   ? 42  TRP B NE1 1 
ATOM   1082 C CE2 . TRP B 1 42 ? -19.040 9.668   13.850  1.00 9.66   ? 42  TRP B CE2 1 
ATOM   1083 C CE3 . TRP B 1 42 ? -18.448 9.568   11.506  1.00 10.44  ? 42  TRP B CE3 1 
ATOM   1084 C CZ2 . TRP B 1 42 ? -19.946 8.616   13.714  1.00 9.74   ? 42  TRP B CZ2 1 
ATOM   1085 C CZ3 . TRP B 1 42 ? -19.347 8.519   11.373  1.00 13.19  ? 42  TRP B CZ3 1 
ATOM   1086 C CH2 . TRP B 1 42 ? -20.081 8.053   12.474  1.00 14.31  ? 42  TRP B CH2 1 
ATOM   1087 N N   . LYS B 1 43 ? -17.637 12.650  9.669   1.00 21.05  ? 43  LYS B N   1 
ATOM   1088 C CA  . LYS B 1 43 ? -18.576 12.363  8.597   1.00 20.29  ? 43  LYS B CA  1 
ATOM   1089 C C   . LYS B 1 43 ? -18.368 10.893  8.272   1.00 20.10  ? 43  LYS B C   1 
ATOM   1090 O O   . LYS B 1 43 ? -17.325 10.323  8.615   1.00 20.23  ? 43  LYS B O   1 
ATOM   1091 C CB  . LYS B 1 43 ? -18.240 13.220  7.367   1.00 25.93  ? 43  LYS B CB  1 
ATOM   1092 C CG  . LYS B 1 43 ? -19.037 14.513  7.248   1.00 37.57  ? 43  LYS B CG  1 
ATOM   1093 C CD  . LYS B 1 43 ? -18.721 15.538  8.339   1.00 48.35  ? 43  LYS B CD  1 
ATOM   1094 C CE  . LYS B 1 43 ? -19.705 16.718  8.268   1.00 55.36  ? 43  LYS B CE  1 
ATOM   1095 N NZ  . LYS B 1 43 ? -19.600 17.723  9.383   1.00 57.42  ? 43  LYS B NZ  1 
ATOM   1096 N N   . PRO B 1 44 ? -19.355 10.236  7.645   1.00 18.87  ? 44  PRO B N   1 
ATOM   1097 C CA  . PRO B 1 44 ? -19.215 8.814   7.307   1.00 19.18  ? 44  PRO B CA  1 
ATOM   1098 C C   . PRO B 1 44 ? -18.457 8.594   5.979   1.00 20.29  ? 44  PRO B C   1 
ATOM   1099 O O   . PRO B 1 44 ? -18.548 9.408   5.052   1.00 19.01  ? 44  PRO B O   1 
ATOM   1100 C CB  . PRO B 1 44 ? -20.660 8.350   7.214   1.00 16.74  ? 44  PRO B CB  1 
ATOM   1101 C CG  . PRO B 1 44 ? -21.327 9.545   6.587   1.00 18.70  ? 44  PRO B CG  1 
ATOM   1102 C CD  . PRO B 1 44 ? -20.710 10.724  7.311   1.00 17.60  ? 44  PRO B CD  1 
ATOM   1103 N N   . LYS B 1 45 ? -17.736 7.482   5.893   1.00 20.87  ? 45  LYS B N   1 
ATOM   1104 C CA  . LYS B 1 45 ? -16.970 7.148   4.696   1.00 20.49  ? 45  LYS B CA  1 
ATOM   1105 C C   . LYS B 1 45 ? -16.862 5.633   4.599   1.00 18.87  ? 45  LYS B C   1 
ATOM   1106 O O   . LYS B 1 45 ? -16.753 4.944   5.608   1.00 18.44  ? 45  LYS B O   1 
ATOM   1107 C CB  . LYS B 1 45 ? -15.565 7.768   4.799   1.00 21.62  ? 45  LYS B CB  1 
ATOM   1108 C CG  . LYS B 1 45 ? -15.053 8.459   3.539   1.00 26.27  ? 45  LYS B CG  1 
ATOM   1109 C CD  . LYS B 1 45 ? -14.418 7.499   2.555   1.00 29.94  ? 45  LYS B CD  1 
ATOM   1110 C CE  . LYS B 1 45 ? -13.898 8.228   1.314   1.00 32.14  ? 45  LYS B CE  1 
ATOM   1111 N NZ  . LYS B 1 45 ? -12.780 9.165   1.603   1.00 35.94  ? 45  LYS B NZ  1 
ATOM   1112 N N   . MET B 1 46 ? -16.972 5.122   3.384   1.00 18.90  ? 46  MET B N   1 
ATOM   1113 C CA  . MET B 1 46 ? -16.856 3.693   3.118   1.00 23.18  ? 46  MET B CA  1 
ATOM   1114 C C   . MET B 1 46 ? -15.580 3.575   2.308   1.00 22.40  ? 46  MET B C   1 
ATOM   1115 O O   . MET B 1 46 ? -15.390 4.330   1.352   1.00 23.74  ? 46  MET B O   1 
ATOM   1116 C CB  . MET B 1 46 ? -18.018 3.203   2.249   1.00 27.87  ? 46  MET B CB  1 
ATOM   1117 C CG  . MET B 1 46 ? -19.325 2.945   2.975   1.00 33.12  ? 46  MET B CG  1 
ATOM   1118 S SD  . MET B 1 46 ? -19.471 1.254   3.572   1.00 39.87  ? 46  MET B SD  1 
ATOM   1119 C CE  . MET B 1 46 ? -19.802 0.402   2.022   1.00 35.79  ? 46  MET B CE  1 
ATOM   1120 N N   . ILE B 1 47 ? -14.682 2.680   2.705   1.00 20.79  ? 47  ILE B N   1 
ATOM   1121 C CA  . ILE B 1 47 ? -13.439 2.493   1.964   1.00 18.39  ? 47  ILE B CA  1 
ATOM   1122 C C   . ILE B 1 47 ? -13.287 1.030   1.602   1.00 16.79  ? 47  ILE B C   1 
ATOM   1123 O O   . ILE B 1 47 ? -13.689 0.145   2.364   1.00 14.37  ? 47  ILE B O   1 
ATOM   1124 C CB  . ILE B 1 47 ? -12.193 2.996   2.731   1.00 17.23  ? 47  ILE B CB  1 
ATOM   1125 C CG1 . ILE B 1 47 ? -12.077 2.397   4.134   1.00 16.82  ? 47  ILE B CG1 1 
ATOM   1126 C CG2 . ILE B 1 47 ? -12.183 4.519   2.772   1.00 16.44  ? 47  ILE B CG2 1 
ATOM   1127 C CD1 . ILE B 1 47 ? -10.907 2.939   4.925   1.00 19.96  ? 47  ILE B CD1 1 
ATOM   1128 N N   . GLY B 1 48 ? -12.769 0.787   0.404   1.00 17.80  ? 48  GLY B N   1 
ATOM   1129 C CA  . GLY B 1 48 ? -12.571 -0.572  -0.060  1.00 17.99  ? 48  GLY B CA  1 
ATOM   1130 C C   . GLY B 1 48 ? -11.117 -0.986  -0.047  1.00 16.36  ? 48  GLY B C   1 
ATOM   1131 O O   . GLY B 1 48 ? -10.248 -0.252  -0.507  1.00 18.53  ? 48  GLY B O   1 
ATOM   1132 N N   . GLY B 1 49 ? -10.860 -2.157  0.516   1.00 16.56  ? 49  GLY B N   1 
ATOM   1133 C CA  . GLY B 1 49 ? -9.514  -2.678  0.583   1.00 19.53  ? 49  GLY B CA  1 
ATOM   1134 C C   . GLY B 1 49 ? -9.449  -3.978  -0.180  1.00 19.91  ? 49  GLY B C   1 
ATOM   1135 O O   . GLY B 1 49 ? -10.252 -4.219  -1.084  1.00 18.72  ? 49  GLY B O   1 
ATOM   1136 N N   . ILE B 1 50 ? -8.532  -4.850  0.222   1.00 21.20  ? 50  ILE B N   1 
ATOM   1137 C CA  . ILE B 1 50 ? -8.372  -6.128  -0.448  1.00 23.12  ? 50  ILE B CA  1 
ATOM   1138 C C   . ILE B 1 50 ? -9.523  -7.095  -0.162  1.00 23.54  ? 50  ILE B C   1 
ATOM   1139 O O   . ILE B 1 50 ? -10.012 -7.774  -1.069  1.00 24.16  ? 50  ILE B O   1 
ATOM   1140 C CB  . ILE B 1 50 ? -7.000  -6.764  -0.129  1.00 22.37  ? 50  ILE B CB  1 
ATOM   1141 C CG1 . ILE B 1 50 ? -6.576  -7.604  -1.334  1.00 21.52  ? 50  ILE B CG1 1 
ATOM   1142 C CG2 . ILE B 1 50 ? -7.035  -7.564  1.168   1.00 21.41  ? 50  ILE B CG2 1 
ATOM   1143 C CD1 . ILE B 1 50 ? -6.334  -6.757  -2.570  1.00 23.63  ? 50  ILE B CD1 1 
ATOM   1144 N N   . GLY B 1 51 ? -10.002 -7.106  1.083   1.00 23.34  ? 51  GLY B N   1 
ATOM   1145 C CA  . GLY B 1 51 ? -11.094 -7.995  1.451   1.00 25.02  ? 51  GLY B CA  1 
ATOM   1146 C C   . GLY B 1 51 ? -12.492 -7.421  1.291   1.00 25.91  ? 51  GLY B C   1 
ATOM   1147 O O   . GLY B 1 51 ? -13.474 -8.117  1.537   1.00 28.62  ? 51  GLY B O   1 
ATOM   1148 N N   . GLY B 1 52 ? -12.595 -6.170  0.861   1.00 22.94  ? 52  GLY B N   1 
ATOM   1149 C CA  . GLY B 1 52 ? -13.895 -5.554  0.702   1.00 23.10  ? 52  GLY B CA  1 
ATOM   1150 C C   . GLY B 1 52 ? -13.973 -4.194  1.373   1.00 23.02  ? 52  GLY B C   1 
ATOM   1151 O O   . GLY B 1 52 ? -12.951 -3.607  1.725   1.00 21.41  ? 52  GLY B O   1 
ATOM   1152 N N   . PHE B 1 53 ? -15.194 -3.737  1.629   1.00 23.91  ? 53  PHE B N   1 
ATOM   1153 C CA  . PHE B 1 53 ? -15.428 -2.434  2.222   1.00 23.47  ? 53  PHE B CA  1 
ATOM   1154 C C   . PHE B 1 53 ? -15.637 -2.427  3.717   1.00 22.77  ? 53  PHE B C   1 
ATOM   1155 O O   . PHE B 1 53 ? -16.052 -3.423  4.300   1.00 26.12  ? 53  PHE B O   1 
ATOM   1156 C CB  . PHE B 1 53 ? -16.633 -1.776  1.549   1.00 23.24  ? 53  PHE B CB  1 
ATOM   1157 C CG  . PHE B 1 53 ? -16.381 -1.349  0.137   1.00 25.50  ? 53  PHE B CG  1 
ATOM   1158 C CD1 . PHE B 1 53 ? -16.332 -2.286  -0.888  1.00 27.67  ? 53  PHE B CD1 1 
ATOM   1159 C CD2 . PHE B 1 53 ? -16.152 -0.013  -0.167  1.00 28.12  ? 53  PHE B CD2 1 
ATOM   1160 C CE1 . PHE B 1 53 ? -16.062 -1.898  -2.197  1.00 29.51  ? 53  PHE B CE1 1 
ATOM   1161 C CE2 . PHE B 1 53 ? -15.881 0.386   -1.472  1.00 27.94  ? 53  PHE B CE2 1 
ATOM   1162 C CZ  . PHE B 1 53 ? -15.831 -0.561  -2.491  1.00 28.15  ? 53  PHE B CZ  1 
ATOM   1163 N N   . ILE B 1 54 ? -15.282 -1.305  4.331   1.00 21.08  ? 54  ILE B N   1 
ATOM   1164 C CA  . ILE B 1 54 ? -15.471 -1.106  5.760   1.00 19.98  ? 54  ILE B CA  1 
ATOM   1165 C C   . ILE B 1 54 ? -15.968 0.330   5.949   1.00 20.15  ? 54  ILE B C   1 
ATOM   1166 O O   . ILE B 1 54 ? -15.808 1.175   5.069   1.00 17.68  ? 54  ILE B O   1 
ATOM   1167 C CB  . ILE B 1 54 ? -14.187 -1.332  6.596   1.00 22.26  ? 54  ILE B CB  1 
ATOM   1168 C CG1 . ILE B 1 54 ? -13.031 -0.408  6.191   1.00 21.27  ? 54  ILE B CG1 1 
ATOM   1169 C CG2 . ILE B 1 54 ? -13.787 -2.798  6.559   1.00 23.93  ? 54  ILE B CG2 1 
ATOM   1170 C CD1 . ILE B 1 54 ? -11.906 -0.335  7.214   1.00 16.45  ? 54  ILE B CD1 1 
ATOM   1171 N N   . LYS B 1 55 ? -16.642 0.579   7.060   1.00 21.56  ? 55  LYS B N   1 
ATOM   1172 C CA  . LYS B 1 55 ? -17.136 1.911   7.354   1.00 23.54  ? 55  LYS B CA  1 
ATOM   1173 C C   . LYS B 1 55 ? -16.141 2.580   8.282   1.00 20.35  ? 55  LYS B C   1 
ATOM   1174 O O   . LYS B 1 55 ? -15.708 1.980   9.266   1.00 21.99  ? 55  LYS B O   1 
ATOM   1175 C CB  . LYS B 1 55 ? -18.506 1.843   8.036   1.00 29.85  ? 55  LYS B CB  1 
ATOM   1176 C CG  . LYS B 1 55 ? -19.686 2.148   7.123   1.00 38.58  ? 55  LYS B CG  1 
ATOM   1177 C CD  . LYS B 1 55 ? -19.626 3.572   6.572   1.00 45.06  ? 55  LYS B CD  1 
ATOM   1178 C CE  . LYS B 1 55 ? -20.922 3.945   5.867   1.00 48.07  ? 55  LYS B CE  1 
ATOM   1179 N NZ  . LYS B 1 55 ? -20.839 5.271   5.196   1.00 48.27  ? 55  LYS B NZ  1 
ATOM   1180 N N   . VAL B 1 56 ? -15.777 3.816   7.977   1.00 17.45  ? 56  VAL B N   1 
ATOM   1181 C CA  . VAL B 1 56 ? -14.836 4.547   8.814   1.00 14.66  ? 56  VAL B CA  1 
ATOM   1182 C C   . VAL B 1 56 ? -15.393 5.919   9.119   1.00 13.44  ? 56  VAL B C   1 
ATOM   1183 O O   . VAL B 1 56 ? -16.344 6.372   8.481   1.00 16.98  ? 56  VAL B O   1 
ATOM   1184 C CB  . VAL B 1 56 ? -13.470 4.713   8.130   1.00 15.61  ? 56  VAL B CB  1 
ATOM   1185 C CG1 . VAL B 1 56 ? -12.789 3.353   7.978   1.00 14.49  ? 56  VAL B CG1 1 
ATOM   1186 C CG2 . VAL B 1 56 ? -13.636 5.402   6.776   1.00 12.71  ? 56  VAL B CG2 1 
ATOM   1187 N N   . ARG B 1 57 ? -14.791 6.581   10.095  1.00 12.00  ? 57  ARG B N   1 
ATOM   1188 C CA  . ARG B 1 57 ? -15.207 7.915   10.487  1.00 14.31  ? 57  ARG B CA  1 
ATOM   1189 C C   . ARG B 1 57 ? -14.137 8.872   9.999   1.00 15.13  ? 57  ARG B C   1 
ATOM   1190 O O   . ARG B 1 57 ? -12.957 8.672   10.292  1.00 14.71  ? 57  ARG B O   1 
ATOM   1191 C CB  . ARG B 1 57 ? -15.322 7.992   12.012  1.00 13.21  ? 57  ARG B CB  1 
ATOM   1192 C CG  . ARG B 1 57 ? -16.353 7.025   12.579  1.00 18.78  ? 57  ARG B CG  1 
ATOM   1193 C CD  . ARG B 1 57 ? -16.490 7.165   14.062  1.00 19.29  ? 57  ARG B CD  1 
ATOM   1194 N NE  . ARG B 1 57 ? -15.469 6.405   14.761  1.00 27.24  ? 57  ARG B NE  1 
ATOM   1195 C CZ  . ARG B 1 57 ? -14.624 6.941   15.625  1.00 25.21  ? 57  ARG B CZ  1 
ATOM   1196 N NH1 . ARG B 1 57 ? -14.673 8.236   15.867  1.00 30.03  ? 57  ARG B NH1 1 
ATOM   1197 N NH2 . ARG B 1 57 ? -13.723 6.194   16.230  1.00 26.43  ? 57  ARG B NH2 1 
ATOM   1198 N N   . GLN B 1 58 ? -14.518 9.891   9.240   1.00 15.36  ? 58  GLN B N   1 
ATOM   1199 C CA  . GLN B 1 58 ? -13.513 10.832  8.775   1.00 15.73  ? 58  GLN B CA  1 
ATOM   1200 C C   . GLN B 1 58 ? -13.490 12.142  9.530   1.00 16.43  ? 58  GLN B C   1 
ATOM   1201 O O   . GLN B 1 58 ? -14.528 12.754  9.788   1.00 15.54  ? 58  GLN B O   1 
ATOM   1202 C CB  . GLN B 1 58 ? -13.572 11.056  7.258   1.00 18.50  ? 58  GLN B CB  1 
ATOM   1203 C CG  . GLN B 1 58 ? -14.490 12.128  6.741   1.00 22.74  ? 58  GLN B CG  1 
ATOM   1204 C CD  . GLN B 1 58 ? -14.161 12.505  5.302   1.00 20.02  ? 58  GLN B CD  1 
ATOM   1205 O OE1 . GLN B 1 58 ? -14.304 11.704  4.385   1.00 23.85  ? 58  GLN B OE1 1 
ATOM   1206 N NE2 . GLN B 1 58 ? -13.731 13.732  5.104   1.00 20.68  ? 58  GLN B NE2 1 
ATOM   1207 N N   . TYR B 1 59 ? -12.283 12.528  9.926   1.00 15.31  ? 59  TYR B N   1 
ATOM   1208 C CA  . TYR B 1 59 ? -12.026 13.760  10.648  1.00 14.18  ? 59  TYR B CA  1 
ATOM   1209 C C   . TYR B 1 59 ? -11.172 14.630  9.738   1.00 17.85  ? 59  TYR B C   1 
ATOM   1210 O O   . TYR B 1 59 ? -10.251 14.133  9.075   1.00 17.32  ? 59  TYR B O   1 
ATOM   1211 C CB  . TYR B 1 59 ? -11.260 13.461  11.936  1.00 14.26  ? 59  TYR B CB  1 
ATOM   1212 C CG  . TYR B 1 59 ? -12.055 12.694  12.953  1.00 15.98  ? 59  TYR B CG  1 
ATOM   1213 C CD1 . TYR B 1 59 ? -12.147 11.295  12.886  1.00 14.96  ? 59  TYR B CD1 1 
ATOM   1214 C CD2 . TYR B 1 59 ? -12.713 13.365  13.991  1.00 15.98  ? 59  TYR B CD2 1 
ATOM   1215 C CE1 . TYR B 1 59 ? -12.875 10.581  13.826  1.00 15.96  ? 59  TYR B CE1 1 
ATOM   1216 C CE2 . TYR B 1 59 ? -13.443 12.673  14.937  1.00 15.17  ? 59  TYR B CE2 1 
ATOM   1217 C CZ  . TYR B 1 59 ? -13.523 11.283  14.850  1.00 17.04  ? 59  TYR B CZ  1 
ATOM   1218 O OH  . TYR B 1 59 ? -14.256 10.611  15.773  1.00 18.78  ? 59  TYR B OH  1 
ATOM   1219 N N   . ASP B 1 60 ? -11.491 15.918  9.674   1.00 17.08  ? 60  ASP B N   1 
ATOM   1220 C CA  . ASP B 1 60 ? -10.737 16.840  8.843   1.00 17.89  ? 60  ASP B CA  1 
ATOM   1221 C C   . ASP B 1 60 ? -9.816  17.754  9.641   1.00 15.82  ? 60  ASP B C   1 
ATOM   1222 O O   . ASP B 1 60 ? -10.030 17.995  10.827  1.00 15.86  ? 60  ASP B O   1 
ATOM   1223 C CB  . ASP B 1 60 ? -11.687 17.658  7.972   1.00 21.21  ? 60  ASP B CB  1 
ATOM   1224 C CG  . ASP B 1 60 ? -12.417 16.809  6.961   1.00 26.24  ? 60  ASP B CG  1 
ATOM   1225 O OD1 . ASP B 1 60 ? -11.831 15.814  6.480   1.00 30.33  ? 60  ASP B OD1 1 
ATOM   1226 O OD2 . ASP B 1 60 ? -13.576 17.134  6.637   1.00 31.16  ? 60  ASP B OD2 1 
ATOM   1227 N N   . GLN B 1 61 ? -8.782  18.237  8.970   1.00 14.66  ? 61  GLN B N   1 
ATOM   1228 C CA  . GLN B 1 61 ? -7.777  19.127  9.548   1.00 18.89  ? 61  GLN B CA  1 
ATOM   1229 C C   . GLN B 1 61 ? -7.132  18.664  10.854  1.00 18.70  ? 61  GLN B C   1 
ATOM   1230 O O   . GLN B 1 61 ? -7.011  19.423  11.821  1.00 21.84  ? 61  GLN B O   1 
ATOM   1231 C CB  . GLN B 1 61 ? -8.288  20.571  9.644   1.00 23.20  ? 61  GLN B CB  1 
ATOM   1232 C CG  . GLN B 1 61 ? -7.737  21.452  8.520   1.00 29.55  ? 61  GLN B CG  1 
ATOM   1233 C CD  . GLN B 1 61 ? -8.150  22.908  8.628   1.00 33.29  ? 61  GLN B CD  1 
ATOM   1234 O OE1 . GLN B 1 61 ? -7.555  23.684  9.376   1.00 33.20  ? 61  GLN B OE1 1 
ATOM   1235 N NE2 . GLN B 1 61 ? -9.150  23.298  7.844   1.00 37.99  ? 61  GLN B NE2 1 
ATOM   1236 N N   . ILE B 1 62 ? -6.648  17.425  10.839  1.00 17.73  ? 62  ILE B N   1 
ATOM   1237 C CA  . ILE B 1 62 ? -5.984  16.828  11.992  1.00 16.90  ? 62  ILE B CA  1 
ATOM   1238 C C   . ILE B 1 62 ? -4.463  16.969  11.813  1.00 16.99  ? 62  ILE B C   1 
ATOM   1239 O O   . ILE B 1 62 ? -3.926  16.673  10.741  1.00 15.95  ? 62  ILE B O   1 
ATOM   1240 C CB  . ILE B 1 62 ? -6.345  15.335  12.122  1.00 13.64  ? 62  ILE B CB  1 
ATOM   1241 C CG1 . ILE B 1 62 ? -7.866  15.163  12.268  1.00 15.45  ? 62  ILE B CG1 1 
ATOM   1242 C CG2 . ILE B 1 62 ? -5.631  14.707  13.311  1.00 15.99  ? 62  ILE B CG2 1 
ATOM   1243 C CD1 . ILE B 1 62 ? -8.445  15.723  13.564  1.00 15.04  ? 62  ILE B CD1 1 
ATOM   1244 N N   . LEU B 1 63 ? -3.786  17.466  12.841  1.00 17.61  ? 63  LEU B N   1 
ATOM   1245 C CA  . LEU B 1 63 ? -2.338  17.624  12.803  1.00 22.20  ? 63  LEU B CA  1 
ATOM   1246 C C   . LEU B 1 63 ? -1.704  16.288  13.158  1.00 20.94  ? 63  LEU B C   1 
ATOM   1247 O O   . LEU B 1 63 ? -2.044  15.667  14.163  1.00 20.39  ? 63  LEU B O   1 
ATOM   1248 C CB  . LEU B 1 63 ? -1.882  18.699  13.800  1.00 24.73  ? 63  LEU B CB  1 
ATOM   1249 C CG  . LEU B 1 63 ? -0.382  19.051  13.945  1.00 30.12  ? 63  LEU B CG  1 
ATOM   1250 C CD1 . LEU B 1 63 ? 0.367   18.063  14.836  1.00 32.87  ? 63  LEU B CD1 1 
ATOM   1251 C CD2 . LEU B 1 63 ? 0.291   19.190  12.587  1.00 29.85  ? 63  LEU B CD2 1 
ATOM   1252 N N   . ILE B 1 64 ? -0.762  15.860  12.335  1.00 21.45  ? 64  ILE B N   1 
ATOM   1253 C CA  . ILE B 1 64 ? -0.061  14.610  12.547  1.00 22.58  ? 64  ILE B CA  1 
ATOM   1254 C C   . ILE B 1 64 ? 1.388   14.806  12.100  1.00 21.91  ? 64  ILE B C   1 
ATOM   1255 O O   . ILE B 1 64 ? 1.647   15.382  11.046  1.00 21.35  ? 64  ILE B O   1 
ATOM   1256 C CB  . ILE B 1 64 ? -0.770  13.469  11.787  1.00 24.31  ? 64  ILE B CB  1 
ATOM   1257 C CG1 . ILE B 1 64 ? -0.021  12.143  11.891  1.00 25.70  ? 64  ILE B CG1 1 
ATOM   1258 C CG2 . ILE B 1 64 ? -1.012  13.850  10.343  1.00 27.22  ? 64  ILE B CG2 1 
ATOM   1259 C CD1 . ILE B 1 64 ? -0.837  10.961  11.396  1.00 27.51  ? 64  ILE B CD1 1 
ATOM   1260 N N   . GLU B 1 65 ? 2.329   14.453  12.964  1.00 22.22  ? 65  GLU B N   1 
ATOM   1261 C CA  . GLU B 1 65 ? 3.743   14.598  12.639  1.00 23.63  ? 65  GLU B CA  1 
ATOM   1262 C C   . GLU B 1 65 ? 4.326   13.249  12.227  1.00 22.74  ? 65  GLU B C   1 
ATOM   1263 O O   . GLU B 1 65 ? 4.266   12.283  12.982  1.00 24.48  ? 65  GLU B O   1 
ATOM   1264 C CB  . GLU B 1 65 ? 4.506   15.163  13.838  1.00 24.31  ? 65  GLU B CB  1 
ATOM   1265 C CG  . GLU B 1 65 ? 5.969   15.440  13.561  1.00 35.17  ? 65  GLU B CG  1 
ATOM   1266 C CD  . GLU B 1 65 ? 6.850   15.124  14.753  1.00 42.22  ? 65  GLU B CD  1 
ATOM   1267 O OE1 . GLU B 1 65 ? 6.985   15.992  15.638  1.00 43.65  ? 65  GLU B OE1 1 
ATOM   1268 O OE2 . GLU B 1 65 ? 7.400   14.003  14.808  1.00 43.34  ? 65  GLU B OE2 1 
ATOM   1269 N N   . ILE B 1 66 ? 4.857   13.181  11.013  1.00 24.04  ? 66  ILE B N   1 
ATOM   1270 C CA  . ILE B 1 66 ? 5.448   11.958  10.486  1.00 23.95  ? 66  ILE B CA  1 
ATOM   1271 C C   . ILE B 1 66 ? 6.949   12.222  10.354  1.00 27.69  ? 66  ILE B C   1 
ATOM   1272 O O   . ILE B 1 66 ? 7.363   13.080  9.569   1.00 29.48  ? 66  ILE B O   1 
ATOM   1273 C CB  . ILE B 1 66 ? 4.867   11.637  9.105   1.00 21.51  ? 66  ILE B CB  1 
ATOM   1274 C CG1 . ILE B 1 66 ? 3.339   11.703  9.186   1.00 22.73  ? 66  ILE B CG1 1 
ATOM   1275 C CG2 . ILE B 1 66 ? 5.293   10.253  8.660   1.00 24.49  ? 66  ILE B CG2 1 
ATOM   1276 C CD1 . ILE B 1 66 ? 2.644   11.749  7.839   1.00 22.82  ? 66  ILE B CD1 1 
ATOM   1277 N N   . CYS B 1 67 ? 7.755   11.532  11.159  1.00 30.70  ? 67  CYS B N   1 
ATOM   1278 C CA  . CYS B 1 67 ? 9.220   11.686  11.152  1.00 34.05  ? 67  CYS B CA  1 
ATOM   1279 C C   . CYS B 1 67 ? 9.694   13.142  11.219  1.00 32.44  ? 67  CYS B C   1 
ATOM   1280 O O   . CYS B 1 67 ? 10.553  13.560  10.449  1.00 32.49  ? 67  CYS B O   1 
ATOM   1281 C CB  . CYS B 1 67 ? 9.832   10.997  9.925   1.00 36.71  ? 67  CYS B CB  1 
ATOM   1282 S SG  . CYS B 1 67 ? 9.708   9.202   9.949   1.00 44.39  ? 67  CYS B SG  1 
ATOM   1283 N N   . GLY B 1 68 ? 9.128   13.909  12.140  1.00 34.69  ? 68  GLY B N   1 
ATOM   1284 C CA  . GLY B 1 68 ? 9.506   15.305  12.269  1.00 33.84  ? 68  GLY B CA  1 
ATOM   1285 C C   . GLY B 1 68 ? 8.907   16.216  11.214  1.00 32.07  ? 68  GLY B C   1 
ATOM   1286 O O   . GLY B 1 68 ? 9.219   17.402  11.186  1.00 35.16  ? 68  GLY B O   1 
ATOM   1287 N N   . HIS B 1 69 ? 8.059   15.671  10.347  1.00 30.08  ? 69  HIS B N   1 
ATOM   1288 C CA  . HIS B 1 69 ? 7.422   16.455  9.297   1.00 28.01  ? 69  HIS B CA  1 
ATOM   1289 C C   . HIS B 1 69 ? 5.965   16.615  9.673   1.00 25.71  ? 69  HIS B C   1 
ATOM   1290 O O   . HIS B 1 69 ? 5.242   15.626  9.780   1.00 22.85  ? 69  HIS B O   1 
ATOM   1291 C CB  . HIS B 1 69 ? 7.510   15.748  7.942   1.00 30.29  ? 69  HIS B CB  1 
ATOM   1292 C CG  . HIS B 1 69 ? 8.911   15.446  7.499   1.00 35.84  ? 69  HIS B CG  1 
ATOM   1293 N ND1 . HIS B 1 69 ? 9.580   16.232  6.587   1.00 35.20  ? 69  HIS B ND1 1 
ATOM   1294 C CD2 . HIS B 1 69 ? 9.762   14.451  7.839   1.00 34.59  ? 69  HIS B CD2 1 
ATOM   1295 C CE1 . HIS B 1 69 ? 10.794  15.733  6.389   1.00 36.74  ? 69  HIS B CE1 1 
ATOM   1296 N NE2 . HIS B 1 69 ? 10.924  14.655  7.138   1.00 38.31  ? 69  HIS B NE2 1 
ATOM   1297 N N   . LYS B 1 70 ? 5.539   17.851  9.891   1.00 24.41  ? 70  LYS B N   1 
ATOM   1298 C CA  . LYS B 1 70 ? 4.156   18.109  10.255  1.00 23.42  ? 70  LYS B CA  1 
ATOM   1299 C C   . LYS B 1 70 ? 3.270   18.093  9.024   1.00 21.65  ? 70  LYS B C   1 
ATOM   1300 O O   . LYS B 1 70 ? 3.659   18.582  7.967   1.00 23.32  ? 70  LYS B O   1 
ATOM   1301 C CB  . LYS B 1 70 ? 4.021   19.450  10.972  1.00 27.41  ? 70  LYS B CB  1 
ATOM   1302 C CG  . LYS B 1 70 ? 4.493   19.434  12.414  1.00 32.32  ? 70  LYS B CG  1 
ATOM   1303 C CD  . LYS B 1 70 ? 4.207   20.758  13.117  1.00 36.12  ? 70  LYS B CD  1 
ATOM   1304 C CE  . LYS B 1 70 ? 4.342   20.611  14.633  1.00 41.52  ? 70  LYS B CE  1 
ATOM   1305 N NZ  . LYS B 1 70 ? 3.954   21.837  15.401  1.00 43.02  ? 70  LYS B NZ  1 
ATOM   1306 N N   . ALA B 1 71 ? 2.099   17.487  9.162   1.00 17.20  ? 71  ALA B N   1 
ATOM   1307 C CA  . ALA B 1 71 ? 1.126   17.410  8.084   1.00 17.39  ? 71  ALA B CA  1 
ATOM   1308 C C   . ALA B 1 71 ? -0.231  17.665  8.731   1.00 18.18  ? 71  ALA B C   1 
ATOM   1309 O O   . ALA B 1 71 ? -0.422  17.363  9.911   1.00 19.67  ? 71  ALA B O   1 
ATOM   1310 C CB  . ALA B 1 71 ? 1.157   16.035  7.408   1.00 11.68  ? 71  ALA B CB  1 
ATOM   1311 N N   . ILE B 1 72 ? -1.134  18.312  8.001   1.00 18.07  ? 72  ILE B N   1 
ATOM   1312 C CA  . ILE B 1 72 ? -2.476  18.599  8.517   1.00 15.90  ? 72  ILE B CA  1 
ATOM   1313 C C   . ILE B 1 72 ? -3.446  18.169  7.438   1.00 12.49  ? 72  ILE B C   1 
ATOM   1314 O O   . ILE B 1 72 ? -3.422  18.714  6.336   1.00 13.49  ? 72  ILE B O   1 
ATOM   1315 C CB  . ILE B 1 72 ? -2.663  20.093  8.842   1.00 15.71  ? 72  ILE B CB  1 
ATOM   1316 C CG1 . ILE B 1 72 ? -1.606  20.501  9.873   1.00 15.01  ? 72  ILE B CG1 1 
ATOM   1317 C CG2 . ILE B 1 72 ? -4.058  20.344  9.448   1.00 12.76  ? 72  ILE B CG2 1 
ATOM   1318 C CD1 . ILE B 1 72 ? -1.553  21.978  10.166  1.00 17.74  ? 72  ILE B CD1 1 
ATOM   1319 N N   . GLY B 1 73 ? -4.274  17.165  7.722   1.00 11.29  ? 73  GLY B N   1 
ATOM   1320 C CA  . GLY B 1 73 ? -5.218  16.713  6.718   1.00 10.23  ? 73  GLY B CA  1 
ATOM   1321 C C   . GLY B 1 73 ? -6.299  15.775  7.201   1.00 9.41   ? 73  GLY B C   1 
ATOM   1322 O O   . GLY B 1 73 ? -6.543  15.666  8.399   1.00 12.12  ? 73  GLY B O   1 
ATOM   1323 N N   . THR B 1 74 ? -6.929  15.085  6.260   1.00 8.92   ? 74  THR B N   1 
ATOM   1324 C CA  . THR B 1 74 ? -7.998  14.146  6.556   1.00 12.11  ? 74  THR B CA  1 
ATOM   1325 C C   . THR B 1 74 ? -7.498  12.788  7.026   1.00 11.64  ? 74  THR B C   1 
ATOM   1326 O O   . THR B 1 74 ? -6.693  12.134  6.368   1.00 13.18  ? 74  THR B O   1 
ATOM   1327 C CB  . THR B 1 74 ? -8.901  13.979  5.331   1.00 13.10  ? 74  THR B CB  1 
ATOM   1328 O OG1 . THR B 1 74 ? -9.495  15.242  5.018   1.00 16.46  ? 74  THR B OG1 1 
ATOM   1329 C CG2 . THR B 1 74 ? -9.999  12.952  5.593   1.00 16.71  ? 74  THR B CG2 1 
ATOM   1330 N N   . VAL B 1 75 ? -8.019  12.350  8.161   1.00 13.12  ? 75  VAL B N   1 
ATOM   1331 C CA  . VAL B 1 75 ? -7.642  11.077  8.746   1.00 14.07  ? 75  VAL B CA  1 
ATOM   1332 C C   . VAL B 1 75 ? -8.920  10.274  8.939   1.00 14.24  ? 75  VAL B C   1 
ATOM   1333 O O   . VAL B 1 75 ? -9.942  10.824  9.343   1.00 16.25  ? 75  VAL B O   1 
ATOM   1334 C CB  . VAL B 1 75 ? -6.943  11.296  10.102  1.00 16.35  ? 75  VAL B CB  1 
ATOM   1335 C CG1 . VAL B 1 75 ? -6.574  9.966   10.721  1.00 25.56  ? 75  VAL B CG1 1 
ATOM   1336 C CG2 . VAL B 1 75 ? -5.681  12.154  9.926   1.00 15.24  ? 75  VAL B CG2 1 
ATOM   1337 N N   . LEU B 1 76 ? -8.882  8.998   8.575   1.00 13.14  ? 76  LEU B N   1 
ATOM   1338 C CA  . LEU B 1 76 ? -10.036 8.114   8.726   1.00 12.93  ? 76  LEU B CA  1 
ATOM   1339 C C   . LEU B 1 76 ? -9.725  7.193   9.897   1.00 15.03  ? 76  LEU B C   1 
ATOM   1340 O O   . LEU B 1 76 ? -8.578  6.797   10.076  1.00 16.24  ? 76  LEU B O   1 
ATOM   1341 C CB  . LEU B 1 76 ? -10.259 7.278   7.459   1.00 10.78  ? 76  LEU B CB  1 
ATOM   1342 C CG  . LEU B 1 76 ? -10.296 8.004   6.114   1.00 11.12  ? 76  LEU B CG  1 
ATOM   1343 C CD1 . LEU B 1 76 ? -10.499 6.983   5.009   1.00 10.49  ? 76  LEU B CD1 1 
ATOM   1344 C CD2 . LEU B 1 76 ? -11.389 9.043   6.081   1.00 13.22  ? 76  LEU B CD2 1 
ATOM   1345 N N   . VAL B 1 77 ? -10.723 6.891   10.717  1.00 14.66  ? 77  VAL B N   1 
ATOM   1346 C CA  . VAL B 1 77 ? -10.539 6.032   11.882  1.00 15.08  ? 77  VAL B CA  1 
ATOM   1347 C C   . VAL B 1 77 ? -11.463 4.821   11.761  1.00 18.08  ? 77  VAL B C   1 
ATOM   1348 O O   . VAL B 1 77 ? -12.675 4.973   11.550  1.00 15.89  ? 77  VAL B O   1 
ATOM   1349 C CB  . VAL B 1 77 ? -10.843 6.797   13.179  1.00 13.89  ? 77  VAL B CB  1 
ATOM   1350 C CG1 . VAL B 1 77 ? -10.694 5.894   14.391  1.00 14.68  ? 77  VAL B CG1 1 
ATOM   1351 C CG2 . VAL B 1 77 ? -9.931  7.995   13.301  1.00 12.50  ? 77  VAL B CG2 1 
ATOM   1352 N N   . GLY B 1 78 ? -10.895 3.622   11.870  1.00 15.61  ? 78  GLY B N   1 
ATOM   1353 C CA  . GLY B 1 78 ? -11.700 2.424   11.761  1.00 16.23  ? 78  GLY B CA  1 
ATOM   1354 C C   . GLY B 1 78 ? -10.965 1.139   12.083  1.00 18.69  ? 78  GLY B C   1 
ATOM   1355 O O   . GLY B 1 78 ? -9.848  1.174   12.623  1.00 17.62  ? 78  GLY B O   1 
ATOM   1356 N N   . PRO B 1 79 ? -11.584 -0.024  11.798  1.00 19.72  ? 79  PRO B N   1 
ATOM   1357 C CA  . PRO B 1 79 ? -10.989 -1.342  12.057  1.00 20.89  ? 79  PRO B CA  1 
ATOM   1358 C C   . PRO B 1 79 ? -9.936  -1.711  11.019  1.00 17.92  ? 79  PRO B C   1 
ATOM   1359 O O   . PRO B 1 79 ? -10.173 -2.529  10.127  1.00 20.41  ? 79  PRO B O   1 
ATOM   1360 C CB  . PRO B 1 79 ? -12.193 -2.278  11.997  1.00 20.51  ? 79  PRO B CB  1 
ATOM   1361 C CG  . PRO B 1 79 ? -13.069 -1.629  10.958  1.00 22.52  ? 79  PRO B CG  1 
ATOM   1362 C CD  . PRO B 1 79 ? -12.986 -0.165  11.347  1.00 21.50  ? 79  PRO B CD  1 
ATOM   1363 N N   . THR B 1 80 ? -8.760  -1.116  11.155  1.00 17.94  ? 80  THR B N   1 
ATOM   1364 C CA  . THR B 1 80 ? -7.656  -1.356  10.244  1.00 16.53  ? 80  THR B CA  1 
ATOM   1365 C C   . THR B 1 80 ? -6.598  -2.214  10.942  1.00 15.19  ? 80  THR B C   1 
ATOM   1366 O O   . THR B 1 80 ? -6.419  -2.115  12.159  1.00 15.86  ? 80  THR B O   1 
ATOM   1367 C CB  . THR B 1 80 ? -7.042  -0.017  9.761   1.00 16.69  ? 80  THR B CB  1 
ATOM   1368 O OG1 . THR B 1 80 ? -5.904  -0.274  8.929   1.00 15.53  ? 80  THR B OG1 1 
ATOM   1369 C CG2 . THR B 1 80 ? -6.608  0.846   10.936  1.00 16.76  ? 80  THR B CG2 1 
ATOM   1370 N N   . PRO B 1 81 ? -5.899  -3.090  10.188  1.00 15.15  ? 81  PRO B N   1 
ATOM   1371 C CA  . PRO B 1 81 ? -4.857  -3.969  10.742  1.00 15.18  ? 81  PRO B CA  1 
ATOM   1372 C C   . PRO B 1 81 ? -3.716  -3.193  11.413  1.00 17.34  ? 81  PRO B C   1 
ATOM   1373 O O   . PRO B 1 81 ? -3.193  -3.618  12.449  1.00 19.29  ? 81  PRO B O   1 
ATOM   1374 C CB  . PRO B 1 81 ? -4.360  -4.723  9.515   1.00 14.85  ? 81  PRO B CB  1 
ATOM   1375 C CG  . PRO B 1 81 ? -5.551  -4.770  8.633   1.00 17.06  ? 81  PRO B CG  1 
ATOM   1376 C CD  . PRO B 1 81 ? -6.111  -3.379  8.758   1.00 14.78  ? 81  PRO B CD  1 
ATOM   1377 N N   . VAL B 1 82 ? -3.356  -2.053  10.825  1.00 16.44  ? 82  VAL B N   1 
ATOM   1378 C CA  . VAL B 1 82 ? -2.285  -1.174  11.325  1.00 15.27  ? 82  VAL B CA  1 
ATOM   1379 C C   . VAL B 1 82 ? -2.606  0.269   10.925  1.00 11.84  ? 82  VAL B C   1 
ATOM   1380 O O   . VAL B 1 82 ? -3.458  0.509   10.060  1.00 11.43  ? 82  VAL B O   1 
ATOM   1381 C CB  . VAL B 1 82 ? -0.906  -1.503  10.695  1.00 15.85  ? 82  VAL B CB  1 
ATOM   1382 C CG1 . VAL B 1 82 ? -0.443  -2.900  11.073  1.00 19.70  ? 82  VAL B CG1 1 
ATOM   1383 C CG2 . VAL B 1 82 ? -0.949  -1.355  9.180   1.00 11.72  ? 82  VAL B CG2 1 
ATOM   1384 N N   . ASN B 1 83 ? -1.944  1.230   11.563  1.00 9.49   ? 83  ASN B N   1 
ATOM   1385 C CA  . ASN B 1 83 ? -2.140  2.631   11.195  1.00 12.11  ? 83  ASN B CA  1 
ATOM   1386 C C   . ASN B 1 83 ? -1.504  2.774   9.810   1.00 13.56  ? 83  ASN B C   1 
ATOM   1387 O O   . ASN B 1 83 ? -0.376  2.330   9.592   1.00 11.10  ? 83  ASN B O   1 
ATOM   1388 C CB  . ASN B 1 83 ? -1.457  3.565   12.199  1.00 11.00  ? 83  ASN B CB  1 
ATOM   1389 C CG  . ASN B 1 83 ? -2.083  3.497   13.572  1.00 16.30  ? 83  ASN B CG  1 
ATOM   1390 O OD1 . ASN B 1 83 ? -3.291  3.614   13.713  1.00 15.83  ? 83  ASN B OD1 1 
ATOM   1391 N ND2 . ASN B 1 83 ? -1.265  3.306   14.593  1.00 14.85  ? 83  ASN B ND2 1 
ATOM   1392 N N   . ILE B 1 84 ? -2.238  3.364   8.876   1.00 11.84  ? 84  ILE B N   1 
ATOM   1393 C CA  . ILE B 1 84 ? -1.792  3.520   7.494   1.00 10.33  ? 84  ILE B CA  1 
ATOM   1394 C C   . ILE B 1 84 ? -1.689  4.981   7.074   1.00 10.77  ? 84  ILE B C   1 
ATOM   1395 O O   . ILE B 1 84 ? -2.647  5.737   7.222   1.00 10.87  ? 84  ILE B O   1 
ATOM   1396 C CB  . ILE B 1 84 ? -2.786  2.818   6.548   1.00 7.32   ? 84  ILE B CB  1 
ATOM   1397 C CG1 . ILE B 1 84 ? -2.754  1.314   6.802   1.00 10.49  ? 84  ILE B CG1 1 
ATOM   1398 C CG2 . ILE B 1 84 ? -2.495  3.151   5.083   1.00 6.10   ? 84  ILE B CG2 1 
ATOM   1399 C CD1 . ILE B 1 84 ? -3.915  0.575   6.179   1.00 12.08  ? 84  ILE B CD1 1 
ATOM   1400 N N   . ILE B 1 85 ? -0.529  5.383   6.570   1.00 9.35   ? 85  ILE B N   1 
ATOM   1401 C CA  . ILE B 1 85 ? -0.335  6.749   6.086   1.00 10.35  ? 85  ILE B CA  1 
ATOM   1402 C C   . ILE B 1 85 ? -0.459  6.644   4.565   1.00 13.83  ? 85  ILE B C   1 
ATOM   1403 O O   . ILE B 1 85 ? 0.386   6.016   3.916   1.00 14.39  ? 85  ILE B O   1 
ATOM   1404 C CB  . ILE B 1 85 ? 1.053   7.311   6.432   1.00 9.81   ? 85  ILE B CB  1 
ATOM   1405 C CG1 . ILE B 1 85 ? 1.301   7.222   7.945   1.00 13.70  ? 85  ILE B CG1 1 
ATOM   1406 C CG2 . ILE B 1 85 ? 1.172   8.756   5.968   1.00 10.34  ? 85  ILE B CG2 1 
ATOM   1407 C CD1 . ILE B 1 85 ? 0.305   8.005   8.806   1.00 15.25  ? 85  ILE B CD1 1 
ATOM   1408 N N   . GLY B 1 86 ? -1.518  7.230   4.006   1.00 10.87  ? 86  GLY B N   1 
ATOM   1409 C CA  . GLY B 1 86 ? -1.752  7.158   2.580   1.00 7.56   ? 86  GLY B CA  1 
ATOM   1410 C C   . GLY B 1 86 ? -1.238  8.329   1.781   1.00 5.82   ? 86  GLY B C   1 
ATOM   1411 O O   . GLY B 1 86 ? -0.670  9.272   2.323   1.00 7.63   ? 86  GLY B O   1 
ATOM   1412 N N   . ARG B 1 87 ? -1.533  8.306   0.493   1.00 8.22   ? 87  ARG B N   1 
ATOM   1413 C CA  . ARG B 1 87 ? -1.081  9.345   -0.423  1.00 9.59   ? 87  ARG B CA  1 
ATOM   1414 C C   . ARG B 1 87 ? -1.446  10.768  -0.058  1.00 12.28  ? 87  ARG B C   1 
ATOM   1415 O O   . ARG B 1 87 ? -0.669  11.689  -0.307  1.00 13.51  ? 87  ARG B O   1 
ATOM   1416 C CB  . ARG B 1 87 ? -1.513  9.031   -1.846  1.00 8.59   ? 87  ARG B CB  1 
ATOM   1417 C CG  . ARG B 1 87 ? -0.827  7.814   -2.441  1.00 7.85   ? 87  ARG B CG  1 
ATOM   1418 C CD  . ARG B 1 87 ? -1.082  7.696   -3.934  1.00 9.23   ? 87  ARG B CD  1 
ATOM   1419 N NE  . ARG B 1 87 ? -2.498  7.528   -4.236  1.00 12.13  ? 87  ARG B NE  1 
ATOM   1420 C CZ  . ARG B 1 87 ? -3.291  8.491   -4.693  1.00 12.63  ? 87  ARG B CZ  1 
ATOM   1421 N NH1 . ARG B 1 87 ? -2.808  9.700   -4.932  1.00 12.46  ? 87  ARG B NH1 1 
ATOM   1422 N NH2 . ARG B 1 87 ? -4.570  8.245   -4.935  1.00 16.26  ? 87  ARG B NH2 1 
ATOM   1423 N N   . ASN B 1 88 ? -2.599  10.957  0.568   1.00 11.87  ? 88  ASN B N   1 
ATOM   1424 C CA  . ASN B 1 88 ? -3.001  12.304  0.946   1.00 11.90  ? 88  ASN B CA  1 
ATOM   1425 C C   . ASN B 1 88 ? -1.988  13.005  1.862   1.00 12.40  ? 88  ASN B C   1 
ATOM   1426 O O   . ASN B 1 88 ? -1.778  14.221  1.752   1.00 12.05  ? 88  ASN B O   1 
ATOM   1427 C CB  . ASN B 1 88 ? -4.410  12.299  1.544   1.00 11.54  ? 88  ASN B CB  1 
ATOM   1428 C CG  . ASN B 1 88 ? -4.463  11.719  2.936   1.00 10.09  ? 88  ASN B CG  1 
ATOM   1429 O OD1 . ASN B 1 88 ? -4.788  12.414  3.884   1.00 15.98  ? 88  ASN B OD1 1 
ATOM   1430 N ND2 . ASN B 1 88 ? -4.170  10.447  3.064   1.00 8.91   ? 88  ASN B ND2 1 
ATOM   1431 N N   . LEU B 1 89 ? -1.341  12.253  2.746   1.00 12.86  ? 89  LEU B N   1 
ATOM   1432 C CA  . LEU B 1 89 ? -0.357  12.828  3.650   1.00 13.34  ? 89  LEU B CA  1 
ATOM   1433 C C   . LEU B 1 89 ? 1.063   12.629  3.132   1.00 11.44  ? 89  LEU B C   1 
ATOM   1434 O O   . LEU B 1 89 ? 1.953   13.408  3.459   1.00 12.62  ? 89  LEU B O   1 
ATOM   1435 C CB  . LEU B 1 89 ? -0.496  12.270  5.068   1.00 13.05  ? 89  LEU B CB  1 
ATOM   1436 C CG  . LEU B 1 89 ? -1.789  12.645  5.800   1.00 14.07  ? 89  LEU B CG  1 
ATOM   1437 C CD1 . LEU B 1 89 ? -1.656  12.251  7.260   1.00 13.30  ? 89  LEU B CD1 1 
ATOM   1438 C CD2 . LEU B 1 89 ? -2.072  14.149  5.675   1.00 14.98  ? 89  LEU B CD2 1 
ATOM   1439 N N   . LEU B 1 90 ? 1.266   11.596  2.320   1.00 10.82  ? 90  LEU B N   1 
ATOM   1440 C CA  . LEU B 1 90 ? 2.578   11.329  1.741   1.00 10.70  ? 90  LEU B CA  1 
ATOM   1441 C C   . LEU B 1 90 ? 2.999   12.494  0.829   1.00 13.38  ? 90  LEU B C   1 
ATOM   1442 O O   . LEU B 1 90 ? 4.159   12.905  0.854   1.00 14.51  ? 90  LEU B O   1 
ATOM   1443 C CB  . LEU B 1 90 ? 2.601   9.993   0.989   1.00 9.24   ? 90  LEU B CB  1 
ATOM   1444 C CG  . LEU B 1 90 ? 2.461   8.718   1.839   1.00 5.27   ? 90  LEU B CG  1 
ATOM   1445 C CD1 . LEU B 1 90 ? 2.506   7.497   0.941   1.00 5.68   ? 90  LEU B CD1 1 
ATOM   1446 C CD2 . LEU B 1 90 ? 3.553   8.653   2.883   1.00 6.12   ? 90  LEU B CD2 1 
ATOM   1447 N N   . THR B 1 91 ? 2.050   13.080  0.101   1.00 12.50  ? 91  THR B N   1 
ATOM   1448 C CA  . THR B 1 91 ? 2.342   14.222  -0.775  1.00 13.23  ? 91  THR B CA  1 
ATOM   1449 C C   . THR B 1 91 ? 2.681   15.482  0.021   1.00 14.86  ? 91  THR B C   1 
ATOM   1450 O O   . THR B 1 91 ? 3.476   16.305  -0.432  1.00 17.69  ? 91  THR B O   1 
ATOM   1451 C CB  . THR B 1 91 ? 1.180   14.545  -1.711  1.00 13.15  ? 91  THR B CB  1 
ATOM   1452 O OG1 . THR B 1 91 ? 0.010   14.814  -0.938  1.00 20.01  ? 91  THR B OG1 1 
ATOM   1453 C CG2 . THR B 1 91 ? 0.905   13.395  -2.633  1.00 9.95   ? 91  THR B CG2 1 
ATOM   1454 N N   . GLN B 1 92 ? 2.101   15.621  1.210   1.00 13.84  ? 92  GLN B N   1 
ATOM   1455 C CA  . GLN B 1 92 ? 2.362   16.778  2.058   1.00 17.36  ? 92  GLN B CA  1 
ATOM   1456 C C   . GLN B 1 92 ? 3.786   16.794  2.599   1.00 18.44  ? 92  GLN B C   1 
ATOM   1457 O O   . GLN B 1 92 ? 4.358   17.871  2.784   1.00 20.69  ? 92  GLN B O   1 
ATOM   1458 C CB  . GLN B 1 92 ? 1.386   16.845  3.236   1.00 17.88  ? 92  GLN B CB  1 
ATOM   1459 C CG  . GLN B 1 92 ? -0.062  17.162  2.875   1.00 18.00  ? 92  GLN B CG  1 
ATOM   1460 C CD  . GLN B 1 92 ? -0.894  17.597  4.085   1.00 20.19  ? 92  GLN B CD  1 
ATOM   1461 O OE1 . GLN B 1 92 ? -0.355  18.007  5.116   1.00 18.54  ? 92  GLN B OE1 1 
ATOM   1462 N NE2 . GLN B 1 92 ? -2.210  17.514  3.957   1.00 18.09  ? 92  GLN B NE2 1 
ATOM   1463 N N   . ILE B 1 93 ? 4.341   15.616  2.895   1.00 19.04  ? 93  ILE B N   1 
ATOM   1464 C CA  . ILE B 1 93 ? 5.707   15.519  3.419   1.00 19.08  ? 93  ILE B CA  1 
ATOM   1465 C C   . ILE B 1 93 ? 6.755   15.394  2.299   1.00 20.40  ? 93  ILE B C   1 
ATOM   1466 O O   . ILE B 1 93 ? 7.943   15.252  2.572   1.00 23.92  ? 93  ILE B O   1 
ATOM   1467 C CB  . ILE B 1 93 ? 5.878   14.360  4.425   1.00 15.19  ? 93  ILE B CB  1 
ATOM   1468 C CG1 . ILE B 1 93 ? 5.687   13.009  3.735   1.00 14.22  ? 93  ILE B CG1 1 
ATOM   1469 C CG2 . ILE B 1 93 ? 4.915   14.521  5.605   1.00 14.58  ? 93  ILE B CG2 1 
ATOM   1470 C CD1 . ILE B 1 93 ? 5.912   11.813  4.652   1.00 16.95  ? 93  ILE B CD1 1 
ATOM   1471 N N   . GLY B 1 94 ? 6.304   15.448  1.049   1.00 18.99  ? 94  GLY B N   1 
ATOM   1472 C CA  . GLY B 1 94 ? 7.200   15.360  -0.090  1.00 20.70  ? 94  GLY B CA  1 
ATOM   1473 C C   . GLY B 1 94 ? 7.738   13.980  -0.415  1.00 20.49  ? 94  GLY B C   1 
ATOM   1474 O O   . GLY B 1 94 ? 8.809   13.855  -0.996  1.00 20.64  ? 94  GLY B O   1 
ATOM   1475 N N   . CYS B 1 95 ? 6.957   12.951  -0.133  1.00 18.12  ? 95  CYS B N   1 
ATOM   1476 C CA  . CYS B 1 95 ? 7.381   11.584  -0.390  1.00 19.35  ? 95  CYS B CA  1 
ATOM   1477 C C   . CYS B 1 95 ? 7.198   11.147  -1.849  1.00 19.91  ? 95  CYS B C   1 
ATOM   1478 O O   . CYS B 1 95 ? 6.155   11.409  -2.458  1.00 17.59  ? 95  CYS B O   1 
ATOM   1479 C CB  . CYS B 1 95 ? 6.616   10.660  0.553   1.00 18.93  ? 95  CYS B CB  1 
ATOM   1480 S SG  . CYS B 1 95 ? 7.204   8.982   0.646   1.00 24.20  ? 95  CYS B SG  1 
ATOM   1481 N N   . THR B 1 96 ? 8.232   10.512  -2.415  1.00 18.53  ? 96  THR B N   1 
ATOM   1482 C CA  . THR B 1 96 ? 8.200   10.005  -3.794  1.00 17.56  ? 96  THR B CA  1 
ATOM   1483 C C   . THR B 1 96 ? 8.773   8.590   -3.851  1.00 14.25  ? 96  THR B C   1 
ATOM   1484 O O   . THR B 1 96 ? 9.447   8.142   -2.919  1.00 15.40  ? 96  THR B O   1 
ATOM   1485 C CB  . THR B 1 96 ? 9.029   10.870  -4.781  1.00 21.65  ? 96  THR B CB  1 
ATOM   1486 O OG1 . THR B 1 96 ? 10.412  10.873  -4.394  1.00 20.27  ? 96  THR B OG1 1 
ATOM   1487 C CG2 . THR B 1 96 ? 8.513   12.299  -4.830  1.00 20.67  ? 96  THR B CG2 1 
ATOM   1488 N N   . LEU B 1 97 ? 8.467   7.886   -4.934  1.00 15.45  ? 97  LEU B N   1 
ATOM   1489 C CA  . LEU B 1 97 ? 8.969   6.535   -5.178  1.00 18.40  ? 97  LEU B CA  1 
ATOM   1490 C C   . LEU B 1 97 ? 10.076  6.677   -6.214  1.00 17.86  ? 97  LEU B C   1 
ATOM   1491 O O   . LEU B 1 97 ? 9.901   7.381   -7.208  1.00 17.55  ? 97  LEU B O   1 
ATOM   1492 C CB  . LEU B 1 97 ? 7.864   5.632   -5.743  1.00 19.30  ? 97  LEU B CB  1 
ATOM   1493 C CG  . LEU B 1 97 ? 6.962   4.962   -4.709  1.00 20.67  ? 97  LEU B CG  1 
ATOM   1494 C CD1 . LEU B 1 97 ? 5.864   4.212   -5.435  1.00 20.45  ? 97  LEU B CD1 1 
ATOM   1495 C CD2 . LEU B 1 97 ? 7.771   4.012   -3.827  1.00 18.77  ? 97  LEU B CD2 1 
ATOM   1496 N N   . ASN B 1 98 ? 11.203  6.005   -5.998  1.00 19.19  ? 98  ASN B N   1 
ATOM   1497 C CA  . ASN B 1 98 ? 12.330  6.108   -6.924  1.00 19.19  ? 98  ASN B CA  1 
ATOM   1498 C C   . ASN B 1 98 ? 12.938  4.751   -7.264  1.00 20.28  ? 98  ASN B C   1 
ATOM   1499 O O   . ASN B 1 98 ? 13.101  3.912   -6.386  1.00 21.76  ? 98  ASN B O   1 
ATOM   1500 C CB  . ASN B 1 98 ? 13.419  6.998   -6.322  1.00 20.95  ? 98  ASN B CB  1 
ATOM   1501 C CG  . ASN B 1 98 ? 12.930  8.397   -6.010  1.00 23.90  ? 98  ASN B CG  1 
ATOM   1502 O OD1 . ASN B 1 98 ? 12.957  9.290   -6.861  1.00 27.36  ? 98  ASN B OD1 1 
ATOM   1503 N ND2 . ASN B 1 98 ? 12.488  8.600   -4.780  1.00 23.62  ? 98  ASN B ND2 1 
ATOM   1504 N N   . PHE B 1 99 ? 13.279  4.549   -8.534  1.00 21.16  ? 99  PHE B N   1 
ATOM   1505 C CA  . PHE B 1 99 ? 13.908  3.299   -8.962  1.00 24.23  ? 99  PHE B CA  1 
ATOM   1506 C C   . PHE B 1 99 ? 14.627  3.407   -10.313 1.00 24.99  ? 99  PHE B C   1 
ATOM   1507 O O   . PHE B 1 99 ? 14.697  4.543   -10.837 1.00 25.52  ? 99  PHE B O   1 
ATOM   1508 C CB  . PHE B 1 99 ? 12.906  2.131   -8.957  1.00 24.59  ? 99  PHE B CB  1 
ATOM   1509 C CG  . PHE B 1 99 ? 11.790  2.248   -9.967  1.00 25.84  ? 99  PHE B CG  1 
ATOM   1510 C CD1 . PHE B 1 99 ? 10.630  2.955   -9.675  1.00 25.02  ? 99  PHE B CD1 1 
ATOM   1511 C CD2 . PHE B 1 99 ? 11.884  1.612   -11.202 1.00 27.18  ? 99  PHE B CD2 1 
ATOM   1512 C CE1 . PHE B 1 99 ? 9.588   3.014   -10.591 1.00 26.55  ? 99  PHE B CE1 1 
ATOM   1513 C CE2 . PHE B 1 99 ? 10.842  1.669   -12.124 1.00 27.21  ? 99  PHE B CE2 1 
ATOM   1514 C CZ  . PHE B 1 99 ? 9.694   2.374   -11.822 1.00 25.78  ? 99  PHE B CZ  1 
HETATM 1515 C C1  . 1IN C 2 .  ? -3.013  -4.932  4.374   1.00 14.13  ? 902 1IN B C1  1 
HETATM 1516 C C2  . 1IN C 2 .  ? -2.244  -4.494  3.119   1.00 12.27  ? 902 1IN B C2  1 
HETATM 1517 C C3  . 1IN C 2 .  ? -2.712  -5.350  1.952   1.00 16.14  ? 902 1IN B C3  1 
HETATM 1518 O O4  . 1IN C 2 .  ? -6.672  2.911   -1.200  1.00 17.98  ? 902 1IN B O4  1 
HETATM 1519 O O5  . 1IN C 2 .  ? -1.485  -4.009  7.503   1.00 21.46  ? 902 1IN B O5  1 
HETATM 1520 C C7  . 1IN C 2 .  ? -3.223  -8.104  0.865   1.00 17.74  ? 902 1IN B C7  1 
HETATM 1521 C C8  . 1IN C 2 .  ? -2.045  -2.246  4.046   1.00 14.19  ? 902 1IN B C8  1 
HETATM 1522 C C9  . 1IN C 2 .  ? -2.722  -2.698  5.324   1.00 14.36  ? 902 1IN B C9  1 
HETATM 1523 C C10 . 1IN C 2 .  ? -1.743  -2.598  1.635   1.00 12.62  ? 902 1IN B C10 1 
HETATM 1524 C C11 . 1IN C 2 .  ? -2.693  -1.605  0.951   1.00 12.17  ? 902 1IN B C11 1 
HETATM 1525 C C12 . 1IN C 2 .  ? -3.607  -2.275  -0.077  1.00 9.98   ? 902 1IN B C12 1 
HETATM 1526 C C13 . 1IN C 2 .  ? -4.542  -1.336  -0.848  1.00 13.74  ? 902 1IN B C13 1 
HETATM 1527 C C14 . 1IN C 2 .  ? -5.147  -2.133  -2.006  1.00 15.21  ? 902 1IN B C14 1 
HETATM 1528 C C15 . 1IN C 2 .  ? -6.097  -1.314  -2.845  1.00 18.62  ? 902 1IN B C15 1 
HETATM 1529 C C16 . 1IN C 2 .  ? -5.653  -0.196  -3.551  1.00 18.74  ? 902 1IN B C16 1 
HETATM 1530 C C19 . 1IN C 2 .  ? -8.340  -1.022  -3.698  1.00 20.41  ? 902 1IN B C19 1 
HETATM 1531 C C20 . 1IN C 2 .  ? -7.435  -1.720  -2.901  1.00 22.67  ? 902 1IN B C20 1 
HETATM 1532 C C21 . 1IN C 2 .  ? -5.649  -0.776  0.064   1.00 13.81  ? 902 1IN B C21 1 
HETATM 1533 C C22 . 1IN C 2 .  ? -7.210  1.096   0.305   1.00 15.84  ? 902 1IN B C22 1 
HETATM 1534 C C24 . 1IN C 2 .  ? -8.680  2.895   0.140   1.00 16.21  ? 902 1IN B C24 1 
HETATM 1535 C C27 . 1IN C 2 .  ? -1.509  -6.798  7.950   1.00 27.27  ? 902 1IN B C27 1 
HETATM 1536 C C30 . 1IN C 2 .  ? -7.273  1.695   1.739   1.00 18.46  ? 902 1IN B C30 1 
HETATM 1537 C C31 . 1IN C 2 .  ? -1.944  -4.683  6.582   1.00 16.50  ? 902 1IN B C31 1 
HETATM 1538 C C32 . 1IN C 2 .  ? -1.803  -8.647  9.557   1.00 35.04  ? 902 1IN B C32 1 
HETATM 1539 C C33 . 1IN C 2 .  ? -2.129  -9.978  9.836   1.00 36.19  ? 902 1IN B C33 1 
HETATM 1540 C C34 . 1IN C 2 .  ? -2.553  -10.783 8.768   1.00 38.05  ? 902 1IN B C34 1 
HETATM 1541 C C35 . 1IN C 2 .  ? -2.346  -9.027  7.248   1.00 34.07  ? 902 1IN B C35 1 
HETATM 1542 N N1  . 1IN C 2 .  ? -2.514  -4.129  5.483   1.00 13.05  ? 902 1IN B N1  1 
HETATM 1543 O O1  . 1IN C 2 .  ? -3.856  -5.213  1.510   1.00 13.75  ? 902 1IN B O1  1 
HETATM 1544 N N2  . 1IN C 2 .  ? -1.783  -6.236  1.518   1.00 16.45  ? 902 1IN B N2  1 
HETATM 1545 C C4  . 1IN C 2 .  ? -2.049  -7.194  0.456   1.00 14.17  ? 902 1IN B C4  1 
HETATM 1546 C C5  . 1IN C 2 .  ? -0.783  -8.058  0.285   1.00 16.64  ? 902 1IN B C5  1 
HETATM 1547 C C6  . 1IN C 2 .  ? -2.345  -6.468  -0.864  1.00 15.53  ? 902 1IN B C6  1 
HETATM 1548 N N3  . 1IN C 2 .  ? -2.414  -3.038  2.865   1.00 16.61  ? 902 1IN B N3  1 
HETATM 1549 O O2  . 1IN C 2 .  ? -1.889  -0.648  0.273   1.00 11.33  ? 902 1IN B O2  1 
HETATM 1550 C C17 . 1IN C 2 .  ? -6.554  0.514   -4.341  1.00 20.24  ? 902 1IN B C17 1 
HETATM 1551 C C18 . 1IN C 2 .  ? -7.896  0.100   -4.415  1.00 20.57  ? 902 1IN B C18 1 
HETATM 1552 O O3  . 1IN C 2 .  ? -6.216  -1.491  0.890   1.00 13.97  ? 902 1IN B O3  1 
HETATM 1553 N N4  . 1IN C 2 .  ? -5.920  0.529   -0.108  1.00 13.61  ? 902 1IN B N4  1 
HETATM 1554 C C23 . 1IN C 2 .  ? -7.743  2.081   -0.757  1.00 16.94  ? 902 1IN B C23 1 
HETATM 1555 C C25 . 1IN C 2 .  ? -8.065  2.984   1.495   1.00 15.18  ? 902 1IN B C25 1 
HETATM 1556 C C29 . 1IN C 2 .  ? -5.905  2.015   2.271   1.00 19.70  ? 902 1IN B C29 1 
HETATM 1557 C C26 . 1IN C 2 .  ? -1.875  -6.159  6.683   1.00 21.18  ? 902 1IN B C26 1 
HETATM 1558 C C28 . 1IN C 2 .  ? -1.905  -8.165  8.251   1.00 31.34  ? 902 1IN B C28 1 
HETATM 1559 N N5  . 1IN C 2 .  ? -2.659  -10.284 7.538   1.00 38.59  ? 902 1IN B N5  1 
HETATM 1560 O O   . HOH D 3 .  ? 10.424  -11.524 -20.537 1.00 88.03  ? 305 HOH A O   1 
HETATM 1561 O O   . HOH D 3 .  ? -11.309 -9.047  -9.138  1.00 50.06  ? 307 HOH A O   1 
HETATM 1562 O O   . HOH D 3 .  ? -5.308  8.443   -9.141  1.00 29.21  ? 309 HOH A O   1 
HETATM 1563 O O   . HOH D 3 .  ? 14.125  -1.463  -1.642  1.00 13.24  ? 314 HOH A O   1 
HETATM 1564 O O   . HOH D 3 .  ? -10.094 -11.284 -10.905 1.00 32.23  ? 315 HOH A O   1 
HETATM 1565 O O   . HOH D 3 .  ? 4.557   -3.508  3.825   1.00 16.99  ? 324 HOH A O   1 
HETATM 1566 O O   . HOH D 3 .  ? 16.098  -2.418  -3.054  1.00 16.11  ? 325 HOH A O   1 
HETATM 1567 O O   . HOH D 3 .  ? -4.887  -16.157 -18.273 1.00 32.31  ? 327 HOH A O   1 
HETATM 1568 O O   . HOH D 3 .  ? 5.020   -22.472 -7.767  1.00 43.70  ? 328 HOH A O   1 
HETATM 1569 O O   . HOH D 3 .  ? 9.432   -17.199 -5.658  1.00 27.43  ? 329 HOH A O   1 
HETATM 1570 O O   . HOH D 3 .  ? 16.213  -8.180  -9.886  1.00 39.67  ? 331 HOH A O   1 
HETATM 1571 O O   . HOH D 3 .  ? 0.681   -6.783  3.342   1.00 13.93  ? 332 HOH A O   1 
HETATM 1572 O O   . HOH D 3 .  ? 12.324  -8.742  -0.813  1.00 25.67  ? 344 HOH A O   1 
HETATM 1573 O O   . HOH D 3 .  ? 7.733   -9.681  1.570   1.00 59.38  ? 345 HOH A O   1 
HETATM 1574 O O   . HOH D 3 .  ? -12.015 -15.369 -0.990  1.00 32.19  ? 357 HOH A O   1 
HETATM 1575 O O   . HOH D 3 .  ? -12.911 -15.024 2.305   1.00 68.14  ? 384 HOH A O   1 
HETATM 1576 O O   . HOH D 3 .  ? 1.667   11.789  -9.308  1.00 28.68  ? 386 HOH A O   1 
HETATM 1577 O O   . HOH D 3 .  ? 5.168   10.500  -12.147 1.00 80.36  ? 389 HOH A O   1 
HETATM 1578 O O   . HOH D 3 .  ? 16.451  4.235   -5.978  1.00 46.61  ? 394 HOH A O   1 
HETATM 1579 O O   . HOH D 3 .  ? 5.780   -13.513 -1.150  1.00 48.25  ? 406 HOH A O   1 
HETATM 1580 O O   . HOH D 3 .  ? -4.928  -3.033  -11.748 1.00 52.07  ? 408 HOH A O   1 
HETATM 1581 O O   . HOH D 3 .  ? -5.527  -7.253  -15.182 1.00 68.84  ? 416 HOH A O   1 
HETATM 1582 O O   . HOH D 3 .  ? -13.009 -6.978  -6.590  1.00 77.87  ? 422 HOH A O   1 
HETATM 1583 O O   . HOH D 3 .  ? 1.884   8.472   -9.515  1.00 37.13  ? 439 HOH A O   1 
HETATM 1584 O O   . HOH D 3 .  ? -5.582  0.027   -11.837 1.00 70.96  ? 457 HOH A O   1 
HETATM 1585 O O   . HOH D 3 .  ? -1.135  -9.014  4.153   1.00 28.82  ? 501 HOH A O   1 
HETATM 1586 O O   . HOH D 3 .  ? 15.887  9.790   -16.189 1.00 80.25  ? 503 HOH A O   1 
HETATM 1587 O O   . HOH D 3 .  ? 20.498  -3.905  -12.575 1.00 51.97  ? 510 HOH A O   1 
HETATM 1588 O O   . HOH D 3 .  ? 7.514   12.947  -10.579 1.00 72.33  ? 524 HOH A O   1 
HETATM 1589 O O   . HOH D 3 .  ? 14.349  6.577   -15.282 1.00 73.58  ? 529 HOH A O   1 
HETATM 1590 O O   . HOH D 3 .  ? 18.264  0.273   -4.594  1.00 57.95  ? 532 HOH A O   1 
HETATM 1591 O O   . HOH D 3 .  ? 6.439   -16.531 -0.858  1.00 59.91  ? 553 HOH A O   1 
HETATM 1592 O O   . HOH D 3 .  ? 7.828   -23.888 -5.489  1.00 75.81  ? 561 HOH A O   1 
HETATM 1593 O O   . HOH D 3 .  ? -3.164  5.111   -15.291 1.00 68.64  ? 567 HOH A O   1 
HETATM 1594 O O   . HOH D 3 .  ? -9.994  5.666   -8.371  1.00 98.35  ? 572 HOH A O   1 
HETATM 1595 O O   . HOH D 3 .  ? -10.596 1.250   -6.222  1.00 63.03  ? 575 HOH A O   1 
HETATM 1596 O O   . HOH D 3 .  ? 2.212   -4.830  5.321   1.00 25.64  ? 618 HOH A O   1 
HETATM 1597 O O   . HOH D 3 .  ? 0.834   -10.602 3.499   1.00 39.40  ? 619 HOH A O   1 
HETATM 1598 O O   . HOH D 3 .  ? 2.753   -10.830 5.334   1.00 54.57  ? 620 HOH A O   1 
HETATM 1599 O O   . HOH D 3 .  ? 5.258   -12.042 2.911   1.00 37.01  ? 621 HOH A O   1 
HETATM 1600 O O   . HOH D 3 .  ? 3.834   -12.296 -3.521  1.00 19.57  ? 623 HOH A O   1 
HETATM 1601 O O   . HOH D 3 .  ? 10.278  -7.975  0.823   1.00 33.03  ? 625 HOH A O   1 
HETATM 1602 O O   . HOH D 3 .  ? 14.895  -10.604 -9.224  1.00 17.40  ? 628 HOH A O   1 
HETATM 1603 O O   . HOH E 3 .  ? -11.333 18.206  13.551  1.00 60.38  ? 301 HOH B O   1 
HETATM 1604 O O   . HOH E 3 .  ? -13.579 17.206  11.492  1.00 37.79  ? 304 HOH B O   1 
HETATM 1605 O O   . HOH E 3 .  ? -2.497  4.625   -4.115  1.00 15.86  ? 306 HOH B O   1 
HETATM 1606 O O   . HOH E 3 .  ? -6.235  -4.028  1.994   1.00 15.81  ? 308 HOH B O   1 
HETATM 1607 O O   . HOH E 3 .  ? -15.323 12.939  17.822  1.00 55.13  ? 312 HOH B O   1 
HETATM 1608 O O   . HOH E 3 .  ? -4.723  2.988   -4.109  1.00 20.98  ? 313 HOH B O   1 
HETATM 1609 O O   . HOH E 3 .  ? -9.133  11.551  2.522   1.00 50.19  ? 316 HOH B O   1 
HETATM 1610 O O   . HOH E 3 .  ? -4.897  21.250  6.032   1.00 19.14  ? 317 HOH B O   1 
HETATM 1611 O O   . HOH E 3 .  ? 19.077  -2.270  -1.626  1.00 17.85  ? 318 HOH B O   1 
HETATM 1612 O O   . HOH E 3 .  ? -3.045  12.630  -2.631  1.00 49.02  ? 319 HOH B O   1 
HETATM 1613 O O   . HOH E 3 .  ? -7.419  10.327  4.720   1.00 14.59  ? 321 HOH B O   1 
HETATM 1614 O O   . HOH E 3 .  ? 5.228   19.384  0.287   1.00 38.81  ? 323 HOH B O   1 
HETATM 1615 O O   . HOH E 3 .  ? 4.808   13.135  -4.117  1.00 26.96  ? 326 HOH B O   1 
HETATM 1616 O O   . HOH E 3 .  ? 14.494  -2.279  4.607   1.00 29.74  ? 333 HOH B O   1 
HETATM 1617 O O   . HOH E 3 .  ? -11.942 12.399  1.451   1.00 66.65  ? 334 HOH B O   1 
HETATM 1618 O O   . HOH E 3 .  ? -11.999 -8.742  -2.753  1.00 35.85  ? 335 HOH B O   1 
HETATM 1619 O O   . HOH E 3 .  ? 11.328  3.168   7.880   1.00 88.16  ? 338 HOH B O   1 
HETATM 1620 O O   . HOH E 3 .  ? -2.436  15.890  16.750  1.00 25.42  ? 339 HOH B O   1 
HETATM 1621 O O   . HOH E 3 .  ? -9.123  -0.282  15.716  1.00 25.83  ? 340 HOH B O   1 
HETATM 1622 O O   . HOH E 3 .  ? -4.508  4.909   16.262  1.00 23.85  ? 346 HOH B O   1 
HETATM 1623 O O   . HOH E 3 .  ? 6.756   4.603   18.760  1.00 62.99  ? 347 HOH B O   1 
HETATM 1624 O O   . HOH E 3 .  ? -8.159  -2.313  14.194  1.00 31.29  ? 348 HOH B O   1 
HETATM 1625 O O   . HOH E 3 .  ? -18.360 7.059   1.276   1.00 35.62  ? 349 HOH B O   1 
HETATM 1626 O O   . HOH E 3 .  ? 9.223   -6.116  8.222   1.00 27.29  ? 350 HOH B O   1 
HETATM 1627 O O   . HOH E 3 .  ? 10.460  7.288   12.508  1.00 43.42  ? 354 HOH B O   1 
HETATM 1628 O O   . HOH E 3 .  ? 10.635  16.537  2.072   1.00 42.81  ? 355 HOH B O   1 
HETATM 1629 O O   . HOH E 3 .  ? -3.935  16.740  1.453   1.00 37.71  ? 356 HOH B O   1 
HETATM 1630 O O   . HOH E 3 .  ? -23.184 15.711  9.069   1.00 58.51  ? 358 HOH B O   1 
HETATM 1631 O O   . HOH E 3 .  ? 9.918   -8.520  4.837   1.00 51.08  ? 359 HOH B O   1 
HETATM 1632 O O   . HOH E 3 .  ? -12.179 0.407   15.377  1.00 68.03  ? 362 HOH B O   1 
HETATM 1633 O O   . HOH E 3 .  ? 14.457  13.111  -2.176  1.00 92.00  ? 364 HOH B O   1 
HETATM 1634 O O   . HOH E 3 .  ? -5.357  10.671  -1.938  1.00 50.18  ? 367 HOH B O   1 
HETATM 1635 O O   . HOH E 3 .  ? -20.604 15.640  10.975  1.00 47.92  ? 369 HOH B O   1 
HETATM 1636 O O   . HOH E 3 .  ? -12.520 -3.433  -2.377  1.00 28.69  ? 370 HOH B O   1 
HETATM 1637 O O   . HOH E 3 .  ? 1.244   2.005   17.433  1.00 26.40  ? 374 HOH B O   1 
HETATM 1638 O O   . HOH E 3 .  ? -19.365 5.708   9.043   1.00 82.54  ? 375 HOH B O   1 
HETATM 1639 O O   . HOH E 3 .  ? 0.705   16.093  18.929  1.00 37.52  ? 376 HOH B O   1 
HETATM 1640 O O   . HOH E 3 .  ? -2.886  15.457  -1.416  1.00 31.54  ? 377 HOH B O   1 
HETATM 1641 O O   . HOH E 3 .  ? 11.011  4.366   13.761  1.00 51.96  ? 379 HOH B O   1 
HETATM 1642 O O   . HOH E 3 .  ? 7.641   20.589  9.750   1.00 53.97  ? 381 HOH B O   1 
HETATM 1643 O O   . HOH E 3 .  ? -24.373 20.224  14.377  1.00 8.51   ? 383 HOH B O   1 
HETATM 1644 O O   . HOH E 3 .  ? 7.620   11.364  14.285  1.00 48.11  ? 387 HOH B O   1 
HETATM 1645 O O   . HOH E 3 .  ? 21.139  7.209   -3.212  1.00 76.82  ? 388 HOH B O   1 
HETATM 1646 O O   . HOH E 3 .  ? 1.647   -4.032  8.212   1.00 51.09  ? 392 HOH B O   1 
HETATM 1647 O O   . HOH E 3 .  ? -5.761  18.002  15.423  1.00 33.23  ? 393 HOH B O   1 
HETATM 1648 O O   . HOH E 3 .  ? -2.101  2.823   17.467  1.00 35.39  ? 395 HOH B O   1 
HETATM 1649 O O   . HOH E 3 .  ? 10.041  -2.711  10.030  1.00 66.56  ? 400 HOH B O   1 
HETATM 1650 O O   . HOH E 3 .  ? -10.774 -4.391  8.337   1.00 24.86  ? 401 HOH B O   1 
HETATM 1651 O O   . HOH E 3 .  ? -11.292 1.708   -2.520  1.00 41.46  ? 405 HOH B O   1 
HETATM 1652 O O   . HOH E 3 .  ? -17.087 11.663  2.902   1.00 69.18  ? 410 HOH B O   1 
HETATM 1653 O O   . HOH E 3 .  ? -12.005 6.193   20.709  1.00 46.84  ? 414 HOH B O   1 
HETATM 1654 O O   . HOH E 3 .  ? -5.562  15.870  17.529  1.00 40.58  ? 419 HOH B O   1 
HETATM 1655 O O   . HOH E 3 .  ? -13.437 -6.243  -3.126  1.00 55.54  ? 420 HOH B O   1 
HETATM 1656 O O   . HOH E 3 .  ? 2.680   14.180  25.221  1.00 37.59  ? 425 HOH B O   1 
HETATM 1657 O O   . HOH E 3 .  ? 7.676   18.410  -2.079  1.00 57.20  ? 436 HOH B O   1 
HETATM 1658 O O   . HOH E 3 .  ? -4.853  10.676  25.735  1.00 64.29  ? 443 HOH B O   1 
HETATM 1659 O O   . HOH E 3 .  ? 19.261  -3.928  3.850   1.00 50.15  ? 461 HOH B O   1 
HETATM 1660 O O   . HOH E 3 .  ? -1.998  -12.029 5.065   1.00 35.56  ? 468 HOH B O   1 
HETATM 1661 O O   . HOH E 3 .  ? 6.141   6.136   24.273  1.00 91.80  ? 471 HOH B O   1 
HETATM 1662 O O   . HOH E 3 .  ? -5.913  15.487  3.391   1.00 10.20  ? 500 HOH B O   1 
HETATM 1663 O O   . HOH E 3 .  ? 11.542  12.894  -2.802  1.00 32.59  ? 505 HOH B O   1 
HETATM 1664 O O   . HOH E 3 .  ? -17.664 -5.423  1.780   1.00 45.49  ? 506 HOH B O   1 
HETATM 1665 O O   . HOH E 3 .  ? -13.830 20.096  18.837  1.00 70.01  ? 509 HOH B O   1 
HETATM 1666 O O   . HOH E 3 .  ? -11.025 5.831   -1.070  1.00 94.70  ? 514 HOH B O   1 
HETATM 1667 O O   . HOH E 3 .  ? 21.640  14.041  16.997  1.00 65.26  ? 515 HOH B O   1 
HETATM 1668 O O   . HOH E 3 .  ? 5.043   23.007  7.684   1.00 72.37  ? 517 HOH B O   1 
HETATM 1669 O O   . HOH E 3 .  ? -21.821 21.371  13.121  1.00 76.91  ? 525 HOH B O   1 
HETATM 1670 O O   . HOH E 3 .  ? 22.199  9.143   7.854   1.00 97.98  ? 526 HOH B O   1 
HETATM 1671 O O   . HOH E 3 .  ? -18.195 2.877   -2.724  1.00 91.74  ? 531 HOH B O   1 
HETATM 1672 O O   . HOH E 3 .  ? -9.712  20.965  18.446  1.00 107.39 ? 549 HOH B O   1 
HETATM 1673 O O   . HOH E 3 .  ? -9.002  15.234  26.972  1.00 93.73  ? 564 HOH B O   1 
HETATM 1674 O O   . HOH E 3 .  ? 2.004   -8.735  11.163  1.00 63.81  ? 568 HOH B O   1 
HETATM 1675 O O   . HOH E 3 .  ? 15.403  1.809   5.093   1.00 45.73  ? 591 HOH B O   1 
HETATM 1676 O O   . HOH E 3 .  ? 11.630  -5.477  11.565  1.00 82.10  ? 595 HOH B O   1 
HETATM 1677 O O   . HOH E 3 .  ? -31.959 19.400  7.483   1.00 69.83  ? 613 HOH B O   1 
HETATM 1678 O O   . HOH E 3 .  ? -8.111  13.720  1.009   1.00 81.91  ? 617 HOH B O   1 
HETATM 1679 O O   . HOH E 3 .  ? -12.222 -1.492  -4.368  1.00 36.16  ? 622 HOH B O   1 
HETATM 1680 O O   . HOH E 3 .  ? 3.923   -4.368  11.097  1.00 56.26  ? 624 HOH B O   1 
HETATM 1681 O O   . HOH E 3 .  ? 11.580  -0.415  5.328   1.00 26.27  ? 626 HOH B O   1 
HETATM 1682 O O   . HOH E 3 .  ? -8.625  17.888  6.129   1.00 28.24  ? 627 HOH B O   1 
# 
